data_3GVI
#
_entry.id   3GVI
#
_cell.length_a   107.390
_cell.length_b   193.900
_cell.length_c   102.680
_cell.angle_alpha   90.00
_cell.angle_beta   90.00
_cell.angle_gamma   90.00
#
_symmetry.space_group_name_H-M   'P 21 21 2'
#
loop_
_entity.id
_entity.type
_entity.pdbx_description
1 polymer 'Malate dehydrogenase'
2 non-polymer "ADENOSINE-5'-DIPHOSPHATE"
3 water water
#
_entity_poly.entity_id   1
_entity_poly.type   'polypeptide(L)'
_entity_poly.pdbx_seq_one_letter_code
;GPGSMARNKIALIGSGMIGGTLAHLAGLKELGDVVLFDIAEGTPQGKGLDIAESSPVDGFDAKFTGANDYAAIEGADVVI
VTAGVPRKPGMSRDDLLGINLKVMEQVGAGIKKYAPEAFVICITNPLDAMVWALQKFSGLPAHKVVGMAGVLDSARFRYF
LSEEFNVSVEDVTVFVLGGHGDSMVPLARYSTVAGIPLPDLVKMGWTSQDKLDKIIQRTRDGGAEIVGLLKTGSAFYAPA
ASAIQMAESYLKDKKRVLPVAAQLSGQYGVKDMYVGVPTVIGANGVERIIEIDLDKDEKAQFDKSVASVAGLCEACIGIA
PSLK
;
_entity_poly.pdbx_strand_id   A,B,C,D,E,F
#
# COMPACT_ATOMS: atom_id res chain seq x y z
N ALA A 6 31.52 -5.21 12.35
CA ALA A 6 31.26 -3.90 13.05
C ALA A 6 30.93 -2.80 12.01
N ARG A 7 30.07 -1.84 12.36
CA ARG A 7 29.78 -0.75 11.43
C ARG A 7 30.96 0.18 11.32
N ASN A 8 31.09 0.85 10.18
CA ASN A 8 31.89 2.06 10.06
C ASN A 8 31.56 3.07 11.18
N LYS A 9 32.56 3.83 11.58
CA LYS A 9 32.43 4.87 12.58
C LYS A 9 32.93 6.18 12.00
N ILE A 10 32.09 7.22 12.07
CA ILE A 10 32.38 8.52 11.51
C ILE A 10 32.38 9.46 12.70
N ALA A 11 33.46 10.20 12.88
CA ALA A 11 33.56 11.18 13.96
C ALA A 11 33.45 12.55 13.33
N LEU A 12 32.61 13.42 13.89
CA LEU A 12 32.40 14.74 13.37
C LEU A 12 32.95 15.69 14.43
N ILE A 13 34.10 16.30 14.15
CA ILE A 13 34.71 17.28 15.05
C ILE A 13 34.19 18.68 14.72
N GLY A 14 33.17 19.06 15.49
CA GLY A 14 32.42 20.27 15.28
C GLY A 14 30.99 19.82 15.03
N SER A 15 30.06 20.31 15.85
CA SER A 15 28.65 19.94 15.76
C SER A 15 27.74 21.13 15.50
N GLY A 16 28.23 22.06 14.66
CA GLY A 16 27.47 23.22 14.26
C GLY A 16 26.54 22.99 13.07
N MET A 17 26.35 24.02 12.27
CA MET A 17 25.46 23.91 11.10
C MET A 17 25.91 22.82 10.08
N ILE A 18 27.19 22.81 9.74
CA ILE A 18 27.70 21.80 8.85
C ILE A 18 27.75 20.46 9.57
N GLY A 19 28.31 20.44 10.77
CA GLY A 19 28.35 19.21 11.55
C GLY A 19 27.06 18.43 11.67
N GLY A 20 25.97 19.12 11.97
CA GLY A 20 24.66 18.47 12.17
C GLY A 20 24.19 17.89 10.84
N THR A 21 24.45 18.63 9.75
CA THR A 21 24.07 18.20 8.42
C THR A 21 24.86 16.97 8.00
N LEU A 22 26.14 16.93 8.33
CA LEU A 22 26.98 15.78 8.04
C LEU A 22 26.40 14.56 8.72
N ALA A 23 25.99 14.72 9.98
CA ALA A 23 25.40 13.63 10.77
C ALA A 23 24.11 13.15 10.12
N HIS A 24 23.25 14.08 9.71
CA HIS A 24 21.97 13.71 9.09
C HIS A 24 22.23 12.92 7.84
N LEU A 25 23.09 13.45 6.95
CA LEU A 25 23.46 12.73 5.74
C LEU A 25 24.08 11.36 6.01
N ALA A 26 24.95 11.26 7.02
CA ALA A 26 25.56 9.96 7.32
C ALA A 26 24.49 9.00 7.79
N GLY A 27 23.52 9.48 8.55
CA GLY A 27 22.43 8.59 8.96
C GLY A 27 21.64 8.09 7.74
N LEU A 28 21.15 9.03 6.93
CA LEU A 28 20.33 8.78 5.77
C LEU A 28 21.02 7.84 4.78
N LYS A 29 22.32 8.03 4.59
CA LYS A 29 23.03 7.22 3.61
C LYS A 29 23.57 5.93 4.24
N GLU A 30 23.30 5.70 5.51
CA GLU A 30 23.75 4.48 6.17
C GLU A 30 25.26 4.27 6.00
N LEU A 31 26.02 5.34 6.21
CA LEU A 31 27.49 5.25 6.18
C LEU A 31 28.10 4.63 7.45
N GLY A 32 27.34 4.60 8.55
CA GLY A 32 27.79 3.97 9.79
C GLY A 32 27.29 4.69 11.05
N ASP A 33 27.92 4.37 12.17
CA ASP A 33 27.68 5.03 13.41
C ASP A 33 28.41 6.37 13.38
N VAL A 34 27.86 7.32 14.11
CA VAL A 34 28.27 8.71 14.06
C VAL A 34 28.55 9.19 15.47
N VAL A 35 29.67 9.85 15.67
CA VAL A 35 29.90 10.59 16.88
C VAL A 35 29.97 12.04 16.52
N LEU A 36 29.16 12.86 17.17
CA LEU A 36 29.19 14.29 17.08
C LEU A 36 30.02 14.79 18.25
N PHE A 37 31.12 15.49 17.97
CA PHE A 37 31.98 16.05 19.01
C PHE A 37 31.91 17.55 18.92
N ASP A 38 31.99 18.19 20.07
CA ASP A 38 32.07 19.65 20.15
C ASP A 38 32.64 19.99 21.50
N ILE A 39 33.10 21.23 21.64
CA ILE A 39 33.40 21.77 22.97
C ILE A 39 32.17 22.30 23.67
N ALA A 40 31.14 22.67 22.93
CA ALA A 40 29.92 23.15 23.56
C ALA A 40 29.17 21.95 24.16
N GLU A 41 28.78 22.05 25.42
CA GLU A 41 27.98 20.98 26.06
C GLU A 41 26.54 21.05 25.57
N GLY A 42 25.88 19.90 25.46
CA GLY A 42 24.46 19.89 25.06
C GLY A 42 24.25 19.78 23.57
N THR A 43 24.92 20.63 22.80
CA THR A 43 24.79 20.72 21.38
C THR A 43 24.96 19.39 20.61
N PRO A 44 26.08 18.68 20.77
CA PRO A 44 26.21 17.47 20.03
C PRO A 44 25.31 16.36 20.56
N GLN A 45 25.06 16.39 21.87
CA GLN A 45 24.17 15.39 22.48
C GLN A 45 22.76 15.60 21.88
N GLY A 46 22.33 16.85 21.77
CA GLY A 46 20.98 17.14 21.31
C GLY A 46 20.75 16.82 19.84
N LYS A 47 21.66 17.29 18.98
CA LYS A 47 21.60 17.00 17.56
C LYS A 47 21.70 15.49 17.31
N GLY A 48 22.59 14.84 18.06
CA GLY A 48 22.77 13.44 17.93
C GLY A 48 21.51 12.65 18.26
N LEU A 49 20.85 13.00 19.36
CA LEU A 49 19.63 12.33 19.78
C LEU A 49 18.46 12.66 18.83
N ASP A 50 18.38 13.93 18.41
CA ASP A 50 17.37 14.40 17.45
C ASP A 50 17.40 13.52 16.19
N ILE A 51 18.58 13.35 15.61
CA ILE A 51 18.77 12.53 14.44
C ILE A 51 18.48 11.07 14.74
N ALA A 52 18.98 10.54 15.87
CA ALA A 52 18.68 9.17 16.28
C ALA A 52 17.16 8.93 16.29
N GLU A 53 16.47 9.89 16.89
CA GLU A 53 15.00 9.83 17.03
C GLU A 53 14.26 9.85 15.68
N SER A 54 14.93 10.40 14.64
CA SER A 54 14.35 10.46 13.31
C SER A 54 14.49 9.17 12.56
N SER A 55 15.39 8.32 13.06
CA SER A 55 15.82 7.15 12.31
C SER A 55 14.73 6.11 12.07
N PRO A 56 13.79 5.94 13.00
CA PRO A 56 12.72 4.97 12.66
C PRO A 56 11.85 5.38 11.47
N VAL A 57 11.79 6.65 11.16
CA VAL A 57 10.98 7.12 10.04
C VAL A 57 11.49 6.48 8.74
N ASP A 58 12.75 6.69 8.41
CA ASP A 58 13.31 6.11 7.18
C ASP A 58 13.86 4.72 7.36
N GLY A 59 13.98 4.25 8.61
CA GLY A 59 14.45 2.88 8.85
C GLY A 59 15.94 2.60 8.81
N PHE A 60 16.77 3.62 8.83
CA PHE A 60 18.20 3.42 8.98
C PHE A 60 18.60 3.08 10.46
N ASP A 61 19.51 2.09 10.61
CA ASP A 61 20.03 1.75 11.92
C ASP A 61 21.46 2.28 12.10
N ALA A 62 21.61 3.25 12.98
CA ALA A 62 22.90 3.86 13.27
C ALA A 62 22.88 4.33 14.72
N LYS A 63 24.01 4.22 15.42
CA LYS A 63 24.17 4.88 16.71
C LYS A 63 24.63 6.34 16.53
N PHE A 64 23.97 7.25 17.23
CA PHE A 64 24.38 8.61 17.29
C PHE A 64 24.76 8.96 18.73
N THR A 65 25.95 9.50 18.89
CA THR A 65 26.52 9.80 20.20
C THR A 65 27.02 11.21 20.12
N GLY A 66 26.67 12.03 21.09
CA GLY A 66 27.29 13.35 21.22
C GLY A 66 28.31 13.29 22.33
N ALA A 67 29.43 13.96 22.16
CA ALA A 67 30.51 13.90 23.14
C ALA A 67 31.24 15.23 23.26
N ASN A 68 31.80 15.48 24.44
CA ASN A 68 32.68 16.62 24.66
C ASN A 68 34.11 16.16 24.99
N ASP A 69 34.40 14.88 24.83
CA ASP A 69 35.68 14.25 25.15
C ASP A 69 36.17 13.54 23.89
N TYR A 70 37.43 13.82 23.50
CA TYR A 70 38.04 13.20 22.32
C TYR A 70 38.06 11.67 22.34
N ALA A 71 38.02 11.07 23.52
CA ALA A 71 38.01 9.59 23.65
C ALA A 71 36.83 8.96 22.92
N ALA A 72 35.77 9.72 22.73
CA ALA A 72 34.60 9.23 22.03
C ALA A 72 34.87 8.95 20.54
N ILE A 73 35.90 9.57 19.98
CA ILE A 73 36.22 9.35 18.58
C ILE A 73 37.11 8.11 18.35
N GLU A 74 37.45 7.38 19.40
CA GLU A 74 38.42 6.30 19.27
C GLU A 74 38.08 5.33 18.14
N GLY A 75 39.05 5.06 17.29
CA GLY A 75 38.86 4.08 16.21
C GLY A 75 37.96 4.55 15.04
N ALA A 76 37.62 5.83 14.97
CA ALA A 76 36.83 6.36 13.84
C ALA A 76 37.49 5.98 12.49
N ASP A 77 36.70 5.47 11.56
CA ASP A 77 37.19 5.23 10.20
C ASP A 77 37.31 6.52 9.43
N VAL A 78 36.44 7.49 9.72
CA VAL A 78 36.47 8.78 9.01
C VAL A 78 36.25 9.88 10.06
N VAL A 79 37.04 10.94 9.95
CA VAL A 79 36.89 12.10 10.79
C VAL A 79 36.69 13.33 9.91
N ILE A 80 35.64 14.09 10.20
CA ILE A 80 35.31 15.29 9.44
C ILE A 80 35.33 16.50 10.35
N VAL A 81 36.15 17.49 9.98
CA VAL A 81 36.45 18.59 10.88
C VAL A 81 35.88 19.93 10.45
N THR A 82 34.93 20.45 11.23
CA THR A 82 34.36 21.77 11.05
C THR A 82 34.64 22.68 12.24
N ALA A 83 35.23 22.15 13.30
CA ALA A 83 35.57 22.92 14.51
C ALA A 83 36.30 24.20 14.17
N GLY A 84 35.80 25.31 14.66
CA GLY A 84 36.42 26.64 14.42
C GLY A 84 35.46 27.76 14.78
N VAL A 85 35.84 29.01 14.52
CA VAL A 85 34.99 30.16 14.79
C VAL A 85 34.73 30.90 13.47
N PRO A 86 33.56 31.56 13.36
CA PRO A 86 33.25 32.30 12.14
C PRO A 86 34.01 33.62 12.03
N ARG A 87 34.17 34.11 10.80
CA ARG A 87 34.64 35.48 10.54
C ARG A 87 33.46 36.44 10.70
N LYS A 88 33.43 37.18 11.83
CA LYS A 88 32.42 38.19 12.13
C LYS A 88 32.89 39.64 11.75
N ASP A 94 43.26 37.21 8.65
CA ASP A 94 44.46 36.99 9.46
C ASP A 94 44.13 36.93 10.94
N ASP A 95 43.06 37.60 11.36
CA ASP A 95 42.55 37.44 12.73
C ASP A 95 42.01 36.00 12.94
N LEU A 96 41.20 35.54 11.97
CA LEU A 96 40.60 34.21 11.98
C LEU A 96 41.69 33.14 12.00
N LEU A 97 42.66 33.32 11.13
CA LEU A 97 43.80 32.42 11.02
C LEU A 97 44.33 31.97 12.38
N GLY A 98 44.65 32.92 13.24
CA GLY A 98 45.21 32.59 14.55
C GLY A 98 44.33 31.78 15.47
N ILE A 99 43.06 32.10 15.54
CA ILE A 99 42.14 31.34 16.40
C ILE A 99 41.94 29.92 15.86
N ASN A 100 41.70 29.81 14.56
CA ASN A 100 41.34 28.50 13.98
C ASN A 100 42.55 27.58 13.92
N LEU A 101 43.73 28.17 13.82
CA LEU A 101 44.97 27.41 13.86
C LEU A 101 45.10 26.70 15.20
N LYS A 102 44.75 27.39 16.29
CA LYS A 102 44.85 26.82 17.63
C LYS A 102 43.82 25.72 17.79
N VAL A 103 42.66 25.89 17.17
CA VAL A 103 41.68 24.82 17.10
C VAL A 103 42.28 23.61 16.35
N MET A 104 42.93 23.80 15.21
CA MET A 104 43.48 22.64 14.47
C MET A 104 44.55 21.88 15.27
N GLU A 105 45.25 22.62 16.12
CA GLU A 105 46.20 22.04 17.06
C GLU A 105 45.49 21.11 18.06
N GLN A 106 44.40 21.57 18.68
CA GLN A 106 43.67 20.69 19.58
C GLN A 106 43.09 19.50 18.84
N VAL A 107 42.49 19.76 17.68
CA VAL A 107 41.87 18.68 16.90
C VAL A 107 42.93 17.67 16.48
N GLY A 108 44.02 18.18 15.95
CA GLY A 108 45.16 17.37 15.55
C GLY A 108 45.58 16.44 16.65
N ALA A 109 45.71 16.98 17.87
CA ALA A 109 46.22 16.18 18.97
C ALA A 109 45.22 15.07 19.31
N GLY A 110 43.92 15.34 19.18
CA GLY A 110 42.90 14.34 19.49
C GLY A 110 42.86 13.23 18.47
N ILE A 111 43.04 13.59 17.20
CA ILE A 111 43.05 12.57 16.13
C ILE A 111 44.28 11.67 16.29
N LYS A 112 45.45 12.29 16.46
CA LYS A 112 46.71 11.56 16.70
C LYS A 112 46.54 10.52 17.83
N LYS A 113 46.01 10.96 18.95
CA LYS A 113 45.77 10.05 20.08
C LYS A 113 44.73 8.97 19.84
N TYR A 114 43.55 9.34 19.34
CA TYR A 114 42.42 8.41 19.38
C TYR A 114 42.00 7.80 18.03
N ALA A 115 42.28 8.48 16.93
CA ALA A 115 41.88 7.99 15.60
C ALA A 115 43.03 8.05 14.55
N PRO A 116 44.19 7.43 14.87
CA PRO A 116 45.34 7.64 14.01
C PRO A 116 45.20 7.00 12.62
N GLU A 117 44.32 5.99 12.49
CA GLU A 117 44.09 5.33 11.19
C GLU A 117 42.94 5.95 10.40
N ALA A 118 42.43 7.09 10.87
CA ALA A 118 41.25 7.69 10.25
C ALA A 118 41.58 8.33 8.92
N PHE A 119 40.61 8.30 8.00
CA PHE A 119 40.66 9.22 6.87
C PHE A 119 40.06 10.54 7.37
N VAL A 120 40.83 11.62 7.23
CA VAL A 120 40.49 12.92 7.78
C VAL A 120 40.09 13.94 6.71
N ILE A 121 38.92 14.55 6.88
CA ILE A 121 38.42 15.56 5.93
C ILE A 121 38.23 16.84 6.69
N CYS A 122 39.00 17.85 6.29
CA CYS A 122 39.01 19.15 6.91
C CYS A 122 38.10 20.09 6.19
N ILE A 123 37.37 20.90 6.93
CA ILE A 123 36.47 21.89 6.33
C ILE A 123 36.78 23.28 6.83
N THR A 124 37.22 23.36 8.09
CA THR A 124 37.54 24.62 8.77
C THR A 124 38.29 25.58 7.87
N ASN A 125 37.82 26.83 7.84
CA ASN A 125 38.42 27.94 7.11
C ASN A 125 39.52 28.69 7.91
N PRO A 126 40.50 29.30 7.22
CA PRO A 126 40.75 29.22 5.78
C PRO A 126 41.33 27.86 5.36
N LEU A 127 40.55 27.17 4.55
CA LEU A 127 40.73 25.75 4.30
C LEU A 127 42.14 25.40 3.89
N ASP A 128 42.68 26.20 3.00
CA ASP A 128 43.92 25.89 2.35
C ASP A 128 45.08 25.83 3.34
N ALA A 129 45.06 26.69 4.36
CA ALA A 129 46.07 26.58 5.42
C ALA A 129 45.69 25.56 6.49
N MET A 130 44.42 25.53 6.88
CA MET A 130 44.00 24.66 8.00
C MET A 130 44.20 23.15 7.72
N VAL A 131 43.89 22.67 6.52
CA VAL A 131 44.14 21.27 6.23
C VAL A 131 45.65 20.96 6.35
N TRP A 132 46.50 21.86 5.84
CA TRP A 132 47.95 21.68 5.84
C TRP A 132 48.47 21.69 7.29
N ALA A 133 48.00 22.65 8.07
CA ALA A 133 48.28 22.68 9.50
C ALA A 133 47.77 21.43 10.19
N LEU A 134 46.54 21.02 9.89
CA LEU A 134 45.94 19.86 10.56
C LEU A 134 46.73 18.59 10.29
N GLN A 135 47.20 18.42 9.04
CA GLN A 135 48.00 17.27 8.72
C GLN A 135 49.31 17.24 9.55
N LYS A 136 49.94 18.39 9.72
CA LYS A 136 51.20 18.46 10.51
C LYS A 136 50.98 18.21 12.01
N PHE A 137 50.07 18.96 12.61
CA PHE A 137 49.71 18.73 14.02
C PHE A 137 49.30 17.31 14.30
N SER A 138 48.45 16.72 13.47
CA SER A 138 48.00 15.34 13.72
C SER A 138 49.07 14.26 13.49
N GLY A 139 50.04 14.52 12.63
CA GLY A 139 51.03 13.50 12.24
C GLY A 139 50.54 12.40 11.28
N LEU A 140 49.28 12.46 10.84
CA LEU A 140 48.76 11.38 10.01
C LEU A 140 49.43 11.41 8.66
N PRO A 141 49.54 10.25 7.99
CA PRO A 141 50.04 10.27 6.63
C PRO A 141 49.21 11.22 5.74
N ALA A 142 49.88 12.04 4.94
CA ALA A 142 49.21 13.07 4.17
C ALA A 142 48.13 12.49 3.25
N HIS A 143 48.35 11.28 2.72
CA HIS A 143 47.36 10.67 1.83
C HIS A 143 46.03 10.35 2.56
N LYS A 144 46.04 10.41 3.90
CA LYS A 144 44.86 10.20 4.71
C LYS A 144 44.26 11.49 5.28
N VAL A 145 44.77 12.63 4.87
CA VAL A 145 44.27 13.91 5.31
C VAL A 145 44.03 14.83 4.11
N VAL A 146 42.75 15.20 3.87
CA VAL A 146 42.38 16.05 2.74
C VAL A 146 41.48 17.18 3.19
N GLY A 147 41.36 18.22 2.36
CA GLY A 147 40.41 19.30 2.58
C GLY A 147 39.25 19.29 1.59
N MET A 148 38.05 19.58 2.08
CA MET A 148 36.91 19.79 1.22
C MET A 148 36.92 21.24 0.75
N ALA A 149 37.02 21.45 -0.57
CA ALA A 149 36.78 22.77 -1.18
C ALA A 149 36.35 22.60 -2.63
N GLY A 150 37.20 21.98 -3.44
CA GLY A 150 36.94 21.74 -4.82
C GLY A 150 35.56 21.17 -5.11
N VAL A 151 35.10 20.22 -4.31
CA VAL A 151 33.81 19.60 -4.57
C VAL A 151 32.66 20.57 -4.44
N LEU A 152 32.75 21.50 -3.48
CA LEU A 152 31.73 22.53 -3.30
C LEU A 152 31.73 23.48 -4.51
N ASP A 153 32.91 23.99 -4.88
CA ASP A 153 32.99 24.93 -6.00
C ASP A 153 32.47 24.22 -7.24
N SER A 154 32.92 23.00 -7.44
CA SER A 154 32.46 22.21 -8.55
C SER A 154 30.92 22.01 -8.57
N ALA A 155 30.33 21.78 -7.40
CA ALA A 155 28.89 21.60 -7.27
C ALA A 155 28.14 22.89 -7.65
N ARG A 156 28.56 24.03 -7.09
CA ARG A 156 27.96 25.31 -7.47
C ARG A 156 28.03 25.55 -8.99
N PHE A 157 29.24 25.41 -9.53
CA PHE A 157 29.53 25.63 -10.93
C PHE A 157 28.60 24.75 -11.80
N ARG A 158 28.53 23.46 -11.45
CA ARG A 158 27.68 22.52 -12.20
C ARG A 158 26.19 22.90 -12.15
N TYR A 159 25.74 23.35 -10.98
CA TYR A 159 24.37 23.74 -10.76
C TYR A 159 24.04 24.94 -11.68
N PHE A 160 24.89 25.95 -11.67
CA PHE A 160 24.67 27.15 -12.51
C PHE A 160 24.59 26.78 -13.98
N LEU A 161 25.50 25.90 -14.40
CA LEU A 161 25.48 25.38 -15.76
C LEU A 161 24.22 24.58 -16.10
N SER A 162 23.72 23.77 -15.15
CA SER A 162 22.56 22.95 -15.43
C SER A 162 21.33 23.88 -15.65
N GLU A 163 21.27 24.98 -14.93
CA GLU A 163 20.27 26.03 -15.07
C GLU A 163 20.40 26.74 -16.42
N GLU A 164 21.60 27.16 -16.78
CA GLU A 164 21.89 27.80 -18.06
C GLU A 164 21.44 26.97 -19.25
N PHE A 165 21.77 25.69 -19.24
CA PHE A 165 21.50 24.82 -20.36
C PHE A 165 20.17 24.05 -20.26
N ASN A 166 19.55 24.10 -19.08
CA ASN A 166 18.41 23.27 -18.75
C ASN A 166 18.65 21.75 -19.05
N VAL A 167 19.75 21.22 -18.53
CA VAL A 167 20.00 19.79 -18.49
C VAL A 167 20.16 19.31 -17.06
N SER A 168 20.12 18.02 -16.88
CA SER A 168 20.32 17.43 -15.54
C SER A 168 21.69 17.75 -14.99
N VAL A 169 21.72 17.99 -13.69
CA VAL A 169 22.96 18.20 -12.98
C VAL A 169 23.87 16.99 -13.22
N GLU A 170 23.32 15.80 -13.40
CA GLU A 170 24.16 14.64 -13.52
C GLU A 170 24.90 14.59 -14.85
N ASP A 171 24.55 15.47 -15.80
CA ASP A 171 25.23 15.51 -17.10
C ASP A 171 26.23 16.61 -17.23
N VAL A 172 26.44 17.36 -16.15
CA VAL A 172 27.41 18.41 -16.15
C VAL A 172 28.63 17.97 -15.36
N THR A 173 29.82 18.24 -15.88
CA THR A 173 31.09 17.94 -15.23
C THR A 173 31.93 19.19 -15.32
N VAL A 174 32.64 19.53 -14.24
CA VAL A 174 33.54 20.66 -14.27
C VAL A 174 34.92 20.26 -13.67
N PHE A 175 35.94 20.95 -14.13
CA PHE A 175 37.33 20.69 -13.73
C PHE A 175 37.86 21.91 -12.99
N VAL A 176 38.05 21.78 -11.69
CA VAL A 176 38.50 22.86 -10.88
C VAL A 176 39.81 22.53 -10.14
N LEU A 177 40.79 23.41 -10.27
CA LEU A 177 42.04 23.37 -9.51
C LEU A 177 42.01 24.50 -8.47
N GLY A 178 42.84 24.36 -7.44
CA GLY A 178 43.04 25.42 -6.43
C GLY A 178 41.93 25.48 -5.40
N GLY A 179 41.76 26.63 -4.77
CA GLY A 179 40.79 26.81 -3.68
C GLY A 179 39.61 27.68 -4.10
N HIS A 180 38.98 28.31 -3.13
CA HIS A 180 37.82 29.15 -3.36
C HIS A 180 38.21 30.53 -3.88
N GLY A 181 37.25 31.22 -4.50
CA GLY A 181 37.40 32.63 -4.79
C GLY A 181 38.45 32.91 -5.84
N ASP A 182 39.27 33.91 -5.59
CA ASP A 182 40.33 34.25 -6.51
C ASP A 182 41.38 33.15 -6.58
N SER A 183 41.41 32.21 -5.65
CA SER A 183 42.36 31.15 -5.79
C SER A 183 41.87 30.03 -6.71
N MET A 184 40.59 30.07 -7.11
CA MET A 184 40.04 29.01 -7.98
C MET A 184 40.66 29.13 -9.38
N VAL A 185 41.00 27.99 -9.96
CA VAL A 185 41.48 27.93 -11.33
C VAL A 185 40.64 26.88 -12.09
N PRO A 186 39.47 27.31 -12.63
CA PRO A 186 38.59 26.41 -13.34
C PRO A 186 39.07 26.19 -14.74
N LEU A 187 38.92 24.99 -15.29
CA LEU A 187 39.33 24.75 -16.67
C LEU A 187 38.10 24.48 -17.53
N ALA A 188 37.66 25.48 -18.26
CA ALA A 188 36.44 25.38 -19.07
C ALA A 188 36.55 24.27 -20.10
N ARG A 189 37.75 24.10 -20.64
CA ARG A 189 37.98 23.11 -21.69
C ARG A 189 37.89 21.64 -21.19
N TYR A 190 37.91 21.45 -19.87
CA TYR A 190 37.79 20.12 -19.25
C TYR A 190 36.53 20.04 -18.41
N SER A 191 35.59 20.93 -18.74
CA SER A 191 34.26 20.95 -18.17
C SER A 191 33.30 20.71 -19.33
N THR A 192 32.24 19.94 -19.12
CA THR A 192 31.44 19.44 -20.21
C THR A 192 29.96 19.29 -19.85
N VAL A 193 29.16 19.26 -20.90
CA VAL A 193 27.82 18.72 -20.83
C VAL A 193 27.78 17.47 -21.68
N ALA A 194 27.53 16.32 -21.06
CA ALA A 194 27.47 15.06 -21.77
C ALA A 194 28.72 14.86 -22.62
N GLY A 195 29.86 15.33 -22.16
CA GLY A 195 31.10 15.09 -22.88
C GLY A 195 31.56 16.18 -23.85
N ILE A 196 30.66 17.11 -24.16
CA ILE A 196 30.93 18.23 -25.03
C ILE A 196 31.50 19.33 -24.18
N PRO A 197 32.72 19.76 -24.46
CA PRO A 197 33.27 20.81 -23.63
C PRO A 197 32.58 22.19 -23.76
N LEU A 198 32.65 22.95 -22.68
CA LEU A 198 31.98 24.28 -22.62
C LEU A 198 32.33 25.19 -23.83
N PRO A 199 33.61 25.28 -24.26
CA PRO A 199 33.89 26.16 -25.40
C PRO A 199 33.18 25.74 -26.65
N ASP A 200 32.97 24.44 -26.80
CA ASP A 200 32.20 23.94 -27.92
C ASP A 200 30.73 24.33 -27.75
N LEU A 201 30.23 24.29 -26.51
CA LEU A 201 28.84 24.62 -26.29
C LEU A 201 28.65 26.10 -26.56
N VAL A 202 29.69 26.90 -26.32
CA VAL A 202 29.64 28.32 -26.67
C VAL A 202 29.53 28.46 -28.21
N LYS A 203 30.36 27.72 -28.95
CA LYS A 203 30.30 27.67 -30.41
C LYS A 203 28.95 27.31 -30.97
N MET A 204 28.28 26.33 -30.36
CA MET A 204 26.98 25.85 -30.79
C MET A 204 25.82 26.79 -30.40
N GLY A 205 26.13 27.81 -29.62
CA GLY A 205 25.13 28.78 -29.18
C GLY A 205 24.27 28.42 -27.99
N TRP A 206 24.71 27.42 -27.21
CA TRP A 206 23.94 26.94 -26.04
C TRP A 206 23.95 27.96 -24.93
N THR A 207 24.96 28.82 -24.96
CA THR A 207 25.10 30.00 -24.11
C THR A 207 26.14 30.89 -24.77
N SER A 208 26.51 31.97 -24.10
CA SER A 208 27.50 32.88 -24.66
C SER A 208 28.70 32.88 -23.71
N GLN A 209 29.81 33.43 -24.21
CA GLN A 209 31.05 33.50 -23.45
C GLN A 209 30.86 34.43 -22.23
N ASP A 210 30.17 35.54 -22.47
CA ASP A 210 29.91 36.49 -21.41
C ASP A 210 29.08 35.81 -20.29
N LYS A 211 28.09 35.01 -20.66
CA LYS A 211 27.32 34.30 -19.64
C LYS A 211 28.18 33.25 -18.91
N LEU A 212 29.04 32.56 -19.66
CA LEU A 212 29.96 31.59 -19.08
C LEU A 212 30.92 32.27 -18.10
N ASP A 213 31.48 33.40 -18.53
CA ASP A 213 32.33 34.23 -17.67
C ASP A 213 31.65 34.63 -16.36
N LYS A 214 30.39 35.02 -16.42
CA LYS A 214 29.64 35.44 -15.24
C LYS A 214 29.39 34.25 -14.32
N ILE A 215 29.16 33.07 -14.93
CA ILE A 215 28.99 31.82 -14.17
C ILE A 215 30.25 31.44 -13.38
N ILE A 216 31.41 31.59 -13.98
CA ILE A 216 32.68 31.32 -13.32
C ILE A 216 32.82 32.32 -12.18
N GLN A 217 32.46 33.57 -12.42
CA GLN A 217 32.60 34.61 -11.39
C GLN A 217 31.65 34.31 -10.24
N ARG A 218 30.41 33.91 -10.57
CA ARG A 218 29.45 33.53 -9.56
C ARG A 218 29.98 32.35 -8.68
N THR A 219 30.64 31.39 -9.31
CA THR A 219 31.25 30.29 -8.60
C THR A 219 32.34 30.79 -7.64
N ARG A 220 33.17 31.73 -8.10
CA ARG A 220 34.18 32.35 -7.23
C ARG A 220 33.56 32.99 -6.00
N ASP A 221 32.43 33.66 -6.20
CA ASP A 221 31.79 34.48 -5.17
C ASP A 221 30.72 33.67 -4.46
N GLY A 222 30.66 32.36 -4.70
CA GLY A 222 29.51 31.52 -4.31
C GLY A 222 29.25 31.51 -2.83
N GLY A 223 30.32 31.39 -2.04
CA GLY A 223 30.22 31.36 -0.59
C GLY A 223 29.66 32.67 -0.07
N ALA A 224 30.15 33.76 -0.62
CA ALA A 224 29.78 35.09 -0.19
C ALA A 224 28.35 35.40 -0.59
N GLU A 225 27.86 34.76 -1.64
CA GLU A 225 26.48 35.01 -2.09
C GLU A 225 25.55 34.41 -1.05
N ILE A 226 25.90 33.25 -0.49
CA ILE A 226 24.98 32.62 0.47
C ILE A 226 25.05 33.44 1.74
N VAL A 227 26.24 33.91 2.13
CA VAL A 227 26.38 34.73 3.33
C VAL A 227 25.55 36.00 3.21
N GLY A 228 25.56 36.64 2.05
CA GLY A 228 24.75 37.84 1.84
C GLY A 228 23.25 37.57 1.96
N LEU A 229 22.81 36.35 1.63
CA LEU A 229 21.40 36.01 1.68
C LEU A 229 21.01 35.69 3.10
N LEU A 230 21.84 34.88 3.76
CA LEU A 230 21.51 34.42 5.09
C LEU A 230 21.69 35.54 6.11
N LYS A 231 22.67 36.41 5.86
CA LYS A 231 23.03 37.51 6.79
C LYS A 231 23.66 37.06 8.09
N THR A 232 23.06 36.04 8.72
CA THR A 232 23.55 35.50 9.99
C THR A 232 24.56 34.38 9.94
N GLY A 233 24.71 33.69 8.82
CA GLY A 233 25.74 32.65 8.75
C GLY A 233 26.09 32.28 7.32
N SER A 234 26.82 31.18 7.13
CA SER A 234 27.25 30.77 5.78
C SER A 234 26.66 29.44 5.34
N ALA A 235 26.94 29.07 4.09
CA ALA A 235 26.43 27.85 3.49
C ALA A 235 26.70 26.66 4.40
N PHE A 236 25.76 25.74 4.49
CA PHE A 236 26.02 24.47 5.16
C PHE A 236 25.52 23.22 4.41
N TYR A 237 24.45 23.27 3.60
CA TYR A 237 23.98 22.05 2.91
C TYR A 237 24.93 21.57 1.81
N ALA A 238 25.36 22.45 0.89
CA ALA A 238 26.30 22.03 -0.13
C ALA A 238 27.68 21.64 0.42
N PRO A 239 28.18 22.35 1.43
CA PRO A 239 29.46 21.94 2.04
C PRO A 239 29.38 20.57 2.68
N ALA A 240 28.30 20.30 3.41
CA ALA A 240 28.12 19.02 4.05
C ALA A 240 28.01 17.92 2.99
N ALA A 241 27.16 18.12 2.00
CA ALA A 241 26.98 17.13 0.96
C ALA A 241 28.31 16.82 0.27
N SER A 242 29.12 17.85 0.07
CA SER A 242 30.41 17.71 -0.56
C SER A 242 31.37 16.83 0.28
N ALA A 243 31.46 17.12 1.58
CA ALA A 243 32.35 16.35 2.49
C ALA A 243 31.86 14.89 2.57
N ILE A 244 30.53 14.70 2.61
CA ILE A 244 29.96 13.35 2.71
C ILE A 244 30.27 12.51 1.47
N GLN A 245 30.25 13.15 0.32
CA GLN A 245 30.64 12.46 -0.92
C GLN A 245 32.08 11.96 -0.84
N MET A 246 32.99 12.76 -0.32
CA MET A 246 34.40 12.32 -0.13
C MET A 246 34.49 11.16 0.86
N ALA A 247 33.77 11.27 1.96
CA ALA A 247 33.74 10.20 2.98
C ALA A 247 33.28 8.89 2.37
N GLU A 248 32.24 8.99 1.57
CA GLU A 248 31.60 7.84 1.01
C GLU A 248 32.49 7.15 -0.02
N SER A 249 33.21 7.92 -0.83
CA SER A 249 34.12 7.33 -1.78
C SER A 249 35.20 6.49 -1.02
N TYR A 250 35.64 6.99 0.14
CA TYR A 250 36.62 6.30 0.99
C TYR A 250 36.00 5.00 1.53
N LEU A 251 34.88 5.12 2.21
CA LEU A 251 34.23 3.98 2.88
C LEU A 251 33.77 2.87 1.89
N LYS A 252 33.44 3.25 0.65
CA LYS A 252 32.91 2.28 -0.32
C LYS A 252 33.95 1.88 -1.33
N ASP A 253 35.17 2.36 -1.12
CA ASP A 253 36.28 2.18 -2.04
C ASP A 253 35.89 2.46 -3.49
N LYS A 254 35.22 3.58 -3.69
CA LYS A 254 34.59 3.86 -4.94
C LYS A 254 35.52 4.37 -6.03
N LYS A 255 36.64 5.01 -5.68
CA LYS A 255 37.53 5.57 -6.70
C LYS A 255 36.85 6.71 -7.49
N ARG A 256 35.96 7.46 -6.87
CA ARG A 256 35.50 8.72 -7.45
C ARG A 256 36.69 9.65 -7.74
N VAL A 257 36.59 10.40 -8.84
CA VAL A 257 37.52 11.49 -9.11
C VAL A 257 36.93 12.76 -8.52
N LEU A 258 37.54 13.26 -7.46
CA LEU A 258 37.03 14.40 -6.69
C LEU A 258 38.16 15.43 -6.54
N PRO A 259 37.84 16.71 -6.79
CA PRO A 259 38.80 17.76 -6.48
C PRO A 259 38.81 18.05 -4.99
N VAL A 260 39.96 17.79 -4.35
CA VAL A 260 40.13 17.99 -2.93
C VAL A 260 41.44 18.70 -2.64
N ALA A 261 41.59 19.28 -1.47
CA ALA A 261 42.89 19.82 -1.09
C ALA A 261 43.76 18.64 -0.70
N ALA A 262 44.84 18.41 -1.44
CA ALA A 262 45.72 17.25 -1.21
C ALA A 262 47.21 17.63 -1.20
N GLN A 263 48.03 16.85 -0.49
CA GLN A 263 49.44 17.15 -0.43
C GLN A 263 50.09 16.77 -1.73
N LEU A 264 50.68 17.74 -2.40
CA LEU A 264 51.41 17.49 -3.65
C LEU A 264 52.84 17.06 -3.35
N SER A 265 53.35 16.13 -4.14
CA SER A 265 54.74 15.74 -4.03
C SER A 265 55.42 15.68 -5.40
N GLY A 266 55.46 16.81 -6.09
CA GLY A 266 56.09 16.89 -7.42
C GLY A 266 55.12 17.29 -8.52
N GLN A 267 53.84 16.92 -8.40
CA GLN A 267 52.86 17.26 -9.41
C GLN A 267 52.71 18.76 -9.55
N TYR A 268 52.74 19.23 -10.79
CA TYR A 268 52.60 20.65 -11.12
C TYR A 268 53.83 21.50 -10.64
N GLY A 269 54.92 20.83 -10.31
CA GLY A 269 56.10 21.49 -9.78
C GLY A 269 56.00 21.81 -8.30
N VAL A 270 55.02 21.23 -7.60
CA VAL A 270 54.74 21.66 -6.22
C VAL A 270 55.02 20.49 -5.30
N LYS A 271 55.68 20.76 -4.19
CA LYS A 271 56.03 19.75 -3.22
C LYS A 271 55.76 20.34 -1.83
N ASP A 272 55.45 19.49 -0.86
CA ASP A 272 55.29 19.87 0.54
C ASP A 272 54.20 20.92 0.78
N MET A 273 53.08 20.77 0.10
CA MET A 273 52.02 21.76 0.19
C MET A 273 50.69 21.18 -0.24
N TYR A 274 49.63 21.63 0.43
CA TYR A 274 48.28 21.21 0.06
C TYR A 274 47.74 22.13 -1.00
N VAL A 275 47.29 21.54 -2.10
CA VAL A 275 46.63 22.24 -3.18
C VAL A 275 45.42 21.47 -3.68
N GLY A 276 44.39 22.20 -4.08
CA GLY A 276 43.19 21.60 -4.66
C GLY A 276 43.50 21.01 -6.01
N VAL A 277 43.33 19.69 -6.13
CA VAL A 277 43.59 18.99 -7.36
C VAL A 277 42.57 17.84 -7.47
N PRO A 278 42.21 17.44 -8.69
CA PRO A 278 41.35 16.27 -8.78
C PRO A 278 42.12 15.03 -8.37
N THR A 279 41.47 14.14 -7.60
CA THR A 279 42.13 13.01 -7.05
C THR A 279 41.23 11.81 -7.08
N VAL A 280 41.81 10.63 -7.05
CA VAL A 280 41.03 9.42 -6.96
C VAL A 280 41.03 9.06 -5.51
N ILE A 281 39.82 8.98 -4.96
CA ILE A 281 39.60 8.67 -3.58
C ILE A 281 39.05 7.26 -3.45
N GLY A 282 39.77 6.45 -2.71
CA GLY A 282 39.29 5.14 -2.36
C GLY A 282 39.63 4.77 -0.95
N ALA A 283 39.67 3.46 -0.69
CA ALA A 283 39.85 2.94 0.64
C ALA A 283 41.24 3.27 1.21
N ASN A 284 42.13 3.80 0.38
CA ASN A 284 43.43 4.25 0.82
C ASN A 284 43.59 5.77 0.84
N GLY A 285 42.48 6.49 0.85
CA GLY A 285 42.52 7.94 0.81
C GLY A 285 42.86 8.43 -0.57
N VAL A 286 43.75 9.38 -0.64
CA VAL A 286 44.23 9.94 -1.90
C VAL A 286 45.13 8.86 -2.52
N GLU A 287 44.59 8.20 -3.52
CA GLU A 287 45.23 7.07 -4.18
C GLU A 287 45.93 7.52 -5.47
N ARG A 288 45.47 8.63 -6.04
CA ARG A 288 46.03 9.16 -7.25
C ARG A 288 45.69 10.65 -7.32
N ILE A 289 46.70 11.48 -7.53
CA ILE A 289 46.48 12.86 -7.87
C ILE A 289 46.59 13.02 -9.37
N ILE A 290 45.60 13.64 -9.99
CA ILE A 290 45.59 13.74 -11.41
C ILE A 290 46.35 14.97 -11.86
N GLU A 291 47.40 14.75 -12.63
CA GLU A 291 48.18 15.82 -13.24
C GLU A 291 47.94 15.86 -14.73
N ILE A 292 47.54 17.04 -15.16
CA ILE A 292 47.36 17.38 -16.56
C ILE A 292 48.39 18.44 -16.95
N ASP A 293 48.57 18.62 -18.25
CA ASP A 293 49.38 19.72 -18.74
C ASP A 293 48.55 20.99 -18.71
N LEU A 294 49.19 22.09 -18.37
CA LEU A 294 48.55 23.40 -18.33
C LEU A 294 49.19 24.27 -19.43
N ASP A 295 48.40 25.06 -20.15
CA ASP A 295 49.00 26.07 -21.01
C ASP A 295 49.65 27.19 -20.13
N LYS A 296 50.42 28.06 -20.74
CA LYS A 296 51.14 29.12 -20.05
C LYS A 296 50.22 29.98 -19.19
N ASP A 297 49.08 30.39 -19.70
CA ASP A 297 48.15 31.22 -18.90
C ASP A 297 47.58 30.47 -17.70
N GLU A 298 47.17 29.24 -17.91
CA GLU A 298 46.62 28.40 -16.85
C GLU A 298 47.67 28.13 -15.79
N LYS A 299 48.89 27.84 -16.22
CA LYS A 299 49.99 27.64 -15.27
C LYS A 299 50.26 28.91 -14.45
N ALA A 300 50.22 30.07 -15.08
CA ALA A 300 50.42 31.32 -14.34
C ALA A 300 49.30 31.48 -13.29
N GLN A 301 48.06 31.12 -13.64
CA GLN A 301 46.94 31.20 -12.69
C GLN A 301 47.16 30.21 -11.54
N PHE A 302 47.52 28.97 -11.86
CA PHE A 302 47.83 27.98 -10.86
C PHE A 302 48.98 28.42 -9.93
N ASP A 303 50.06 29.00 -10.47
CA ASP A 303 51.20 29.44 -9.64
C ASP A 303 50.86 30.58 -8.67
N LYS A 304 50.01 31.51 -9.11
CA LYS A 304 49.53 32.62 -8.26
C LYS A 304 48.71 32.10 -7.09
N SER A 305 47.85 31.13 -7.37
CA SER A 305 47.01 30.51 -6.36
C SER A 305 47.84 29.73 -5.34
N VAL A 306 48.76 28.89 -5.83
CA VAL A 306 49.68 28.16 -4.95
C VAL A 306 50.51 29.14 -4.08
N ALA A 307 51.01 30.22 -4.67
CA ALA A 307 51.78 31.23 -3.95
C ALA A 307 50.96 31.87 -2.83
N SER A 308 49.69 32.12 -3.09
CA SER A 308 48.85 32.71 -2.05
C SER A 308 48.61 31.68 -0.93
N VAL A 309 48.44 30.41 -1.30
CA VAL A 309 48.38 29.37 -0.26
C VAL A 309 49.71 29.27 0.55
N ALA A 310 50.86 29.30 -0.13
CA ALA A 310 52.14 29.32 0.61
C ALA A 310 52.25 30.52 1.58
N GLY A 311 51.77 31.69 1.18
CA GLY A 311 51.77 32.88 2.05
C GLY A 311 50.98 32.65 3.32
N LEU A 312 49.83 32.02 3.18
CA LEU A 312 48.97 31.68 4.32
C LEU A 312 49.66 30.67 5.27
N CYS A 313 50.36 29.70 4.69
CA CYS A 313 51.03 28.70 5.49
C CYS A 313 52.21 29.31 6.24
N GLU A 314 52.97 30.17 5.56
CA GLU A 314 54.05 30.90 6.20
C GLU A 314 53.54 31.75 7.37
N ALA A 315 52.41 32.45 7.20
CA ALA A 315 51.84 33.20 8.32
C ALA A 315 51.43 32.27 9.48
N CYS A 316 51.05 31.01 9.17
CA CYS A 316 50.72 30.04 10.24
C CYS A 316 51.99 29.65 10.98
N ILE A 317 53.10 29.56 10.24
CA ILE A 317 54.41 29.23 10.82
C ILE A 317 54.88 30.32 11.81
N GLY A 318 54.72 31.58 11.43
CA GLY A 318 54.97 32.71 12.31
C GLY A 318 54.22 32.69 13.64
N ILE A 319 53.04 32.05 13.65
CA ILE A 319 52.21 31.90 14.84
C ILE A 319 52.44 30.60 15.59
N ALA A 320 52.71 29.52 14.86
CA ALA A 320 52.93 28.21 15.43
C ALA A 320 54.19 27.60 14.81
N PRO A 321 55.39 28.00 15.33
CA PRO A 321 56.72 27.63 14.77
C PRO A 321 56.96 26.15 14.60
N SER A 322 56.27 25.33 15.40
CA SER A 322 56.32 23.87 15.29
C SER A 322 55.93 23.34 13.90
N LEU A 323 55.21 24.15 13.13
CA LEU A 323 54.82 23.80 11.76
C LEU A 323 55.96 23.85 10.71
N LYS A 324 57.09 24.48 11.03
CA LYS A 324 58.15 24.75 10.03
C LYS A 324 58.73 23.50 9.39
N ALA B 6 38.78 -2.62 2.28
CA ALA B 6 38.24 -3.62 1.31
C ALA B 6 36.70 -3.60 1.32
N ARG B 7 36.09 -3.64 0.16
CA ARG B 7 34.63 -3.86 0.10
C ARG B 7 34.27 -5.22 0.65
N ASN B 8 33.07 -5.33 1.21
CA ASN B 8 32.42 -6.61 1.44
C ASN B 8 32.41 -7.48 0.16
N LYS B 9 32.38 -8.78 0.37
CA LYS B 9 32.40 -9.74 -0.74
C LYS B 9 31.28 -10.76 -0.51
N ILE B 10 30.43 -10.88 -1.52
CA ILE B 10 29.26 -11.73 -1.49
C ILE B 10 29.48 -12.82 -2.55
N ALA B 11 29.43 -14.06 -2.13
CA ALA B 11 29.60 -15.16 -3.06
C ALA B 11 28.22 -15.81 -3.26
N LEU B 12 27.87 -16.06 -4.51
CA LEU B 12 26.58 -16.65 -4.82
C LEU B 12 26.79 -18.00 -5.45
N ILE B 13 26.49 -19.05 -4.69
CA ILE B 13 26.72 -20.41 -5.14
C ILE B 13 25.48 -20.89 -5.88
N GLY B 14 25.57 -20.75 -7.19
CA GLY B 14 24.46 -21.00 -8.10
C GLY B 14 24.05 -19.71 -8.78
N SER B 15 24.02 -19.75 -10.11
CA SER B 15 23.79 -18.55 -10.94
C SER B 15 22.58 -18.70 -11.83
N GLY B 16 21.58 -19.35 -11.29
CA GLY B 16 20.33 -19.55 -11.99
C GLY B 16 19.46 -18.31 -11.89
N MET B 17 18.15 -18.52 -11.83
CA MET B 17 17.19 -17.39 -11.79
C MET B 17 17.29 -16.58 -10.49
N ILE B 18 17.35 -17.26 -9.36
CA ILE B 18 17.49 -16.59 -8.06
C ILE B 18 18.91 -16.03 -7.96
N GLY B 19 19.90 -16.85 -8.26
CA GLY B 19 21.31 -16.37 -8.27
C GLY B 19 21.50 -15.04 -9.01
N GLY B 20 20.96 -14.95 -10.21
CA GLY B 20 21.12 -13.73 -11.01
C GLY B 20 20.46 -12.55 -10.32
N THR B 21 19.31 -12.80 -9.72
CA THR B 21 18.52 -11.78 -9.09
C THR B 21 19.22 -11.32 -7.83
N LEU B 22 19.83 -12.26 -7.10
CA LEU B 22 20.62 -11.93 -5.91
C LEU B 22 21.74 -10.99 -6.31
N ALA B 23 22.40 -11.32 -7.39
CA ALA B 23 23.52 -10.50 -7.92
C ALA B 23 23.08 -9.10 -8.27
N HIS B 24 21.98 -9.00 -8.98
CA HIS B 24 21.44 -7.69 -9.40
C HIS B 24 21.10 -6.83 -8.17
N LEU B 25 20.38 -7.41 -7.22
CA LEU B 25 20.00 -6.69 -6.01
C LEU B 25 21.25 -6.29 -5.18
N ALA B 26 22.24 -7.17 -5.12
CA ALA B 26 23.46 -6.85 -4.36
C ALA B 26 24.16 -5.65 -5.00
N GLY B 27 24.15 -5.63 -6.33
CA GLY B 27 24.64 -4.47 -7.07
C GLY B 27 23.86 -3.20 -6.74
N LEU B 28 22.54 -3.24 -6.88
CA LEU B 28 21.70 -2.05 -6.78
C LEU B 28 21.80 -1.46 -5.39
N LYS B 29 21.92 -2.34 -4.39
CA LYS B 29 21.92 -1.94 -2.97
C LYS B 29 23.34 -1.69 -2.44
N GLU B 30 24.33 -1.78 -3.34
CA GLU B 30 25.71 -1.51 -3.03
C GLU B 30 26.20 -2.31 -1.84
N LEU B 31 26.00 -3.61 -1.89
CA LEU B 31 26.34 -4.44 -0.73
C LEU B 31 27.79 -4.89 -0.75
N GLY B 32 28.42 -4.73 -1.90
CA GLY B 32 29.76 -5.16 -2.10
C GLY B 32 29.99 -5.78 -3.46
N ASP B 33 31.21 -6.28 -3.61
CA ASP B 33 31.64 -7.06 -4.75
C ASP B 33 30.94 -8.41 -4.70
N VAL B 34 30.72 -8.98 -5.89
CA VAL B 34 29.90 -10.16 -6.03
C VAL B 34 30.61 -11.23 -6.87
N VAL B 35 30.63 -12.47 -6.38
CA VAL B 35 31.07 -13.57 -7.19
C VAL B 35 29.87 -14.43 -7.47
N LEU B 36 29.60 -14.68 -8.74
CA LEU B 36 28.63 -15.64 -9.20
C LEU B 36 29.40 -16.94 -9.49
N PHE B 37 29.05 -18.03 -8.80
CA PHE B 37 29.68 -19.30 -9.03
C PHE B 37 28.63 -20.27 -9.53
N ASP B 38 29.05 -21.20 -10.40
CA ASP B 38 28.20 -22.23 -10.92
C ASP B 38 29.05 -23.35 -11.52
N ILE B 39 28.39 -24.47 -11.75
CA ILE B 39 29.00 -25.63 -12.38
C ILE B 39 28.93 -25.39 -13.88
N ALA B 40 27.97 -24.59 -14.33
CA ALA B 40 27.79 -24.33 -15.75
C ALA B 40 28.77 -23.27 -16.23
N GLU B 41 29.58 -23.60 -17.22
CA GLU B 41 30.51 -22.63 -17.86
C GLU B 41 29.73 -21.59 -18.63
N GLY B 42 30.16 -20.35 -18.54
CA GLY B 42 29.53 -19.27 -19.29
C GLY B 42 28.43 -18.55 -18.52
N THR B 43 27.53 -19.29 -17.89
CA THR B 43 26.38 -18.70 -17.22
C THR B 43 26.76 -17.62 -16.20
N PRO B 44 27.61 -17.95 -15.22
CA PRO B 44 27.94 -16.94 -14.23
C PRO B 44 28.79 -15.80 -14.80
N GLN B 45 29.67 -16.11 -15.73
CA GLN B 45 30.50 -15.05 -16.36
C GLN B 45 29.55 -14.06 -17.12
N GLY B 46 28.55 -14.60 -17.80
CA GLY B 46 27.63 -13.80 -18.63
C GLY B 46 26.71 -12.88 -17.83
N LYS B 47 26.08 -13.46 -16.82
CA LYS B 47 25.24 -12.72 -15.90
C LYS B 47 26.07 -11.70 -15.13
N GLY B 48 27.25 -12.12 -14.69
CA GLY B 48 28.14 -11.20 -14.04
C GLY B 48 28.49 -9.99 -14.88
N LEU B 49 28.92 -10.21 -16.12
CA LEU B 49 29.32 -9.11 -17.00
C LEU B 49 28.12 -8.22 -17.37
N ASP B 50 26.98 -8.85 -17.62
CA ASP B 50 25.74 -8.13 -17.93
C ASP B 50 25.42 -7.14 -16.82
N ILE B 51 25.40 -7.61 -15.58
CA ILE B 51 25.13 -6.73 -14.44
C ILE B 51 26.22 -5.66 -14.21
N ALA B 52 27.49 -6.01 -14.36
CA ALA B 52 28.57 -5.02 -14.28
C ALA B 52 28.36 -3.91 -15.32
N GLU B 53 27.97 -4.31 -16.52
CA GLU B 53 27.73 -3.39 -17.64
C GLU B 53 26.52 -2.48 -17.36
N SER B 54 25.63 -2.92 -16.47
CA SER B 54 24.50 -2.11 -16.07
C SER B 54 24.86 -1.04 -15.07
N SER B 55 26.00 -1.23 -14.41
CA SER B 55 26.34 -0.46 -13.23
C SER B 55 26.55 1.03 -13.48
N PRO B 56 27.09 1.43 -14.65
CA PRO B 56 27.19 2.86 -14.90
C PRO B 56 25.84 3.57 -15.03
N VAL B 57 24.75 2.82 -15.25
CA VAL B 57 23.46 3.46 -15.41
C VAL B 57 23.07 4.03 -14.04
N ASP B 58 23.02 3.19 -13.01
CA ASP B 58 22.65 3.64 -11.65
C ASP B 58 23.82 4.20 -10.87
N GLY B 59 25.05 3.92 -11.26
CA GLY B 59 26.17 4.53 -10.58
C GLY B 59 26.72 3.75 -9.39
N PHE B 60 26.35 2.50 -9.22
CA PHE B 60 27.00 1.69 -8.21
C PHE B 60 28.36 1.17 -8.70
N ASP B 61 29.33 1.18 -7.79
CA ASP B 61 30.65 0.64 -8.13
C ASP B 61 30.84 -0.68 -7.38
N ALA B 62 30.86 -1.77 -8.13
CA ALA B 62 31.03 -3.14 -7.60
C ALA B 62 31.66 -4.01 -8.65
N LYS B 63 32.54 -4.92 -8.21
CA LYS B 63 33.06 -5.95 -9.13
C LYS B 63 32.10 -7.14 -9.22
N PHE B 64 31.87 -7.64 -10.41
CA PHE B 64 31.10 -8.85 -10.60
C PHE B 64 31.98 -9.84 -11.35
N THR B 65 32.13 -11.02 -10.78
CA THR B 65 32.98 -12.07 -11.31
C THR B 65 32.11 -13.29 -11.50
N GLY B 66 32.32 -13.99 -12.61
CA GLY B 66 31.76 -15.33 -12.77
C GLY B 66 32.86 -16.36 -12.61
N ALA B 67 32.58 -17.45 -11.92
CA ALA B 67 33.59 -18.48 -11.76
C ALA B 67 32.96 -19.86 -11.74
N ASN B 68 33.76 -20.85 -12.13
CA ASN B 68 33.44 -22.25 -12.04
C ASN B 68 34.39 -22.97 -11.08
N ASP B 69 35.26 -22.22 -10.41
CA ASP B 69 36.16 -22.73 -9.39
C ASP B 69 35.83 -22.08 -8.02
N TYR B 70 35.74 -22.91 -7.00
CA TYR B 70 35.47 -22.48 -5.64
C TYR B 70 36.48 -21.50 -5.08
N ALA B 71 37.71 -21.54 -5.59
CA ALA B 71 38.73 -20.60 -5.11
C ALA B 71 38.29 -19.15 -5.34
N ALA B 72 37.39 -18.93 -6.28
CA ALA B 72 36.85 -17.56 -6.46
C ALA B 72 36.07 -17.02 -5.24
N ILE B 73 35.55 -17.90 -4.41
CA ILE B 73 34.79 -17.41 -3.28
C ILE B 73 35.63 -16.99 -2.07
N GLU B 74 36.97 -17.09 -2.18
CA GLU B 74 37.84 -16.95 -1.03
C GLU B 74 37.57 -15.66 -0.27
N GLY B 75 37.39 -15.83 1.03
CA GLY B 75 37.19 -14.73 1.92
C GLY B 75 35.83 -14.04 1.80
N ALA B 76 34.86 -14.68 1.15
CA ALA B 76 33.48 -14.12 1.11
C ALA B 76 32.92 -13.82 2.52
N ASP B 77 32.35 -12.64 2.68
CA ASP B 77 31.68 -12.25 3.95
C ASP B 77 30.30 -12.93 4.08
N VAL B 78 29.65 -13.16 2.95
CA VAL B 78 28.30 -13.77 2.86
C VAL B 78 28.33 -14.71 1.63
N VAL B 79 27.72 -15.89 1.79
CA VAL B 79 27.60 -16.91 0.79
C VAL B 79 26.16 -17.27 0.77
N ILE B 80 25.54 -17.16 -0.41
CA ILE B 80 24.11 -17.49 -0.59
C ILE B 80 24.06 -18.63 -1.60
N VAL B 81 23.39 -19.74 -1.22
CA VAL B 81 23.44 -20.99 -1.95
C VAL B 81 22.08 -21.34 -2.51
N THR B 82 22.00 -21.35 -3.84
CA THR B 82 20.82 -21.77 -4.59
C THR B 82 21.16 -22.99 -5.44
N ALA B 83 22.41 -23.40 -5.41
CA ALA B 83 22.91 -24.56 -6.16
C ALA B 83 22.05 -25.80 -5.89
N GLY B 84 21.59 -26.42 -6.98
CA GLY B 84 20.81 -27.66 -6.91
C GLY B 84 20.06 -27.88 -8.21
N VAL B 85 19.20 -28.89 -8.23
CA VAL B 85 18.41 -29.19 -9.43
C VAL B 85 16.96 -28.99 -9.06
N PRO B 86 16.13 -28.66 -10.07
CA PRO B 86 14.71 -28.41 -9.80
C PRO B 86 13.87 -29.67 -9.65
N ARG B 87 12.70 -29.50 -9.02
CA ARG B 87 11.74 -30.58 -8.82
C ARG B 87 10.96 -30.80 -10.12
N LYS B 88 11.39 -31.80 -10.91
CA LYS B 88 10.76 -32.12 -12.19
C LYS B 88 9.63 -33.17 -12.04
N ASP B 94 12.23 -37.49 -3.21
CA ASP B 94 13.18 -38.25 -2.40
C ASP B 94 14.42 -38.75 -3.19
N ASP B 95 14.35 -38.77 -4.53
CA ASP B 95 15.59 -38.88 -5.33
C ASP B 95 16.14 -37.45 -5.57
N LEU B 96 15.25 -36.45 -5.41
CA LEU B 96 15.61 -35.03 -5.37
C LEU B 96 16.44 -34.73 -4.13
N LEU B 97 16.06 -35.37 -3.02
CA LEU B 97 16.78 -35.23 -1.77
C LEU B 97 18.19 -35.69 -1.96
N GLY B 98 18.36 -36.83 -2.63
CA GLY B 98 19.68 -37.39 -2.86
C GLY B 98 20.57 -36.60 -3.80
N ILE B 99 19.99 -36.03 -4.83
CA ILE B 99 20.78 -35.25 -5.79
C ILE B 99 21.25 -33.97 -5.14
N ASN B 100 20.34 -33.28 -4.44
CA ASN B 100 20.62 -31.94 -3.87
C ASN B 100 21.53 -32.05 -2.66
N LEU B 101 21.42 -33.15 -1.93
CA LEU B 101 22.33 -33.46 -0.85
C LEU B 101 23.77 -33.60 -1.33
N LYS B 102 23.94 -34.27 -2.47
CA LYS B 102 25.25 -34.39 -3.11
C LYS B 102 25.80 -33.01 -3.45
N VAL B 103 24.94 -32.14 -3.96
CA VAL B 103 25.33 -30.77 -4.20
C VAL B 103 25.73 -30.06 -2.89
N MET B 104 24.95 -30.21 -1.83
CA MET B 104 25.31 -29.54 -0.56
C MET B 104 26.68 -30.00 -0.06
N GLU B 105 26.99 -31.26 -0.32
CA GLU B 105 28.28 -31.84 0.04
C GLU B 105 29.42 -31.06 -0.64
N GLN B 106 29.28 -30.85 -1.95
CA GLN B 106 30.29 -30.10 -2.72
C GLN B 106 30.42 -28.70 -2.24
N VAL B 107 29.26 -28.05 -2.06
CA VAL B 107 29.20 -26.65 -1.66
C VAL B 107 29.79 -26.47 -0.29
N GLY B 108 29.36 -27.29 0.67
CA GLY B 108 29.91 -27.28 2.04
C GLY B 108 31.43 -27.40 2.04
N ALA B 109 31.96 -28.27 1.19
CA ALA B 109 33.41 -28.49 1.15
C ALA B 109 34.14 -27.24 0.59
N GLY B 110 33.52 -26.56 -0.38
CA GLY B 110 34.06 -25.33 -0.92
C GLY B 110 34.00 -24.19 0.06
N ILE B 111 32.92 -24.12 0.84
CA ILE B 111 32.83 -23.07 1.88
C ILE B 111 33.86 -23.32 3.00
N LYS B 112 33.94 -24.55 3.47
CA LYS B 112 34.91 -24.92 4.49
C LYS B 112 36.33 -24.49 4.11
N LYS B 113 36.72 -24.75 2.88
CA LYS B 113 38.06 -24.43 2.40
C LYS B 113 38.25 -22.97 2.09
N TYR B 114 37.31 -22.35 1.38
CA TYR B 114 37.55 -21.00 0.90
C TYR B 114 36.88 -19.85 1.70
N ALA B 115 35.76 -20.09 2.37
CA ALA B 115 35.10 -19.01 3.14
C ALA B 115 34.58 -19.51 4.49
N PRO B 116 35.48 -19.96 5.36
CA PRO B 116 35.07 -20.54 6.64
C PRO B 116 34.45 -19.52 7.61
N GLU B 117 34.76 -18.24 7.44
CA GLU B 117 34.18 -17.17 8.27
C GLU B 117 32.92 -16.52 7.68
N ALA B 118 32.41 -17.08 6.60
CA ALA B 118 31.24 -16.51 5.93
C ALA B 118 29.98 -16.66 6.76
N PHE B 119 29.03 -15.77 6.50
CA PHE B 119 27.66 -15.97 6.93
C PHE B 119 27.03 -16.63 5.76
N VAL B 120 26.43 -17.79 5.97
CA VAL B 120 25.92 -18.57 4.89
C VAL B 120 24.38 -18.65 4.95
N ILE B 121 23.76 -18.33 3.80
CA ILE B 121 22.29 -18.39 3.60
C ILE B 121 21.94 -19.44 2.53
N CYS B 122 21.24 -20.49 2.94
CA CYS B 122 20.85 -21.60 2.08
C CYS B 122 19.51 -21.35 1.52
N ILE B 123 19.33 -21.64 0.23
CA ILE B 123 17.99 -21.52 -0.37
C ILE B 123 17.59 -22.86 -0.99
N THR B 124 18.58 -23.67 -1.38
CA THR B 124 18.34 -24.94 -2.06
C THR B 124 17.28 -25.80 -1.38
N ASN B 125 16.38 -26.36 -2.17
CA ASN B 125 15.32 -27.23 -1.67
C ASN B 125 15.69 -28.72 -1.60
N PRO B 126 15.11 -29.49 -0.67
CA PRO B 126 14.15 -29.09 0.38
C PRO B 126 14.86 -28.40 1.53
N LEU B 127 14.47 -27.15 1.78
CA LEU B 127 15.25 -26.20 2.55
C LEU B 127 15.61 -26.69 3.93
N ASP B 128 14.62 -27.26 4.61
CA ASP B 128 14.77 -27.59 6.02
C ASP B 128 15.79 -28.69 6.27
N ALA B 129 15.93 -29.61 5.33
CA ALA B 129 16.96 -30.61 5.41
C ALA B 129 18.26 -30.05 4.82
N MET B 130 18.20 -29.35 3.68
CA MET B 130 19.42 -28.93 3.03
C MET B 130 20.29 -27.99 3.88
N VAL B 131 19.67 -27.04 4.58
CA VAL B 131 20.44 -26.14 5.42
C VAL B 131 21.18 -26.88 6.54
N TRP B 132 20.47 -27.85 7.14
CA TRP B 132 20.97 -28.67 8.24
C TRP B 132 22.14 -29.50 7.77
N ALA B 133 21.95 -30.14 6.63
CA ALA B 133 23.00 -30.89 5.99
C ALA B 133 24.15 -29.98 5.55
N LEU B 134 23.84 -28.76 5.10
CA LEU B 134 24.91 -27.83 4.67
C LEU B 134 25.73 -27.35 5.86
N GLN B 135 25.07 -27.12 6.98
CA GLN B 135 25.81 -26.76 8.18
C GLN B 135 26.77 -27.89 8.58
N LYS B 136 26.33 -29.14 8.49
CA LYS B 136 27.19 -30.27 8.89
C LYS B 136 28.36 -30.51 7.93
N PHE B 137 28.10 -30.54 6.62
CA PHE B 137 29.17 -30.68 5.63
C PHE B 137 30.22 -29.56 5.74
N SER B 138 29.79 -28.31 5.81
CA SER B 138 30.75 -27.20 5.81
C SER B 138 31.52 -27.08 7.11
N GLY B 139 30.95 -27.61 8.20
CA GLY B 139 31.55 -27.47 9.53
C GLY B 139 31.51 -26.09 10.17
N LEU B 140 30.86 -25.10 9.51
CA LEU B 140 30.78 -23.71 10.06
C LEU B 140 29.99 -23.68 11.34
N PRO B 141 30.30 -22.72 12.22
CA PRO B 141 29.43 -22.62 13.40
C PRO B 141 27.98 -22.40 12.98
N ALA B 142 27.05 -23.04 13.68
CA ALA B 142 25.65 -23.05 13.31
C ALA B 142 25.02 -21.64 13.30
N HIS B 143 25.43 -20.79 14.24
CA HIS B 143 24.92 -19.42 14.26
C HIS B 143 25.33 -18.62 13.00
N LYS B 144 26.19 -19.19 12.17
CA LYS B 144 26.61 -18.55 10.91
C LYS B 144 26.05 -19.20 9.63
N VAL B 145 25.16 -20.18 9.80
CA VAL B 145 24.52 -20.88 8.71
C VAL B 145 23.01 -20.94 8.91
N VAL B 146 22.25 -20.25 8.07
CA VAL B 146 20.81 -20.15 8.18
C VAL B 146 20.17 -20.47 6.85
N GLY B 147 18.88 -20.81 6.90
CA GLY B 147 18.12 -21.05 5.72
C GLY B 147 17.12 -19.93 5.48
N MET B 148 16.98 -19.51 4.22
CA MET B 148 15.93 -18.56 3.85
C MET B 148 14.59 -19.29 3.65
N ALA B 149 13.57 -18.96 4.43
CA ALA B 149 12.23 -19.51 4.16
C ALA B 149 11.15 -18.62 4.71
N GLY B 150 11.17 -18.44 6.02
CA GLY B 150 10.17 -17.65 6.68
C GLY B 150 9.97 -16.25 6.11
N VAL B 151 11.04 -15.57 5.72
CA VAL B 151 10.94 -14.20 5.21
C VAL B 151 10.10 -14.21 3.93
N LEU B 152 10.23 -15.28 3.14
CA LEU B 152 9.44 -15.43 1.93
C LEU B 152 7.96 -15.63 2.25
N ASP B 153 7.66 -16.60 3.10
CA ASP B 153 6.28 -16.82 3.50
C ASP B 153 5.72 -15.60 4.12
N SER B 154 6.53 -14.93 4.93
CA SER B 154 6.12 -13.71 5.55
C SER B 154 5.88 -12.55 4.54
N ALA B 155 6.70 -12.44 3.48
CA ALA B 155 6.46 -11.42 2.46
C ALA B 155 5.13 -11.67 1.72
N ARG B 156 4.88 -12.92 1.34
CA ARG B 156 3.62 -13.26 0.69
C ARG B 156 2.43 -12.97 1.58
N PHE B 157 2.50 -13.44 2.83
CA PHE B 157 1.44 -13.23 3.82
C PHE B 157 1.13 -11.75 3.92
N ARG B 158 2.16 -10.94 4.12
CA ARG B 158 1.95 -9.51 4.31
C ARG B 158 1.34 -8.85 3.07
N TYR B 159 1.77 -9.30 1.92
CA TYR B 159 1.31 -8.73 0.66
C TYR B 159 -0.19 -9.01 0.60
N PHE B 160 -0.59 -10.27 0.80
CA PHE B 160 -2.03 -10.61 0.72
C PHE B 160 -2.85 -9.82 1.74
N LEU B 161 -2.30 -9.63 2.94
CA LEU B 161 -2.98 -8.81 3.96
C LEU B 161 -3.08 -7.33 3.54
N SER B 162 -1.97 -6.77 3.01
CA SER B 162 -1.98 -5.38 2.63
C SER B 162 -3.14 -5.11 1.62
N GLU B 163 -3.39 -6.07 0.74
CA GLU B 163 -4.47 -6.03 -0.24
C GLU B 163 -5.85 -6.09 0.41
N GLU B 164 -6.04 -7.02 1.32
CA GLU B 164 -7.31 -7.17 2.05
C GLU B 164 -7.70 -5.91 2.82
N PHE B 165 -6.72 -5.29 3.48
CA PHE B 165 -6.98 -4.11 4.32
C PHE B 165 -6.79 -2.77 3.64
N ASN B 166 -6.25 -2.77 2.42
CA ASN B 166 -5.91 -1.52 1.73
C ASN B 166 -5.06 -0.60 2.61
N VAL B 167 -3.94 -1.15 3.10
CA VAL B 167 -2.88 -0.37 3.77
C VAL B 167 -1.52 -0.66 3.17
N SER B 168 -0.53 0.14 3.50
CA SER B 168 0.84 -0.11 3.03
C SER B 168 1.36 -1.45 3.50
N VAL B 169 2.11 -2.13 2.63
CA VAL B 169 2.88 -3.31 3.04
C VAL B 169 3.77 -2.98 4.28
N GLU B 170 4.27 -1.76 4.39
CA GLU B 170 5.13 -1.42 5.54
C GLU B 170 4.38 -1.45 6.87
N ASP B 171 3.06 -1.52 6.83
CA ASP B 171 2.25 -1.46 8.06
C ASP B 171 1.69 -2.80 8.50
N VAL B 172 2.02 -3.85 7.75
CA VAL B 172 1.62 -5.20 8.06
C VAL B 172 2.83 -5.97 8.63
N THR B 173 2.62 -6.67 9.76
CA THR B 173 3.66 -7.53 10.37
C THR B 173 3.05 -8.89 10.50
N VAL B 174 3.82 -9.95 10.22
CA VAL B 174 3.35 -11.31 10.49
C VAL B 174 4.42 -12.13 11.21
N PHE B 175 3.95 -13.19 11.88
CA PHE B 175 4.78 -14.03 12.75
C PHE B 175 4.67 -15.46 12.24
N VAL B 176 5.76 -15.97 11.71
CA VAL B 176 5.77 -17.27 11.09
C VAL B 176 6.86 -18.13 11.70
N LEU B 177 6.42 -19.28 12.21
CA LEU B 177 7.32 -20.36 12.60
C LEU B 177 7.29 -21.43 11.53
N GLY B 178 8.33 -22.27 11.54
CA GLY B 178 8.38 -23.46 10.70
C GLY B 178 8.78 -23.17 9.28
N GLY B 179 8.44 -24.09 8.40
CA GLY B 179 8.82 -24.01 6.99
C GLY B 179 7.66 -23.69 6.09
N HIS B 180 7.83 -23.95 4.81
CA HIS B 180 6.81 -23.65 3.81
C HIS B 180 5.65 -24.66 3.84
N GLY B 181 4.53 -24.23 3.26
CA GLY B 181 3.44 -25.14 2.96
C GLY B 181 2.80 -25.69 4.23
N ASP B 182 2.62 -27.00 4.31
CA ASP B 182 2.03 -27.60 5.52
C ASP B 182 2.96 -27.56 6.75
N SER B 183 4.25 -27.31 6.55
CA SER B 183 5.14 -27.17 7.68
C SER B 183 5.10 -25.76 8.32
N MET B 184 4.42 -24.79 7.70
CA MET B 184 4.29 -23.46 8.26
C MET B 184 3.39 -23.42 9.49
N VAL B 185 3.81 -22.68 10.50
CA VAL B 185 2.99 -22.45 11.68
C VAL B 185 2.90 -20.92 11.86
N PRO B 186 1.94 -20.28 11.19
CA PRO B 186 1.67 -18.84 11.38
C PRO B 186 0.92 -18.51 12.65
N LEU B 187 1.25 -17.40 13.30
CA LEU B 187 0.57 -17.00 14.50
C LEU B 187 -0.14 -15.69 14.23
N ALA B 188 -1.40 -15.78 13.84
CA ALA B 188 -2.25 -14.62 13.58
C ALA B 188 -2.25 -13.65 14.75
N ARG B 189 -2.15 -14.17 15.96
CA ARG B 189 -2.26 -13.31 17.13
C ARG B 189 -1.04 -12.44 17.35
N TYR B 190 0.09 -12.80 16.71
CA TYR B 190 1.29 -11.96 16.69
C TYR B 190 1.56 -11.38 15.32
N SER B 191 0.50 -11.27 14.53
CA SER B 191 0.53 -10.61 13.26
C SER B 191 -0.40 -9.39 13.33
N THR B 192 0.02 -8.29 12.73
CA THR B 192 -0.66 -7.05 12.98
C THR B 192 -0.80 -6.15 11.77
N VAL B 193 -1.77 -5.26 11.87
CA VAL B 193 -1.84 -4.07 11.03
C VAL B 193 -1.72 -2.87 11.94
N ALA B 194 -0.63 -2.12 11.81
CA ALA B 194 -0.38 -0.93 12.62
C ALA B 194 -0.35 -1.24 14.12
N GLY B 195 0.11 -2.41 14.48
CA GLY B 195 0.18 -2.77 15.86
C GLY B 195 -1.02 -3.53 16.37
N ILE B 196 -2.09 -3.55 15.59
CA ILE B 196 -3.34 -4.17 16.00
C ILE B 196 -3.39 -5.62 15.52
N PRO B 197 -3.56 -6.57 16.45
CA PRO B 197 -3.49 -7.94 16.00
C PRO B 197 -4.65 -8.36 15.13
N LEU B 198 -4.36 -9.30 14.23
CA LEU B 198 -5.34 -9.82 13.30
C LEU B 198 -6.64 -10.26 13.96
N PRO B 199 -6.58 -11.05 15.06
CA PRO B 199 -7.86 -11.47 15.64
C PRO B 199 -8.73 -10.29 16.08
N ASP B 200 -8.08 -9.22 16.54
CA ASP B 200 -8.81 -8.02 16.88
C ASP B 200 -9.35 -7.37 15.61
N LEU B 201 -8.60 -7.39 14.54
CA LEU B 201 -9.10 -6.81 13.30
C LEU B 201 -10.37 -7.56 12.80
N VAL B 202 -10.41 -8.87 12.98
CA VAL B 202 -11.60 -9.65 12.65
C VAL B 202 -12.79 -9.16 13.51
N LYS B 203 -12.57 -8.98 14.80
CA LYS B 203 -13.63 -8.51 15.71
C LYS B 203 -14.14 -7.12 15.40
N MET B 204 -13.31 -6.32 14.75
CA MET B 204 -13.63 -4.96 14.43
C MET B 204 -14.31 -4.87 13.10
N GLY B 205 -14.40 -5.97 12.36
CA GLY B 205 -15.07 -5.95 11.10
C GLY B 205 -14.22 -5.60 9.91
N TRP B 206 -12.89 -5.47 10.08
CA TRP B 206 -12.05 -5.13 8.93
C TRP B 206 -11.80 -6.30 8.04
N THR B 207 -12.04 -7.51 8.52
CA THR B 207 -11.97 -8.70 7.68
C THR B 207 -12.73 -9.77 8.44
N SER B 208 -12.80 -10.94 7.84
CA SER B 208 -13.47 -12.09 8.47
C SER B 208 -12.48 -13.20 8.70
N GLN B 209 -12.88 -14.17 9.51
CA GLN B 209 -12.03 -15.31 9.80
C GLN B 209 -11.87 -16.16 8.54
N ASP B 210 -12.93 -16.25 7.75
CA ASP B 210 -12.90 -16.93 6.47
C ASP B 210 -11.86 -16.37 5.50
N LYS B 211 -11.89 -15.08 5.26
CA LYS B 211 -10.90 -14.45 4.40
C LYS B 211 -9.49 -14.71 4.98
N LEU B 212 -9.35 -14.55 6.29
CA LEU B 212 -8.07 -14.70 6.95
C LEU B 212 -7.53 -16.10 6.78
N ASP B 213 -8.40 -17.10 6.97
CA ASP B 213 -8.00 -18.51 6.77
C ASP B 213 -7.57 -18.75 5.31
N LYS B 214 -8.28 -18.13 4.38
CA LYS B 214 -7.97 -18.32 2.99
C LYS B 214 -6.60 -17.68 2.64
N ILE B 215 -6.28 -16.54 3.25
CA ILE B 215 -4.97 -15.85 3.08
C ILE B 215 -3.85 -16.74 3.67
N ILE B 216 -4.09 -17.38 4.80
CA ILE B 216 -3.13 -18.31 5.40
C ILE B 216 -2.90 -19.48 4.41
N GLN B 217 -3.99 -20.01 3.88
CA GLN B 217 -3.88 -21.16 2.99
C GLN B 217 -3.16 -20.73 1.73
N ARG B 218 -3.47 -19.53 1.27
CA ARG B 218 -2.80 -19.00 0.08
C ARG B 218 -1.29 -18.86 0.31
N THR B 219 -0.89 -18.49 1.52
CA THR B 219 0.53 -18.36 1.89
C THR B 219 1.22 -19.73 1.87
N ARG B 220 0.54 -20.75 2.40
CA ARG B 220 1.03 -22.12 2.34
C ARG B 220 1.25 -22.58 0.89
N ASP B 221 0.36 -22.19 -0.01
CA ASP B 221 0.42 -22.66 -1.41
C ASP B 221 1.17 -21.67 -2.33
N GLY B 222 1.82 -20.66 -1.75
CA GLY B 222 2.26 -19.50 -2.48
C GLY B 222 3.27 -19.86 -3.54
N GLY B 223 4.15 -20.81 -3.21
CA GLY B 223 5.20 -21.22 -4.11
C GLY B 223 4.60 -21.98 -5.28
N ALA B 224 3.62 -22.82 -4.98
CA ALA B 224 2.92 -23.57 -5.99
C ALA B 224 2.03 -22.67 -6.85
N GLU B 225 1.50 -21.59 -6.30
CA GLU B 225 0.73 -20.67 -7.12
C GLU B 225 1.62 -20.05 -8.20
N ILE B 226 2.84 -19.64 -7.86
CA ILE B 226 3.72 -19.03 -8.85
C ILE B 226 4.06 -20.10 -9.91
N VAL B 227 4.39 -21.32 -9.47
CA VAL B 227 4.72 -22.41 -10.42
C VAL B 227 3.54 -22.69 -11.38
N GLY B 228 2.33 -22.77 -10.87
CA GLY B 228 1.15 -22.90 -11.75
C GLY B 228 0.99 -21.79 -12.80
N LEU B 229 1.53 -20.60 -12.55
CA LEU B 229 1.40 -19.49 -13.47
C LEU B 229 2.54 -19.48 -14.49
N LEU B 230 3.77 -19.63 -14.02
CA LEU B 230 4.95 -19.59 -14.88
C LEU B 230 5.05 -20.87 -15.71
N LYS B 231 4.58 -21.97 -15.11
CA LYS B 231 4.54 -23.31 -15.71
C LYS B 231 5.92 -23.98 -15.86
N THR B 232 6.91 -23.25 -16.40
CA THR B 232 8.26 -23.80 -16.61
C THR B 232 9.27 -23.42 -15.53
N GLY B 233 8.86 -22.72 -14.49
CA GLY B 233 9.79 -22.45 -13.38
C GLY B 233 9.13 -21.99 -12.09
N SER B 234 9.92 -21.72 -11.07
CA SER B 234 9.38 -21.29 -9.78
C SER B 234 9.69 -19.83 -9.48
N ALA B 235 9.16 -19.32 -8.39
CA ALA B 235 9.38 -17.95 -7.96
C ALA B 235 10.88 -17.60 -7.87
N PHE B 236 11.27 -16.39 -8.27
CA PHE B 236 12.63 -15.96 -8.03
C PHE B 236 12.80 -14.55 -7.48
N TYR B 237 11.93 -13.61 -7.85
CA TYR B 237 12.03 -12.25 -7.28
C TYR B 237 11.85 -12.19 -5.76
N ALA B 238 10.71 -12.67 -5.25
CA ALA B 238 10.49 -12.60 -3.81
C ALA B 238 11.53 -13.45 -3.03
N PRO B 239 11.86 -14.64 -3.53
CA PRO B 239 12.92 -15.40 -2.84
C PRO B 239 14.25 -14.65 -2.76
N ALA B 240 14.66 -14.02 -3.84
CA ALA B 240 15.93 -13.31 -3.87
C ALA B 240 15.87 -12.13 -2.93
N ALA B 241 14.74 -11.41 -2.93
CA ALA B 241 14.65 -10.21 -2.07
C ALA B 241 14.75 -10.60 -0.60
N SER B 242 14.13 -11.71 -0.26
CA SER B 242 14.11 -12.23 1.08
C SER B 242 15.52 -12.60 1.55
N ALA B 243 16.24 -13.35 0.75
CA ALA B 243 17.61 -13.71 1.09
C ALA B 243 18.53 -12.45 1.23
N ILE B 244 18.40 -11.49 0.31
CA ILE B 244 19.17 -10.28 0.37
C ILE B 244 18.89 -9.45 1.64
N GLN B 245 17.67 -9.46 2.12
CA GLN B 245 17.38 -8.78 3.36
C GLN B 245 18.14 -9.42 4.48
N MET B 246 18.25 -10.74 4.46
CA MET B 246 19.00 -11.46 5.49
C MET B 246 20.47 -11.09 5.39
N ALA B 247 21.02 -11.08 4.18
CA ALA B 247 22.46 -10.72 4.00
C ALA B 247 22.75 -9.32 4.50
N GLU B 248 21.83 -8.43 4.19
CA GLU B 248 21.99 -7.03 4.48
C GLU B 248 21.99 -6.74 5.98
N SER B 249 21.11 -7.42 6.71
CA SER B 249 21.07 -7.28 8.15
C SER B 249 22.39 -7.72 8.78
N TYR B 250 23.03 -8.74 8.20
CA TYR B 250 24.31 -9.23 8.69
C TYR B 250 25.35 -8.16 8.31
N LEU B 251 25.36 -7.73 7.07
CA LEU B 251 26.43 -6.84 6.62
C LEU B 251 26.37 -5.45 7.31
N LYS B 252 25.17 -5.03 7.69
CA LYS B 252 24.99 -3.72 8.30
C LYS B 252 24.83 -3.74 9.81
N ASP B 253 24.93 -4.95 10.38
CA ASP B 253 24.72 -5.21 11.82
C ASP B 253 23.41 -4.59 12.27
N LYS B 254 22.38 -4.85 11.50
CA LYS B 254 21.14 -4.13 11.64
C LYS B 254 20.28 -4.62 12.82
N LYS B 255 20.38 -5.90 13.18
CA LYS B 255 19.57 -6.50 14.25
C LYS B 255 18.08 -6.57 13.83
N ARG B 256 17.83 -6.79 12.54
CA ARG B 256 16.47 -7.04 12.06
C ARG B 256 16.01 -8.32 12.72
N VAL B 257 14.73 -8.37 13.09
CA VAL B 257 14.11 -9.62 13.48
C VAL B 257 13.51 -10.32 12.23
N LEU B 258 14.05 -11.49 11.87
CA LEU B 258 13.70 -12.14 10.63
C LEU B 258 13.47 -13.59 10.91
N PRO B 259 12.38 -14.16 10.38
CA PRO B 259 12.19 -15.58 10.49
C PRO B 259 13.11 -16.33 9.50
N VAL B 260 14.02 -17.14 10.05
CA VAL B 260 14.93 -17.93 9.27
C VAL B 260 15.02 -19.35 9.87
N ALA B 261 15.47 -20.30 9.05
CA ALA B 261 15.73 -21.64 9.54
C ALA B 261 17.05 -21.57 10.28
N ALA B 262 17.01 -21.87 11.56
CA ALA B 262 18.18 -21.78 12.42
C ALA B 262 18.27 -22.98 13.34
N GLN B 263 19.50 -23.26 13.81
CA GLN B 263 19.72 -24.33 14.74
C GLN B 263 19.22 -23.95 16.13
N LEU B 264 18.26 -24.70 16.63
CA LEU B 264 17.81 -24.53 17.99
C LEU B 264 18.74 -25.31 18.94
N SER B 265 18.93 -24.76 20.13
CA SER B 265 19.61 -25.47 21.20
C SER B 265 18.86 -25.38 22.54
N GLY B 266 17.62 -25.85 22.55
CA GLY B 266 16.79 -25.90 23.76
C GLY B 266 15.45 -25.19 23.59
N GLN B 267 15.44 -24.16 22.75
CA GLN B 267 14.24 -23.35 22.53
C GLN B 267 13.13 -24.20 21.98
N TYR B 268 11.95 -24.08 22.58
CA TYR B 268 10.74 -24.82 22.15
C TYR B 268 10.94 -26.31 22.34
N GLY B 269 11.91 -26.68 23.19
CA GLY B 269 12.17 -28.09 23.48
C GLY B 269 12.98 -28.81 22.43
N VAL B 270 13.64 -28.08 21.54
CA VAL B 270 14.27 -28.72 20.37
C VAL B 270 15.78 -28.50 20.39
N LYS B 271 16.54 -29.55 20.17
CA LYS B 271 17.99 -29.46 20.09
C LYS B 271 18.45 -30.10 18.82
N ASP B 272 19.61 -29.64 18.34
CA ASP B 272 20.34 -30.20 17.19
C ASP B 272 19.49 -30.33 15.95
N MET B 273 18.75 -29.28 15.64
CA MET B 273 17.91 -29.28 14.47
C MET B 273 17.61 -27.85 14.05
N TYR B 274 17.46 -27.69 12.75
CA TYR B 274 17.16 -26.42 12.12
C TYR B 274 15.65 -26.34 12.01
N VAL B 275 15.11 -25.27 12.56
CA VAL B 275 13.67 -24.95 12.49
C VAL B 275 13.51 -23.45 12.18
N GLY B 276 12.47 -23.13 11.42
CA GLY B 276 12.10 -21.75 11.16
C GLY B 276 11.63 -21.06 12.44
N VAL B 277 12.40 -20.07 12.90
CA VAL B 277 12.04 -19.27 14.05
C VAL B 277 12.46 -17.79 13.81
N PRO B 278 11.74 -16.85 14.41
CA PRO B 278 12.18 -15.47 14.24
C PRO B 278 13.44 -15.25 15.03
N THR B 279 14.40 -14.54 14.44
CA THR B 279 15.73 -14.45 15.00
C THR B 279 16.23 -13.03 14.82
N VAL B 280 17.11 -12.58 15.71
CA VAL B 280 17.86 -11.35 15.49
C VAL B 280 19.13 -11.66 14.69
N ILE B 281 19.24 -10.99 13.54
CA ILE B 281 20.37 -11.14 12.66
C ILE B 281 21.23 -9.89 12.66
N GLY B 282 22.49 -10.07 13.00
CA GLY B 282 23.46 -9.00 13.04
C GLY B 282 24.82 -9.50 12.59
N ALA B 283 25.84 -8.73 12.93
CA ALA B 283 27.23 -8.98 12.53
C ALA B 283 27.83 -10.31 13.00
N ASN B 284 27.21 -10.92 13.99
CA ASN B 284 27.59 -12.25 14.42
C ASN B 284 26.61 -13.33 13.96
N GLY B 285 25.80 -13.05 12.94
CA GLY B 285 24.90 -14.01 12.39
C GLY B 285 23.64 -14.11 13.24
N VAL B 286 23.20 -15.33 13.52
CA VAL B 286 22.06 -15.55 14.43
C VAL B 286 22.50 -15.17 15.83
N GLU B 287 22.04 -13.99 16.28
CA GLU B 287 22.46 -13.43 17.57
C GLU B 287 21.44 -13.73 18.67
N ARG B 288 20.19 -13.97 18.31
CA ARG B 288 19.17 -14.32 19.28
C ARG B 288 18.04 -15.03 18.58
N ILE B 289 17.63 -16.18 19.10
CA ILE B 289 16.48 -16.90 18.58
C ILE B 289 15.32 -16.54 19.48
N ILE B 290 14.22 -16.06 18.91
CA ILE B 290 13.12 -15.59 19.71
C ILE B 290 12.22 -16.77 20.12
N GLU B 291 12.05 -16.92 21.43
CA GLU B 291 11.23 -17.98 21.97
C GLU B 291 10.02 -17.40 22.65
N ILE B 292 8.87 -17.80 22.16
CA ILE B 292 7.61 -17.43 22.77
C ILE B 292 6.95 -18.63 23.36
N ASP B 293 5.98 -18.37 24.21
CA ASP B 293 5.07 -19.40 24.69
C ASP B 293 4.04 -19.72 23.62
N LEU B 294 3.69 -20.99 23.54
CA LEU B 294 2.75 -21.50 22.57
C LEU B 294 1.64 -22.17 23.35
N ASP B 295 0.39 -21.97 22.93
CA ASP B 295 -0.70 -22.72 23.52
C ASP B 295 -0.67 -24.15 23.00
N LYS B 296 -1.48 -25.03 23.58
CA LYS B 296 -1.38 -26.46 23.27
C LYS B 296 -1.58 -26.74 21.77
N ASP B 297 -2.51 -26.05 21.13
CA ASP B 297 -2.77 -26.27 19.70
C ASP B 297 -1.59 -25.83 18.84
N GLU B 298 -1.07 -24.65 19.13
CA GLU B 298 0.10 -24.11 18.43
C GLU B 298 1.29 -25.03 18.63
N LYS B 299 1.47 -25.52 19.84
CA LYS B 299 2.59 -26.39 20.14
C LYS B 299 2.49 -27.76 19.43
N ALA B 300 1.27 -28.28 19.31
CA ALA B 300 1.06 -29.49 18.52
C ALA B 300 1.40 -29.25 17.05
N GLN B 301 0.97 -28.11 16.49
CA GLN B 301 1.30 -27.77 15.10
C GLN B 301 2.81 -27.65 14.92
N PHE B 302 3.48 -26.95 15.84
CA PHE B 302 4.93 -26.81 15.85
C PHE B 302 5.64 -28.17 15.92
N ASP B 303 5.22 -29.05 16.83
CA ASP B 303 5.84 -30.35 16.98
C ASP B 303 5.67 -31.22 15.75
N LYS B 304 4.51 -31.14 15.12
CA LYS B 304 4.28 -31.93 13.90
C LYS B 304 5.24 -31.45 12.77
N SER B 305 5.41 -30.14 12.66
CA SER B 305 6.30 -29.55 11.68
C SER B 305 7.75 -29.94 11.95
N VAL B 306 8.20 -29.82 13.20
CA VAL B 306 9.56 -30.24 13.57
C VAL B 306 9.80 -31.74 13.33
N ALA B 307 8.81 -32.60 13.63
CA ALA B 307 8.95 -34.04 13.43
C ALA B 307 9.10 -34.34 11.94
N SER B 308 8.40 -33.60 11.11
CA SER B 308 8.46 -33.86 9.71
C SER B 308 9.83 -33.36 9.17
N VAL B 309 10.37 -32.30 9.76
CA VAL B 309 11.74 -31.90 9.46
C VAL B 309 12.75 -32.96 9.95
N ALA B 310 12.58 -33.46 11.17
CA ALA B 310 13.46 -34.54 11.66
C ALA B 310 13.46 -35.75 10.71
N GLY B 311 12.31 -36.12 10.16
CA GLY B 311 12.21 -37.30 9.28
C GLY B 311 12.98 -37.11 7.98
N LEU B 312 12.99 -35.88 7.47
CA LEU B 312 13.75 -35.55 6.25
C LEU B 312 15.25 -35.68 6.51
N CYS B 313 15.71 -35.09 7.60
CA CYS B 313 17.11 -35.22 8.02
C CYS B 313 17.54 -36.66 8.28
N GLU B 314 16.67 -37.48 8.89
CA GLU B 314 16.94 -38.90 9.02
C GLU B 314 17.12 -39.59 7.68
N ALA B 315 16.27 -39.30 6.70
CA ALA B 315 16.41 -39.90 5.37
C ALA B 315 17.70 -39.41 4.68
N CYS B 316 18.15 -38.19 5.00
CA CYS B 316 19.49 -37.72 4.56
C CYS B 316 20.63 -38.51 5.21
N ILE B 317 20.47 -38.91 6.47
CA ILE B 317 21.49 -39.72 7.15
C ILE B 317 21.65 -41.10 6.48
N GLY B 318 20.55 -41.66 5.99
CA GLY B 318 20.60 -42.90 5.20
C GLY B 318 21.29 -42.78 3.84
N ILE B 319 21.17 -41.62 3.20
CA ILE B 319 21.87 -41.35 1.94
C ILE B 319 23.33 -40.98 2.18
N ALA B 320 23.59 -40.16 3.21
CA ALA B 320 24.95 -39.77 3.59
C ALA B 320 25.14 -39.96 5.11
N PRO B 321 25.65 -41.15 5.51
CA PRO B 321 25.96 -41.54 6.90
C PRO B 321 26.93 -40.62 7.61
N SER B 322 27.76 -39.90 6.86
CA SER B 322 28.64 -38.90 7.46
C SER B 322 27.88 -37.81 8.27
N LEU B 323 26.60 -37.62 7.99
CA LEU B 323 25.77 -36.64 8.71
C LEU B 323 25.30 -37.08 10.12
N LYS B 324 25.51 -38.35 10.47
CA LYS B 324 25.09 -38.86 11.78
C LYS B 324 26.16 -38.57 12.81
N ALA C 6 -3.10 10.17 -8.33
CA ALA C 6 -3.02 8.79 -8.90
C ALA C 6 -1.55 8.46 -9.25
N ARG C 7 -1.09 7.26 -8.90
CA ARG C 7 0.29 6.89 -9.22
C ARG C 7 0.54 6.84 -10.74
N ASN C 8 1.78 7.04 -11.15
CA ASN C 8 2.19 6.75 -12.52
C ASN C 8 1.88 5.29 -12.83
N LYS C 9 1.67 4.97 -14.10
CA LYS C 9 1.38 3.62 -14.55
C LYS C 9 2.35 3.23 -15.66
N ILE C 10 3.03 2.11 -15.49
CA ILE C 10 4.03 1.68 -16.46
C ILE C 10 3.57 0.40 -17.10
N ALA C 11 3.48 0.38 -18.42
CA ALA C 11 3.04 -0.81 -19.13
C ALA C 11 4.23 -1.48 -19.86
N LEU C 12 4.43 -2.75 -19.60
CA LEU C 12 5.54 -3.48 -20.18
C LEU C 12 4.98 -4.42 -21.22
N ILE C 13 5.17 -4.08 -22.49
CA ILE C 13 4.70 -4.93 -23.56
C ILE C 13 5.76 -5.95 -23.92
N GLY C 14 5.58 -7.14 -23.34
CA GLY C 14 6.58 -8.18 -23.31
C GLY C 14 7.04 -8.42 -21.88
N SER C 15 6.84 -9.65 -21.42
CA SER C 15 7.20 -10.13 -20.08
C SER C 15 8.24 -11.26 -20.05
N GLY C 16 9.18 -11.23 -20.98
CA GLY C 16 10.31 -12.17 -20.95
C GLY C 16 11.41 -11.73 -20.01
N MET C 17 12.65 -11.97 -20.39
CA MET C 17 13.78 -11.76 -19.49
C MET C 17 13.94 -10.25 -19.19
N ILE C 18 13.84 -9.43 -20.22
CA ILE C 18 14.01 -8.00 -20.07
C ILE C 18 12.79 -7.45 -19.39
N GLY C 19 11.61 -7.87 -19.85
CA GLY C 19 10.37 -7.39 -19.23
C GLY C 19 10.27 -7.61 -17.71
N GLY C 20 10.63 -8.79 -17.26
CA GLY C 20 10.57 -9.06 -15.84
C GLY C 20 11.56 -8.19 -15.10
N THR C 21 12.73 -7.97 -15.69
CA THR C 21 13.70 -7.07 -15.09
C THR C 21 13.18 -5.62 -15.07
N LEU C 22 12.53 -5.19 -16.14
CA LEU C 22 11.91 -3.84 -16.18
C LEU C 22 10.93 -3.72 -15.01
N ALA C 23 10.11 -4.73 -14.79
CA ALA C 23 9.11 -4.68 -13.70
C ALA C 23 9.79 -4.58 -12.34
N HIS C 24 10.81 -5.40 -12.14
CA HIS C 24 11.48 -5.45 -10.84
C HIS C 24 12.06 -4.09 -10.52
N LEU C 25 12.74 -3.49 -11.50
CA LEU C 25 13.40 -2.23 -11.28
C LEU C 25 12.37 -1.11 -11.04
N ALA C 26 11.25 -1.18 -11.74
CA ALA C 26 10.19 -0.18 -11.61
C ALA C 26 9.61 -0.23 -10.20
N GLY C 27 9.48 -1.43 -9.64
CA GLY C 27 9.05 -1.57 -8.24
C GLY C 27 10.07 -1.01 -7.28
N LEU C 28 11.32 -1.46 -7.42
CA LEU C 28 12.42 -1.07 -6.54
C LEU C 28 12.58 0.45 -6.56
N LYS C 29 12.47 1.05 -7.72
CA LYS C 29 12.65 2.50 -7.82
C LYS C 29 11.37 3.29 -7.62
N GLU C 30 10.29 2.59 -7.26
CA GLU C 30 9.00 3.21 -6.95
C GLU C 30 8.53 4.14 -8.08
N LEU C 31 8.66 3.70 -9.32
CA LEU C 31 8.23 4.49 -10.46
C LEU C 31 6.73 4.50 -10.66
N GLY C 32 6.04 3.54 -10.07
CA GLY C 32 4.58 3.50 -10.08
C GLY C 32 4.01 2.10 -10.22
N ASP C 33 2.72 2.05 -10.59
CA ASP C 33 2.04 0.78 -10.84
C ASP C 33 2.53 0.20 -12.16
N VAL C 34 2.54 -1.11 -12.25
CA VAL C 34 3.17 -1.80 -13.36
C VAL C 34 2.18 -2.83 -13.90
N VAL C 35 1.97 -2.79 -15.21
CA VAL C 35 1.26 -3.82 -15.91
C VAL C 35 2.23 -4.58 -16.76
N LEU C 36 2.28 -5.88 -16.58
CA LEU C 36 3.06 -6.75 -17.43
C LEU C 36 2.11 -7.32 -18.46
N PHE C 37 2.36 -7.07 -19.73
CA PHE C 37 1.51 -7.65 -20.78
C PHE C 37 2.35 -8.64 -21.58
N ASP C 38 1.72 -9.73 -22.03
CA ASP C 38 2.37 -10.68 -22.95
C ASP C 38 1.29 -11.43 -23.74
N ILE C 39 1.73 -12.13 -24.79
CA ILE C 39 0.89 -13.08 -25.52
C ILE C 39 0.78 -14.39 -24.72
N ALA C 40 1.86 -14.77 -24.04
CA ALA C 40 1.86 -16.03 -23.26
C ALA C 40 1.00 -15.87 -22.02
N GLU C 41 0.10 -16.82 -21.80
CA GLU C 41 -0.73 -16.85 -20.61
C GLU C 41 0.08 -17.34 -19.42
N GLY C 42 -0.08 -16.67 -18.27
CA GLY C 42 0.54 -17.12 -17.05
C GLY C 42 1.84 -16.41 -16.74
N THR C 43 2.71 -16.27 -17.74
CA THR C 43 4.03 -15.64 -17.62
C THR C 43 3.96 -14.25 -17.02
N PRO C 44 3.18 -13.32 -17.59
CA PRO C 44 3.09 -11.99 -16.97
C PRO C 44 2.36 -11.97 -15.61
N GLN C 45 1.32 -12.79 -15.45
CA GLN C 45 0.63 -12.93 -14.15
C GLN C 45 1.61 -13.47 -13.07
N GLY C 46 2.39 -14.49 -13.41
CA GLY C 46 3.35 -15.10 -12.47
C GLY C 46 4.41 -14.13 -11.97
N LYS C 47 5.07 -13.48 -12.92
CA LYS C 47 6.13 -12.59 -12.65
C LYS C 47 5.58 -11.41 -11.88
N GLY C 48 4.42 -10.90 -12.27
CA GLY C 48 3.86 -9.77 -11.59
C GLY C 48 3.56 -10.04 -10.11
N LEU C 49 2.98 -11.20 -9.85
CA LEU C 49 2.66 -11.64 -8.49
C LEU C 49 3.94 -11.92 -7.67
N ASP C 50 4.97 -12.41 -8.33
CA ASP C 50 6.26 -12.68 -7.65
C ASP C 50 6.87 -11.35 -7.19
N ILE C 51 6.94 -10.38 -8.11
CA ILE C 51 7.47 -9.09 -7.75
C ILE C 51 6.60 -8.38 -6.70
N ALA C 52 5.27 -8.43 -6.85
CA ALA C 52 4.36 -7.92 -5.83
C ALA C 52 4.61 -8.54 -4.46
N GLU C 53 4.83 -9.84 -4.43
CA GLU C 53 5.04 -10.54 -3.16
C GLU C 53 6.40 -10.12 -2.52
N SER C 54 7.31 -9.62 -3.35
CA SER C 54 8.61 -9.19 -2.85
C SER C 54 8.53 -7.84 -2.21
N SER C 55 7.44 -7.12 -2.47
CA SER C 55 7.36 -5.69 -2.15
C SER C 55 7.39 -5.38 -0.66
N PRO C 56 6.82 -6.25 0.17
CA PRO C 56 6.94 -5.99 1.61
C PRO C 56 8.40 -6.07 2.16
N VAL C 57 9.30 -6.77 1.48
CA VAL C 57 10.67 -6.89 1.97
C VAL C 57 11.33 -5.52 1.98
N ASP C 58 11.31 -4.84 0.83
CA ASP C 58 11.87 -3.49 0.69
C ASP C 58 10.90 -2.38 1.05
N GLY C 59 9.60 -2.69 1.07
CA GLY C 59 8.61 -1.72 1.54
C GLY C 59 8.09 -0.78 0.47
N PHE C 60 8.18 -1.15 -0.80
CA PHE C 60 7.58 -0.33 -1.85
C PHE C 60 6.13 -0.74 -2.07
N ASP C 61 5.28 0.23 -2.34
CA ASP C 61 3.85 0.02 -2.55
C ASP C 61 3.54 0.35 -4.00
N ALA C 62 3.32 -0.71 -4.77
CA ALA C 62 2.93 -0.58 -6.17
C ALA C 62 2.07 -1.78 -6.55
N LYS C 63 1.08 -1.56 -7.42
CA LYS C 63 0.30 -2.67 -7.96
C LYS C 63 1.01 -3.25 -9.17
N PHE C 64 1.13 -4.56 -9.18
CA PHE C 64 1.63 -5.34 -10.31
C PHE C 64 0.51 -6.21 -10.84
N THR C 65 0.24 -6.08 -12.14
CA THR C 65 -0.84 -6.80 -12.82
C THR C 65 -0.18 -7.49 -13.98
N GLY C 66 -0.57 -8.73 -14.25
CA GLY C 66 -0.24 -9.38 -15.48
C GLY C 66 -1.46 -9.40 -16.34
N ALA C 67 -1.28 -9.29 -17.64
CA ALA C 67 -2.39 -9.28 -18.58
C ALA C 67 -2.01 -9.88 -19.92
N ASN C 68 -3.04 -10.38 -20.59
CA ASN C 68 -2.98 -10.82 -21.97
C ASN C 68 -3.94 -9.98 -22.83
N ASP C 69 -4.56 -8.95 -22.27
CA ASP C 69 -5.50 -8.08 -22.99
C ASP C 69 -4.90 -6.67 -22.98
N TYR C 70 -4.84 -6.03 -24.16
CA TYR C 70 -4.31 -4.67 -24.29
C TYR C 70 -5.10 -3.67 -23.49
N ALA C 71 -6.36 -3.95 -23.18
CA ALA C 71 -7.14 -3.00 -22.38
C ALA C 71 -6.45 -2.79 -21.07
N ALA C 72 -5.69 -3.78 -20.60
CA ALA C 72 -4.91 -3.60 -19.35
C ALA C 72 -3.95 -2.38 -19.36
N ILE C 73 -3.48 -1.96 -20.53
CA ILE C 73 -2.48 -0.89 -20.57
C ILE C 73 -3.11 0.51 -20.58
N GLU C 74 -4.43 0.58 -20.41
CA GLU C 74 -5.12 1.85 -20.57
C GLU C 74 -4.59 2.95 -19.67
N GLY C 75 -4.29 4.08 -20.31
CA GLY C 75 -3.83 5.27 -19.60
C GLY C 75 -2.36 5.21 -19.16
N ALA C 76 -1.60 4.22 -19.64
CA ALA C 76 -0.21 4.08 -19.22
C ALA C 76 0.58 5.37 -19.51
N ASP C 77 1.32 5.85 -18.50
CA ASP C 77 2.22 6.97 -18.70
C ASP C 77 3.43 6.60 -19.54
N VAL C 78 3.94 5.38 -19.35
CA VAL C 78 5.10 4.92 -20.09
C VAL C 78 4.81 3.53 -20.56
N VAL C 79 5.28 3.22 -21.76
CA VAL C 79 5.13 1.92 -22.34
C VAL C 79 6.47 1.46 -22.83
N ILE C 80 6.94 0.34 -22.31
CA ILE C 80 8.21 -0.20 -22.72
C ILE C 80 7.98 -1.53 -23.44
N VAL C 81 8.53 -1.62 -24.64
CA VAL C 81 8.16 -2.69 -25.57
C VAL C 81 9.34 -3.58 -25.81
N THR C 82 9.24 -4.81 -25.34
CA THR C 82 10.20 -5.87 -25.64
C THR C 82 9.59 -7.04 -26.43
N ALA C 83 8.29 -6.99 -26.73
CA ALA C 83 7.61 -8.01 -27.51
C ALA C 83 8.32 -8.28 -28.85
N GLY C 84 8.52 -9.56 -29.12
CA GLY C 84 9.21 -10.02 -30.29
C GLY C 84 9.64 -11.47 -30.13
N VAL C 85 10.27 -11.99 -31.17
CA VAL C 85 10.81 -13.34 -31.14
C VAL C 85 12.31 -13.28 -31.39
N PRO C 86 13.06 -14.21 -30.79
CA PRO C 86 14.51 -14.22 -31.01
C PRO C 86 14.90 -14.76 -32.41
N ARG C 87 15.99 -14.23 -32.95
CA ARG C 87 16.64 -14.86 -34.12
C ARG C 87 17.06 -16.27 -33.67
N LYS C 88 16.43 -17.29 -34.28
CA LYS C 88 16.62 -18.69 -33.89
C LYS C 88 17.22 -19.53 -35.05
N ASP C 94 16.78 -11.87 -42.10
CA ASP C 94 15.80 -10.95 -42.67
C ASP C 94 14.39 -11.55 -42.65
N ASP C 95 14.26 -12.78 -42.15
CA ASP C 95 12.94 -13.35 -41.78
C ASP C 95 12.51 -12.88 -40.37
N LEU C 96 13.50 -12.55 -39.53
CA LEU C 96 13.25 -12.00 -38.19
C LEU C 96 12.45 -10.69 -38.32
N LEU C 97 12.96 -9.86 -39.22
CA LEU C 97 12.31 -8.60 -39.59
C LEU C 97 10.82 -8.82 -39.82
N GLY C 98 10.47 -9.87 -40.51
CA GLY C 98 9.08 -10.09 -40.85
C GLY C 98 8.15 -10.39 -39.69
N ILE C 99 8.62 -11.26 -38.81
CA ILE C 99 7.80 -11.67 -37.67
C ILE C 99 7.67 -10.50 -36.69
N ASN C 100 8.79 -9.84 -36.42
CA ASN C 100 8.84 -8.75 -35.46
C ASN C 100 8.10 -7.47 -35.89
N LEU C 101 8.07 -7.21 -37.20
CA LEU C 101 7.27 -6.13 -37.80
C LEU C 101 5.79 -6.40 -37.56
N LYS C 102 5.37 -7.66 -37.70
CA LYS C 102 3.99 -8.03 -37.35
C LYS C 102 3.65 -7.77 -35.86
N VAL C 103 4.62 -8.04 -34.98
CA VAL C 103 4.47 -7.77 -33.57
C VAL C 103 4.35 -6.25 -33.36
N MET C 104 5.20 -5.46 -33.99
CA MET C 104 5.11 -4.02 -33.84
C MET C 104 3.76 -3.47 -34.29
N GLU C 105 3.16 -4.13 -35.28
CA GLU C 105 1.86 -3.73 -35.80
C GLU C 105 0.80 -4.01 -34.73
N GLN C 106 0.85 -5.17 -34.10
CA GLN C 106 -0.09 -5.44 -33.01
C GLN C 106 0.09 -4.49 -31.85
N VAL C 107 1.36 -4.31 -31.43
CA VAL C 107 1.68 -3.45 -30.29
C VAL C 107 1.29 -2.02 -30.59
N GLY C 108 1.67 -1.55 -31.77
CA GLY C 108 1.25 -0.21 -32.24
C GLY C 108 -0.25 0.00 -32.15
N ALA C 109 -1.03 -0.95 -32.65
CA ALA C 109 -2.49 -0.79 -32.62
C ALA C 109 -2.99 -0.72 -31.17
N GLY C 110 -2.38 -1.51 -30.29
CA GLY C 110 -2.78 -1.56 -28.86
C GLY C 110 -2.46 -0.29 -28.10
N ILE C 111 -1.33 0.32 -28.40
CA ILE C 111 -0.95 1.62 -27.81
C ILE C 111 -1.86 2.77 -28.33
N LYS C 112 -2.09 2.76 -29.64
CA LYS C 112 -2.96 3.77 -30.27
C LYS C 112 -4.33 3.79 -29.61
N LYS C 113 -4.93 2.61 -29.51
CA LYS C 113 -6.22 2.49 -28.85
C LYS C 113 -6.21 2.80 -27.34
N TYR C 114 -5.25 2.24 -26.60
CA TYR C 114 -5.32 2.32 -25.14
C TYR C 114 -4.36 3.31 -24.43
N ALA C 115 -3.19 3.62 -25.01
CA ALA C 115 -2.25 4.55 -24.36
C ALA C 115 -1.67 5.59 -25.35
N PRO C 116 -2.58 6.37 -25.98
CA PRO C 116 -2.13 7.27 -27.01
C PRO C 116 -1.25 8.39 -26.47
N GLU C 117 -1.37 8.66 -25.17
CA GLU C 117 -0.55 9.70 -24.55
C GLU C 117 0.75 9.18 -23.92
N ALA C 118 1.09 7.91 -24.09
CA ALA C 118 2.29 7.34 -23.41
C ALA C 118 3.62 7.80 -24.01
N PHE C 119 4.65 7.86 -23.17
CA PHE C 119 6.02 7.87 -23.62
C PHE C 119 6.34 6.39 -23.90
N VAL C 120 6.71 6.09 -25.13
CA VAL C 120 6.93 4.72 -25.59
C VAL C 120 8.44 4.55 -25.83
N ILE C 121 9.01 3.52 -25.20
CA ILE C 121 10.38 3.15 -25.38
C ILE C 121 10.39 1.78 -26.03
N CYS C 122 10.91 1.70 -27.25
CA CYS C 122 11.08 0.43 -27.96
C CYS C 122 12.43 -0.27 -27.68
N ILE C 123 12.39 -1.57 -27.41
CA ILE C 123 13.62 -2.38 -27.24
C ILE C 123 13.73 -3.49 -28.32
N THR C 124 12.60 -4.03 -28.75
CA THR C 124 12.57 -5.08 -29.78
C THR C 124 13.54 -4.90 -30.96
N ASN C 125 14.25 -5.98 -31.29
CA ASN C 125 15.19 -5.99 -32.40
C ASN C 125 14.57 -6.42 -33.74
N PRO C 126 15.21 -5.98 -34.85
CA PRO C 126 16.35 -5.04 -34.90
C PRO C 126 15.87 -3.61 -34.62
N LEU C 127 16.53 -2.95 -33.68
CA LEU C 127 15.95 -1.80 -32.95
C LEU C 127 15.67 -0.63 -33.89
N ASP C 128 16.65 -0.34 -34.71
CA ASP C 128 16.61 0.84 -35.52
C ASP C 128 15.40 0.87 -36.47
N ALA C 129 15.01 -0.27 -37.01
CA ALA C 129 13.81 -0.34 -37.85
C ALA C 129 12.55 -0.48 -37.03
N MET C 130 12.60 -1.23 -35.93
CA MET C 130 11.40 -1.53 -35.22
C MET C 130 10.80 -0.30 -34.57
N VAL C 131 11.64 0.61 -34.09
CA VAL C 131 11.09 1.81 -33.39
C VAL C 131 10.44 2.76 -34.38
N TRP C 132 11.02 2.82 -35.58
CA TRP C 132 10.50 3.59 -36.72
C TRP C 132 9.16 3.05 -37.23
N ALA C 133 9.10 1.74 -37.41
CA ALA C 133 7.83 1.06 -37.71
C ALA C 133 6.81 1.25 -36.58
N LEU C 134 7.23 1.09 -35.34
CA LEU C 134 6.29 1.22 -34.20
C LEU C 134 5.70 2.62 -34.09
N GLN C 135 6.51 3.64 -34.36
CA GLN C 135 6.02 5.01 -34.35
C GLN C 135 4.92 5.17 -35.40
N LYS C 136 5.16 4.67 -36.61
CA LYS C 136 4.20 4.81 -37.71
C LYS C 136 2.91 4.01 -37.49
N PHE C 137 3.04 2.76 -37.07
CA PHE C 137 1.87 1.93 -36.73
C PHE C 137 1.06 2.51 -35.62
N SER C 138 1.69 3.04 -34.57
CA SER C 138 0.95 3.56 -33.43
C SER C 138 0.36 4.96 -33.67
N GLY C 139 0.94 5.73 -34.58
CA GLY C 139 0.49 7.12 -34.80
C GLY C 139 0.83 8.15 -33.73
N LEU C 140 1.64 7.75 -32.76
CA LEU C 140 1.99 8.65 -31.67
C LEU C 140 2.94 9.69 -32.19
N PRO C 141 2.90 10.89 -31.60
CA PRO C 141 3.90 11.88 -31.98
C PRO C 141 5.30 11.29 -31.80
N ALA C 142 6.17 11.56 -32.77
CA ALA C 142 7.49 10.96 -32.85
C ALA C 142 8.36 11.30 -31.61
N HIS C 143 8.18 12.48 -31.06
CA HIS C 143 8.90 12.90 -29.84
C HIS C 143 8.46 12.14 -28.57
N LYS C 144 7.44 11.30 -28.68
CA LYS C 144 6.98 10.42 -27.58
C LYS C 144 7.31 8.93 -27.84
N VAL C 145 8.05 8.65 -28.91
CA VAL C 145 8.45 7.30 -29.23
C VAL C 145 9.93 7.27 -29.49
N VAL C 146 10.67 6.55 -28.64
CA VAL C 146 12.12 6.44 -28.78
C VAL C 146 12.52 4.99 -28.68
N GLY C 147 13.72 4.71 -29.11
CA GLY C 147 14.28 3.37 -29.05
C GLY C 147 15.42 3.39 -28.04
N MET C 148 15.47 2.34 -27.21
CA MET C 148 16.68 2.09 -26.37
C MET C 148 17.79 1.43 -27.16
N ALA C 149 18.94 2.07 -27.22
CA ALA C 149 20.15 1.44 -27.75
C ALA C 149 21.41 2.11 -27.24
N GLY C 150 21.53 3.39 -27.52
CA GLY C 150 22.73 4.12 -27.20
C GLY C 150 23.13 4.03 -25.73
N VAL C 151 22.14 4.05 -24.84
CA VAL C 151 22.37 4.04 -23.42
C VAL C 151 23.09 2.74 -23.02
N LEU C 152 22.70 1.65 -23.64
CA LEU C 152 23.34 0.37 -23.42
C LEU C 152 24.76 0.32 -23.96
N ASP C 153 24.98 0.71 -25.21
CA ASP C 153 26.35 0.74 -25.73
C ASP C 153 27.19 1.63 -24.85
N SER C 154 26.60 2.74 -24.43
CA SER C 154 27.21 3.69 -23.55
C SER C 154 27.58 3.14 -22.15
N ALA C 155 26.64 2.43 -21.52
CA ALA C 155 26.89 1.69 -20.29
C ALA C 155 28.06 0.70 -20.45
N ARG C 156 28.08 -0.07 -21.54
CA ARG C 156 29.14 -1.07 -21.71
C ARG C 156 30.49 -0.40 -21.79
N PHE C 157 30.54 0.66 -22.61
CA PHE C 157 31.74 1.39 -22.89
C PHE C 157 32.24 2.03 -21.59
N ARG C 158 31.33 2.66 -20.84
CA ARG C 158 31.75 3.31 -19.61
C ARG C 158 32.34 2.30 -18.66
N TYR C 159 31.69 1.13 -18.59
CA TYR C 159 32.12 0.11 -17.69
C TYR C 159 33.53 -0.37 -18.01
N PHE C 160 33.74 -0.74 -19.27
CA PHE C 160 35.07 -1.09 -19.78
C PHE C 160 36.13 -0.04 -19.52
N LEU C 161 35.78 1.25 -19.69
CA LEU C 161 36.77 2.29 -19.39
C LEU C 161 37.03 2.38 -17.90
N SER C 162 35.99 2.17 -17.09
CA SER C 162 36.14 2.34 -15.66
C SER C 162 37.12 1.28 -15.14
N GLU C 163 37.09 0.09 -15.72
CA GLU C 163 37.99 -1.00 -15.37
C GLU C 163 39.42 -0.69 -15.82
N GLU C 164 39.53 -0.10 -17.02
CA GLU C 164 40.83 0.22 -17.63
C GLU C 164 41.58 1.21 -16.76
N PHE C 165 40.88 2.26 -16.34
CA PHE C 165 41.45 3.34 -15.56
C PHE C 165 41.30 3.17 -14.03
N ASN C 166 40.54 2.18 -13.60
CA ASN C 166 40.23 1.97 -12.16
C ASN C 166 39.69 3.23 -11.52
N VAL C 167 38.69 3.83 -12.16
CA VAL C 167 37.93 4.94 -11.58
C VAL C 167 36.46 4.53 -11.55
N SER C 168 35.69 5.20 -10.71
CA SER C 168 34.26 5.00 -10.61
C SER C 168 33.53 5.13 -11.95
N VAL C 169 32.49 4.31 -12.11
CA VAL C 169 31.70 4.37 -13.34
C VAL C 169 31.09 5.76 -13.44
N GLU C 170 30.91 6.43 -12.30
CA GLU C 170 30.23 7.73 -12.29
C GLU C 170 31.05 8.85 -12.91
N ASP C 171 32.35 8.67 -12.98
CA ASP C 171 33.22 9.67 -13.56
C ASP C 171 33.59 9.43 -15.02
N VAL C 172 32.97 8.43 -15.65
CA VAL C 172 33.20 8.14 -17.06
C VAL C 172 31.98 8.60 -17.86
N THR C 173 32.23 9.35 -18.93
CA THR C 173 31.18 9.76 -19.86
C THR C 173 31.61 9.29 -21.24
N VAL C 174 30.69 8.80 -22.03
CA VAL C 174 30.98 8.48 -23.42
C VAL C 174 29.92 9.11 -24.34
N PHE C 175 30.31 9.37 -25.59
CA PHE C 175 29.46 10.00 -26.55
C PHE C 175 29.28 8.99 -27.67
N VAL C 176 28.07 8.53 -27.85
CA VAL C 176 27.79 7.51 -28.82
C VAL C 176 26.63 7.90 -29.74
N LEU C 177 26.91 7.89 -31.05
CA LEU C 177 25.87 8.11 -32.08
C LEU C 177 25.59 6.77 -32.74
N GLY C 178 24.42 6.69 -33.37
CA GLY C 178 24.04 5.54 -34.18
C GLY C 178 23.53 4.36 -33.35
N GLY C 179 23.72 3.15 -33.88
CA GLY C 179 23.25 1.93 -33.23
C GLY C 179 24.37 1.02 -32.75
N HIS C 180 24.03 -0.26 -32.60
CA HIS C 180 24.91 -1.29 -32.10
C HIS C 180 25.85 -1.81 -33.17
N GLY C 181 26.92 -2.46 -32.73
CA GLY C 181 27.85 -3.13 -33.65
C GLY C 181 28.51 -2.17 -34.62
N ASP C 182 28.58 -2.58 -35.89
CA ASP C 182 29.23 -1.78 -36.95
C ASP C 182 28.52 -0.46 -37.24
N SER C 183 27.27 -0.33 -36.81
CA SER C 183 26.54 0.91 -36.98
C SER C 183 26.76 1.93 -35.85
N MET C 184 27.52 1.57 -34.80
CA MET C 184 27.87 2.51 -33.73
C MET C 184 28.91 3.50 -34.27
N VAL C 185 28.74 4.76 -33.89
CA VAL C 185 29.65 5.85 -34.17
C VAL C 185 30.05 6.52 -32.85
N PRO C 186 31.03 5.95 -32.15
CA PRO C 186 31.54 6.53 -30.92
C PRO C 186 32.48 7.66 -31.21
N LEU C 187 32.44 8.70 -30.36
CA LEU C 187 33.32 9.84 -30.53
C LEU C 187 34.23 9.87 -29.30
N ALA C 188 35.45 9.38 -29.45
CA ALA C 188 36.39 9.29 -28.31
C ALA C 188 36.64 10.69 -27.74
N ARG C 189 36.69 11.67 -28.62
CA ARG C 189 36.99 13.07 -28.25
C ARG C 189 35.95 13.75 -27.37
N TYR C 190 34.72 13.24 -27.39
CA TYR C 190 33.64 13.74 -26.56
C TYR C 190 33.30 12.72 -25.49
N SER C 191 34.28 11.86 -25.20
CA SER C 191 34.19 10.88 -24.14
C SER C 191 35.29 11.24 -23.12
N THR C 192 34.98 11.16 -21.84
CA THR C 192 35.84 11.68 -20.84
C THR C 192 35.89 10.83 -19.57
N VAL C 193 37.00 11.07 -18.83
CA VAL C 193 37.11 10.77 -17.42
C VAL C 193 37.28 12.09 -16.68
N ALA C 194 36.29 12.42 -15.85
CA ALA C 194 36.30 13.69 -15.08
C ALA C 194 36.53 14.93 -15.93
N GLY C 195 36.03 14.93 -17.14
CA GLY C 195 36.18 16.09 -18.03
C GLY C 195 37.36 15.99 -19.01
N ILE C 196 38.27 15.02 -18.79
CA ILE C 196 39.46 14.83 -19.57
C ILE C 196 39.15 13.86 -20.72
N PRO C 197 39.28 14.32 -21.96
CA PRO C 197 38.86 13.45 -23.05
C PRO C 197 39.81 12.29 -23.25
N LEU C 198 39.29 11.21 -23.83
CA LEU C 198 40.02 9.95 -23.87
C LEU C 198 41.33 10.15 -24.62
N PRO C 199 41.34 10.98 -25.68
CA PRO C 199 42.63 11.17 -26.35
C PRO C 199 43.69 11.84 -25.49
N ASP C 200 43.30 12.72 -24.57
CA ASP C 200 44.32 13.28 -23.67
C ASP C 200 44.78 12.22 -22.67
N LEU C 201 43.86 11.36 -22.27
CA LEU C 201 44.18 10.26 -21.35
C LEU C 201 45.19 9.29 -21.98
N VAL C 202 45.01 8.99 -23.26
CA VAL C 202 46.05 8.28 -24.07
C VAL C 202 47.40 9.02 -24.04
N LYS C 203 47.37 10.33 -24.25
CA LYS C 203 48.57 11.20 -24.18
C LYS C 203 49.25 11.16 -22.81
N MET C 204 48.47 11.08 -21.73
CA MET C 204 48.99 11.08 -20.36
C MET C 204 49.48 9.69 -19.91
N GLY C 205 49.19 8.66 -20.69
CA GLY C 205 49.72 7.35 -20.45
C GLY C 205 48.78 6.48 -19.64
N TRP C 206 47.50 6.87 -19.54
CA TRP C 206 46.53 6.14 -18.71
C TRP C 206 46.12 4.86 -19.38
N THR C 207 46.25 4.82 -20.68
CA THR C 207 46.03 3.62 -21.46
C THR C 207 46.72 3.89 -22.80
N SER C 208 46.65 2.94 -23.69
CA SER C 208 47.23 3.12 -25.00
C SER C 208 46.10 3.20 -26.04
N GLN C 209 46.43 3.73 -27.22
CA GLN C 209 45.48 3.78 -28.33
C GLN C 209 45.01 2.40 -28.69
N ASP C 210 45.91 1.40 -28.64
CA ASP C 210 45.55 0.04 -29.02
C ASP C 210 44.53 -0.55 -28.01
N LYS C 211 44.70 -0.27 -26.72
CA LYS C 211 43.74 -0.74 -25.73
C LYS C 211 42.37 -0.02 -25.82
N LEU C 212 42.39 1.27 -26.16
CA LEU C 212 41.17 2.04 -26.42
C LEU C 212 40.44 1.49 -27.64
N ASP C 213 41.19 1.26 -28.71
CA ASP C 213 40.64 0.64 -29.91
C ASP C 213 39.95 -0.66 -29.56
N LYS C 214 40.57 -1.47 -28.68
CA LYS C 214 40.03 -2.77 -28.32
C LYS C 214 38.74 -2.59 -27.48
N ILE C 215 38.74 -1.61 -26.58
CA ILE C 215 37.55 -1.30 -25.78
C ILE C 215 36.38 -0.88 -26.67
N ILE C 216 36.63 -0.06 -27.67
CA ILE C 216 35.62 0.30 -28.66
C ILE C 216 35.04 -0.92 -29.38
N GLN C 217 35.91 -1.82 -29.82
CA GLN C 217 35.46 -3.00 -30.57
C GLN C 217 34.67 -3.90 -29.64
N ARG C 218 35.15 -4.05 -28.40
CA ARG C 218 34.40 -4.79 -27.40
C ARG C 218 32.97 -4.22 -27.25
N THR C 219 32.84 -2.90 -27.33
CA THR C 219 31.55 -2.25 -27.18
C THR C 219 30.65 -2.60 -28.37
N ARG C 220 31.21 -2.56 -29.57
CA ARG C 220 30.46 -2.97 -30.80
C ARG C 220 29.91 -4.37 -30.63
N ASP C 221 30.77 -5.24 -30.08
CA ASP C 221 30.49 -6.68 -29.98
C ASP C 221 29.83 -7.04 -28.66
N GLY C 222 29.47 -6.05 -27.85
CA GLY C 222 29.03 -6.29 -26.45
C GLY C 222 27.87 -7.23 -26.28
N GLY C 223 26.84 -7.05 -27.10
CA GLY C 223 25.66 -7.91 -27.05
C GLY C 223 26.03 -9.33 -27.40
N ALA C 224 26.82 -9.50 -28.44
CA ALA C 224 27.24 -10.83 -28.90
C ALA C 224 28.12 -11.52 -27.86
N GLU C 225 28.95 -10.76 -27.14
CA GLU C 225 29.75 -11.34 -26.06
C GLU C 225 28.85 -11.97 -24.98
N ILE C 226 27.76 -11.31 -24.61
CA ILE C 226 26.90 -11.89 -23.56
C ILE C 226 26.26 -13.17 -24.07
N VAL C 227 25.72 -13.11 -25.31
CA VAL C 227 25.15 -14.29 -26.00
C VAL C 227 26.18 -15.44 -25.99
N GLY C 228 27.42 -15.14 -26.34
CA GLY C 228 28.47 -16.17 -26.30
C GLY C 228 28.64 -16.84 -24.94
N LEU C 229 28.42 -16.08 -23.85
CA LEU C 229 28.60 -16.59 -22.50
C LEU C 229 27.35 -17.32 -22.02
N LEU C 230 26.16 -16.76 -22.21
CA LEU C 230 24.96 -17.40 -21.69
C LEU C 230 24.57 -18.59 -22.56
N LYS C 231 24.91 -18.52 -23.84
CA LYS C 231 24.60 -19.57 -24.84
C LYS C 231 23.10 -19.70 -25.18
N THR C 232 22.25 -19.69 -24.15
CA THR C 232 20.82 -19.86 -24.31
C THR C 232 20.06 -18.58 -24.62
N GLY C 233 20.58 -17.42 -24.28
CA GLY C 233 19.89 -16.17 -24.70
C GLY C 233 20.80 -14.96 -24.67
N SER C 234 20.24 -13.78 -24.54
CA SER C 234 21.00 -12.54 -24.65
C SER C 234 20.92 -11.69 -23.36
N ALA C 235 21.58 -10.53 -23.36
CA ALA C 235 21.67 -9.68 -22.17
C ALA C 235 20.29 -9.22 -21.70
N PHE C 236 20.08 -9.09 -20.39
CA PHE C 236 18.83 -8.49 -19.95
C PHE C 236 18.95 -7.46 -18.79
N TYR C 237 20.00 -7.54 -17.96
CA TYR C 237 20.17 -6.58 -16.87
C TYR C 237 20.53 -5.20 -17.36
N ALA C 238 21.56 -5.09 -18.19
CA ALA C 238 21.97 -3.79 -18.66
C ALA C 238 20.92 -3.21 -19.64
N PRO C 239 20.31 -4.04 -20.46
CA PRO C 239 19.24 -3.46 -21.28
C PRO C 239 18.05 -2.95 -20.48
N ALA C 240 17.64 -3.69 -19.46
CA ALA C 240 16.56 -3.24 -18.64
C ALA C 240 16.95 -1.95 -17.91
N ALA C 241 18.15 -1.93 -17.32
CA ALA C 241 18.58 -0.75 -16.57
C ALA C 241 18.54 0.48 -17.46
N SER C 242 18.97 0.30 -18.69
CA SER C 242 19.09 1.36 -19.68
C SER C 242 17.73 1.94 -20.05
N ALA C 243 16.76 1.07 -20.31
CA ALA C 243 15.40 1.53 -20.64
C ALA C 243 14.76 2.24 -19.45
N ILE C 244 14.97 1.71 -18.26
CA ILE C 244 14.39 2.31 -17.05
C ILE C 244 14.93 3.70 -16.81
N GLN C 245 16.21 3.92 -17.10
CA GLN C 245 16.78 5.27 -16.92
C GLN C 245 16.04 6.32 -17.81
N MET C 246 15.76 5.92 -19.02
CA MET C 246 15.02 6.70 -20.01
C MET C 246 13.65 7.00 -19.50
N ALA C 247 13.00 6.00 -18.94
CA ALA C 247 11.64 6.15 -18.42
C ALA C 247 11.61 7.12 -17.25
N GLU C 248 12.62 7.00 -16.37
CA GLU C 248 12.70 7.88 -15.18
C GLU C 248 12.94 9.30 -15.55
N SER C 249 13.83 9.54 -16.51
CA SER C 249 14.07 10.89 -16.96
C SER C 249 12.74 11.49 -17.45
N TYR C 250 11.90 10.72 -18.15
CA TYR C 250 10.58 11.23 -18.56
C TYR C 250 9.70 11.53 -17.37
N LEU C 251 9.58 10.57 -16.46
CA LEU C 251 8.62 10.61 -15.35
C LEU C 251 8.99 11.64 -14.26
N LYS C 252 10.27 11.96 -14.14
CA LYS C 252 10.77 12.93 -13.17
C LYS C 252 11.12 14.26 -13.81
N ASP C 253 10.88 14.37 -15.12
CA ASP C 253 11.21 15.58 -15.94
C ASP C 253 12.65 16.06 -15.71
N LYS C 254 13.57 15.12 -15.79
CA LYS C 254 14.90 15.28 -15.25
C LYS C 254 15.85 15.96 -16.24
N LYS C 255 15.50 15.91 -17.53
CA LYS C 255 16.31 16.49 -18.61
C LYS C 255 17.70 15.80 -18.69
N ARG C 256 17.78 14.49 -18.47
CA ARG C 256 19.07 13.79 -18.64
C ARG C 256 19.35 13.91 -20.09
N VAL C 257 20.65 13.95 -20.42
CA VAL C 257 21.12 13.79 -21.79
C VAL C 257 21.40 12.29 -21.99
N LEU C 258 20.63 11.66 -22.89
CA LEU C 258 20.73 10.23 -23.15
C LEU C 258 20.73 9.94 -24.66
N PRO C 259 21.62 9.04 -25.11
CA PRO C 259 21.61 8.60 -26.50
C PRO C 259 20.50 7.61 -26.73
N VAL C 260 19.52 8.04 -27.52
CA VAL C 260 18.37 7.23 -27.85
C VAL C 260 18.08 7.30 -29.34
N ALA C 261 17.34 6.32 -29.83
CA ALA C 261 17.00 6.34 -31.22
C ALA C 261 15.79 7.25 -31.26
N ALA C 262 15.98 8.36 -31.98
CA ALA C 262 14.99 9.43 -32.10
C ALA C 262 14.75 9.80 -33.56
N GLN C 263 13.54 10.30 -33.85
CA GLN C 263 13.24 10.77 -35.20
C GLN C 263 13.99 12.05 -35.43
N LEU C 264 14.87 12.05 -36.43
CA LEU C 264 15.55 13.26 -36.89
C LEU C 264 14.67 14.08 -37.86
N SER C 265 14.76 15.39 -37.78
CA SER C 265 14.06 16.24 -38.71
C SER C 265 14.99 17.39 -39.17
N GLY C 266 16.13 17.03 -39.73
CA GLY C 266 17.05 17.98 -40.32
C GLY C 266 18.42 17.87 -39.71
N GLN C 267 18.47 17.41 -38.46
CA GLN C 267 19.75 17.31 -37.74
C GLN C 267 20.69 16.37 -38.45
N TYR C 268 21.93 16.78 -38.65
CA TYR C 268 22.93 15.95 -39.32
C TYR C 268 22.51 15.61 -40.75
N GLY C 269 21.58 16.39 -41.29
CA GLY C 269 21.16 16.25 -42.66
C GLY C 269 20.17 15.12 -42.87
N VAL C 270 19.51 14.70 -41.79
CA VAL C 270 18.62 13.54 -41.84
C VAL C 270 17.22 13.98 -41.50
N LYS C 271 16.24 13.47 -42.27
CA LYS C 271 14.82 13.72 -42.03
C LYS C 271 14.11 12.39 -42.09
N ASP C 272 12.96 12.29 -41.40
CA ASP C 272 12.06 11.14 -41.53
C ASP C 272 12.69 9.78 -41.28
N MET C 273 13.65 9.73 -40.39
CA MET C 273 14.26 8.48 -39.98
C MET C 273 14.63 8.52 -38.50
N TYR C 274 14.55 7.35 -37.87
CA TYR C 274 15.09 7.18 -36.51
C TYR C 274 16.61 6.90 -36.54
N VAL C 275 17.36 7.65 -35.73
CA VAL C 275 18.80 7.51 -35.59
C VAL C 275 19.22 7.71 -34.13
N GLY C 276 20.19 6.92 -33.70
CA GLY C 276 20.75 7.04 -32.36
C GLY C 276 21.46 8.37 -32.18
N VAL C 277 20.91 9.22 -31.33
CA VAL C 277 21.48 10.53 -31.09
C VAL C 277 21.30 10.93 -29.61
N PRO C 278 22.24 11.68 -29.05
CA PRO C 278 22.12 12.22 -27.69
C PRO C 278 20.97 13.18 -27.65
N THR C 279 20.04 12.95 -26.72
CA THR C 279 18.83 13.74 -26.65
C THR C 279 18.58 14.13 -25.19
N VAL C 280 17.92 15.27 -24.97
CA VAL C 280 17.44 15.64 -23.66
C VAL C 280 16.04 15.04 -23.51
N ILE C 281 15.86 14.23 -22.48
CA ILE C 281 14.61 13.58 -22.18
C ILE C 281 13.97 14.22 -20.96
N GLY C 282 12.74 14.68 -21.12
CA GLY C 282 11.98 15.24 -20.03
C GLY C 282 10.52 14.82 -20.13
N ALA C 283 9.67 15.57 -19.43
CA ALA C 283 8.25 15.24 -19.33
C ALA C 283 7.51 15.38 -20.67
N ASN C 284 8.14 16.02 -21.66
CA ASN C 284 7.60 16.06 -23.00
C ASN C 284 8.30 15.08 -23.97
N GLY C 285 9.09 14.12 -23.46
CA GLY C 285 9.74 13.12 -24.32
C GLY C 285 11.05 13.62 -24.88
N VAL C 286 11.32 13.40 -26.17
CA VAL C 286 12.48 14.00 -26.81
C VAL C 286 12.24 15.52 -26.91
N GLU C 287 12.94 16.29 -26.08
CA GLU C 287 12.78 17.73 -25.99
C GLU C 287 13.84 18.51 -26.78
N ARG C 288 15.02 17.90 -26.94
CA ARG C 288 16.08 18.47 -27.72
C ARG C 288 16.93 17.35 -28.29
N ILE C 289 17.27 17.41 -29.57
CA ILE C 289 18.20 16.44 -30.13
C ILE C 289 19.50 17.19 -30.28
N ILE C 290 20.59 16.63 -29.76
CA ILE C 290 21.81 17.39 -29.71
C ILE C 290 22.55 17.24 -31.02
N GLU C 291 22.84 18.37 -31.65
CA GLU C 291 23.58 18.34 -32.89
C GLU C 291 24.95 18.94 -32.70
N ILE C 292 25.96 18.15 -33.01
CA ILE C 292 27.34 18.61 -32.94
C ILE C 292 27.87 18.66 -34.34
N ASP C 293 29.00 19.33 -34.53
CA ASP C 293 29.72 19.20 -35.78
C ASP C 293 30.54 17.89 -35.78
N LEU C 294 30.60 17.26 -36.97
CA LEU C 294 31.35 16.06 -37.23
C LEU C 294 32.43 16.40 -38.25
N ASP C 295 33.66 15.96 -38.00
CA ASP C 295 34.67 16.03 -39.03
C ASP C 295 34.34 15.04 -40.18
N LYS C 296 35.07 15.18 -41.28
CA LYS C 296 34.85 14.41 -42.51
C LYS C 296 34.78 12.87 -42.28
N ASP C 297 35.70 12.27 -41.52
CA ASP C 297 35.67 10.82 -41.23
C ASP C 297 34.44 10.43 -40.39
N GLU C 298 34.13 11.25 -39.38
CA GLU C 298 32.99 10.98 -38.51
C GLU C 298 31.69 11.06 -39.29
N LYS C 299 31.61 12.06 -40.16
CA LYS C 299 30.44 12.23 -40.99
C LYS C 299 30.27 11.05 -41.96
N ALA C 300 31.38 10.52 -42.49
CA ALA C 300 31.27 9.38 -43.39
C ALA C 300 30.79 8.18 -42.59
N GLN C 301 31.34 8.00 -41.40
CA GLN C 301 30.93 6.89 -40.53
C GLN C 301 29.43 7.01 -40.21
N PHE C 302 29.00 8.19 -39.81
CA PHE C 302 27.59 8.49 -39.57
C PHE C 302 26.70 8.21 -40.79
N ASP C 303 27.04 8.72 -41.97
CA ASP C 303 26.18 8.51 -43.15
C ASP C 303 26.05 7.04 -43.54
N LYS C 304 27.14 6.29 -43.38
CA LYS C 304 27.12 4.82 -43.64
C LYS C 304 26.16 4.09 -42.68
N SER C 305 26.22 4.47 -41.40
CA SER C 305 25.34 3.93 -40.38
C SER C 305 23.87 4.29 -40.70
N VAL C 306 23.61 5.56 -41.01
CA VAL C 306 22.27 5.99 -41.39
C VAL C 306 21.81 5.28 -42.67
N ALA C 307 22.70 5.11 -43.64
CA ALA C 307 22.34 4.40 -44.87
C ALA C 307 21.88 2.95 -44.58
N SER C 308 22.58 2.23 -43.72
CA SER C 308 22.13 0.86 -43.44
C SER C 308 20.80 0.80 -42.63
N VAL C 309 20.52 1.82 -41.82
CA VAL C 309 19.20 1.94 -41.21
C VAL C 309 18.11 2.25 -42.26
N ALA C 310 18.42 3.08 -43.26
CA ALA C 310 17.47 3.34 -44.36
C ALA C 310 17.19 2.07 -45.17
N GLY C 311 18.22 1.25 -45.39
CA GLY C 311 18.02 -0.01 -46.13
C GLY C 311 17.04 -0.94 -45.40
N LEU C 312 17.21 -1.05 -44.08
CA LEU C 312 16.40 -1.90 -43.22
C LEU C 312 14.93 -1.41 -43.21
N CYS C 313 14.74 -0.11 -43.11
CA CYS C 313 13.41 0.45 -43.19
C CYS C 313 12.75 0.23 -44.56
N GLU C 314 13.53 0.31 -45.64
CA GLU C 314 13.02 0.03 -46.99
C GLU C 314 12.57 -1.42 -47.09
N ALA C 315 13.36 -2.33 -46.52
CA ALA C 315 12.95 -3.72 -46.47
C ALA C 315 11.64 -3.88 -45.66
N CYS C 316 11.47 -3.12 -44.59
CA CYS C 316 10.18 -3.13 -43.84
C CYS C 316 9.01 -2.62 -44.69
N ILE C 317 9.25 -1.62 -45.52
CA ILE C 317 8.25 -1.13 -46.47
C ILE C 317 7.86 -2.24 -47.46
N GLY C 318 8.86 -3.01 -47.88
CA GLY C 318 8.66 -4.20 -48.71
C GLY C 318 7.64 -5.14 -48.12
N ILE C 319 7.79 -5.45 -46.83
CA ILE C 319 6.92 -6.38 -46.12
C ILE C 319 5.56 -5.76 -45.76
N ALA C 320 5.56 -4.49 -45.37
CA ALA C 320 4.37 -3.81 -44.87
C ALA C 320 4.22 -2.44 -45.55
N PRO C 321 3.65 -2.43 -46.79
CA PRO C 321 3.56 -1.24 -47.64
C PRO C 321 2.88 -0.05 -46.98
N SER C 322 2.00 -0.32 -46.01
CA SER C 322 1.38 0.75 -45.21
C SER C 322 2.42 1.68 -44.52
N LEU C 323 3.69 1.26 -44.43
CA LEU C 323 4.74 2.11 -43.87
C LEU C 323 5.28 3.17 -44.86
N LYS C 324 4.92 3.11 -46.15
CA LYS C 324 5.52 3.97 -47.20
C LYS C 324 5.40 5.46 -46.89
N ALA D 6 4.53 17.69 -15.29
CA ALA D 6 5.18 18.69 -14.37
C ALA D 6 5.56 17.91 -13.13
N ARG D 7 6.73 18.17 -12.56
CA ARG D 7 7.06 17.60 -11.27
C ARG D 7 6.06 18.05 -10.22
N ASN D 8 5.91 17.23 -9.19
CA ASN D 8 5.28 17.66 -7.93
C ASN D 8 5.90 18.95 -7.42
N LYS D 9 5.10 19.73 -6.69
CA LYS D 9 5.56 20.99 -6.13
C LYS D 9 5.28 20.99 -4.61
N ILE D 10 6.32 21.26 -3.82
CA ILE D 10 6.19 21.30 -2.37
C ILE D 10 6.48 22.68 -1.87
N ALA D 11 5.57 23.25 -1.10
CA ALA D 11 5.77 24.61 -0.58
C ALA D 11 5.94 24.53 0.90
N LEU D 12 6.98 25.18 1.39
CA LEU D 12 7.35 25.16 2.77
C LEU D 12 7.13 26.56 3.31
N ILE D 13 6.08 26.73 4.10
CA ILE D 13 5.73 28.03 4.70
C ILE D 13 6.45 28.10 6.04
N GLY D 14 7.60 28.76 6.03
CA GLY D 14 8.53 28.80 7.13
C GLY D 14 9.84 28.18 6.67
N SER D 15 10.91 28.96 6.79
CA SER D 15 12.25 28.58 6.31
C SER D 15 13.30 28.60 7.44
N GLY D 16 12.84 28.28 8.64
CA GLY D 16 13.69 28.14 9.81
C GLY D 16 14.33 26.78 9.88
N MET D 17 14.51 26.27 11.10
CA MET D 17 15.27 25.03 11.29
C MET D 17 14.53 23.79 10.71
N ILE D 18 13.23 23.68 10.98
CA ILE D 18 12.43 22.60 10.40
C ILE D 18 12.27 22.85 8.89
N GLY D 19 11.91 24.07 8.52
CA GLY D 19 11.76 24.40 7.10
C GLY D 19 12.96 24.02 6.25
N GLY D 20 14.16 24.41 6.67
CA GLY D 20 15.36 24.07 5.89
C GLY D 20 15.51 22.57 5.76
N THR D 21 15.22 21.85 6.84
CA THR D 21 15.37 20.40 6.86
C THR D 21 14.35 19.72 5.96
N LEU D 22 13.13 20.25 5.94
CA LEU D 22 12.15 19.73 5.00
C LEU D 22 12.66 19.85 3.55
N ALA D 23 13.16 21.04 3.20
CA ALA D 23 13.68 21.34 1.85
C ALA D 23 14.77 20.31 1.49
N HIS D 24 15.72 20.12 2.41
CA HIS D 24 16.86 19.23 2.17
C HIS D 24 16.32 17.85 1.91
N LEU D 25 15.48 17.35 2.80
CA LEU D 25 14.92 16.02 2.63
C LEU D 25 14.07 15.88 1.34
N ALA D 26 13.27 16.90 1.01
CA ALA D 26 12.46 16.87 -0.22
C ALA D 26 13.40 16.79 -1.43
N GLY D 27 14.53 17.45 -1.35
CA GLY D 27 15.54 17.33 -2.43
C GLY D 27 16.15 15.94 -2.54
N LEU D 28 16.62 15.41 -1.39
CA LEU D 28 17.29 14.12 -1.35
C LEU D 28 16.38 12.98 -1.77
N LYS D 29 15.10 13.09 -1.44
CA LYS D 29 14.15 12.02 -1.71
C LYS D 29 13.47 12.24 -3.04
N GLU D 30 13.82 13.33 -3.70
CA GLU D 30 13.30 13.65 -5.03
C GLU D 30 11.80 13.73 -5.03
N LEU D 31 11.24 14.42 -4.06
CA LEU D 31 9.81 14.58 -4.02
C LEU D 31 9.31 15.60 -5.03
N GLY D 32 10.18 16.45 -5.55
CA GLY D 32 9.78 17.44 -6.52
C GLY D 32 10.40 18.79 -6.31
N ASP D 33 9.87 19.78 -7.03
CA ASP D 33 10.35 21.14 -6.91
C ASP D 33 9.94 21.65 -5.53
N VAL D 34 10.70 22.58 -4.99
CA VAL D 34 10.52 23.06 -3.64
C VAL D 34 10.53 24.61 -3.60
N VAL D 35 9.48 25.16 -3.01
CA VAL D 35 9.43 26.57 -2.68
C VAL D 35 9.55 26.76 -1.20
N LEU D 36 10.55 27.52 -0.79
CA LEU D 36 10.77 27.93 0.57
C LEU D 36 10.23 29.34 0.73
N PHE D 37 9.21 29.51 1.57
CA PHE D 37 8.63 30.82 1.81
C PHE D 37 8.92 31.24 3.23
N ASP D 38 9.05 32.54 3.42
CA ASP D 38 9.20 33.13 4.73
C ASP D 38 8.87 34.63 4.63
N ILE D 39 8.62 35.27 5.76
CA ILE D 39 8.59 36.72 5.83
C ILE D 39 9.96 37.31 5.93
N ALA D 40 10.96 36.57 6.41
CA ALA D 40 12.31 37.10 6.50
C ALA D 40 12.90 37.15 5.10
N GLU D 41 13.41 38.31 4.71
CA GLU D 41 14.07 38.41 3.40
C GLU D 41 15.45 37.72 3.42
N GLY D 42 15.79 36.96 2.39
CA GLY D 42 17.15 36.43 2.27
C GLY D 42 17.25 34.98 2.73
N THR D 43 16.65 34.71 3.88
CA THR D 43 16.67 33.39 4.48
C THR D 43 16.20 32.28 3.53
N PRO D 44 14.97 32.35 3.03
CA PRO D 44 14.52 31.31 2.12
C PRO D 44 15.31 31.24 0.81
N GLN D 45 15.68 32.39 0.27
CA GLN D 45 16.49 32.44 -0.93
C GLN D 45 17.86 31.77 -0.69
N GLY D 46 18.42 32.02 0.48
CA GLY D 46 19.72 31.53 0.82
C GLY D 46 19.75 30.04 1.01
N LYS D 47 18.80 29.55 1.80
CA LYS D 47 18.73 28.12 2.05
C LYS D 47 18.37 27.35 0.78
N GLY D 48 17.45 27.95 0.00
CA GLY D 48 17.04 27.35 -1.23
C GLY D 48 18.21 27.22 -2.20
N LEU D 49 19.02 28.26 -2.36
CA LEU D 49 20.16 28.20 -3.26
C LEU D 49 21.28 27.27 -2.73
N ASP D 50 21.48 27.23 -1.41
CA ASP D 50 22.45 26.29 -0.83
C ASP D 50 22.09 24.82 -1.15
N ILE D 51 20.80 24.47 -1.00
CA ILE D 51 20.34 23.14 -1.27
C ILE D 51 20.42 22.84 -2.75
N ALA D 52 19.98 23.77 -3.60
CA ALA D 52 20.10 23.63 -5.03
C ALA D 52 21.55 23.34 -5.41
N GLU D 53 22.48 24.14 -4.89
CA GLU D 53 23.93 23.97 -5.15
C GLU D 53 24.50 22.59 -4.67
N SER D 54 23.84 21.95 -3.69
CA SER D 54 24.23 20.59 -3.29
C SER D 54 23.74 19.52 -4.25
N SER D 55 22.78 19.87 -5.12
CA SER D 55 22.06 18.90 -5.91
C SER D 55 22.96 18.11 -6.83
N PRO D 56 24.00 18.75 -7.40
CA PRO D 56 24.85 17.93 -8.26
C PRO D 56 25.67 16.86 -7.53
N VAL D 57 25.87 17.01 -6.22
CA VAL D 57 26.68 16.03 -5.50
C VAL D 57 25.91 14.71 -5.47
N ASP D 58 24.68 14.79 -5.01
CA ASP D 58 23.83 13.61 -4.84
C ASP D 58 23.03 13.23 -6.09
N GLY D 59 22.99 14.12 -7.10
CA GLY D 59 22.41 13.80 -8.38
C GLY D 59 20.91 14.03 -8.55
N PHE D 60 20.24 14.69 -7.60
CA PHE D 60 18.78 14.93 -7.70
C PHE D 60 18.53 16.20 -8.55
N ASP D 61 17.50 16.17 -9.40
CA ASP D 61 17.11 17.32 -10.16
C ASP D 61 15.78 17.87 -9.63
N ALA D 62 15.86 19.06 -9.04
CA ALA D 62 14.74 19.72 -8.41
C ALA D 62 15.00 21.23 -8.44
N LYS D 63 13.97 22.02 -8.73
CA LYS D 63 14.09 23.48 -8.56
C LYS D 63 13.84 23.83 -7.10
N PHE D 64 14.70 24.68 -6.55
CA PHE D 64 14.56 25.27 -5.23
C PHE D 64 14.42 26.79 -5.35
N THR D 65 13.34 27.33 -4.82
CA THR D 65 13.00 28.73 -4.98
C THR D 65 12.79 29.26 -3.59
N GLY D 66 13.37 30.40 -3.27
CA GLY D 66 13.02 31.11 -2.04
C GLY D 66 12.12 32.28 -2.39
N ALA D 67 11.16 32.61 -1.54
CA ALA D 67 10.23 33.70 -1.85
C ALA D 67 9.69 34.32 -0.56
N ASN D 68 9.26 35.56 -0.71
CA ASN D 68 8.61 36.34 0.33
C ASN D 68 7.17 36.75 -0.06
N ASP D 69 6.66 36.17 -1.14
CA ASP D 69 5.32 36.47 -1.68
C ASP D 69 4.62 35.11 -1.85
N TYR D 70 3.36 35.05 -1.41
CA TYR D 70 2.57 33.85 -1.50
C TYR D 70 2.34 33.35 -2.95
N ALA D 71 2.41 34.24 -3.94
CA ALA D 71 2.23 33.82 -5.36
C ALA D 71 3.19 32.71 -5.74
N ALA D 72 4.35 32.62 -5.09
CA ALA D 72 5.32 31.56 -5.39
C ALA D 72 4.82 30.15 -5.01
N ILE D 73 3.82 30.05 -4.14
CA ILE D 73 3.33 28.71 -3.78
C ILE D 73 2.24 28.18 -4.75
N GLU D 74 1.94 28.96 -5.79
CA GLU D 74 0.79 28.66 -6.63
C GLU D 74 0.86 27.24 -7.11
N GLY D 75 -0.22 26.49 -6.88
CA GLY D 75 -0.36 25.12 -7.38
C GLY D 75 0.48 24.04 -6.69
N ALA D 76 1.03 24.36 -5.51
CA ALA D 76 1.68 23.38 -4.62
C ALA D 76 0.77 22.16 -4.42
N ASP D 77 1.32 20.97 -4.65
CA ASP D 77 0.63 19.76 -4.30
C ASP D 77 0.69 19.50 -2.80
N VAL D 78 1.72 19.97 -2.11
CA VAL D 78 1.84 19.79 -0.67
C VAL D 78 2.35 21.08 -0.06
N VAL D 79 1.77 21.46 1.06
CA VAL D 79 2.22 22.64 1.80
C VAL D 79 2.51 22.25 3.23
N ILE D 80 3.73 22.55 3.67
CA ILE D 80 4.13 22.23 5.02
C ILE D 80 4.40 23.54 5.77
N VAL D 81 3.67 23.73 6.88
CA VAL D 81 3.65 25.02 7.59
C VAL D 81 4.39 24.92 8.92
N THR D 82 5.51 25.64 9.00
CA THR D 82 6.23 25.83 10.24
C THR D 82 6.21 27.28 10.70
N ALA D 83 5.67 28.19 9.88
CA ALA D 83 5.66 29.61 10.18
C ALA D 83 5.09 29.82 11.58
N GLY D 84 5.80 30.60 12.39
CA GLY D 84 5.38 30.91 13.74
C GLY D 84 6.56 31.54 14.46
N VAL D 85 6.37 31.82 15.74
CA VAL D 85 7.45 32.31 16.61
C VAL D 85 7.67 31.28 17.77
N PRO D 86 8.91 31.21 18.29
CA PRO D 86 9.22 30.29 19.39
C PRO D 86 8.71 30.78 20.75
N ARG D 87 8.45 29.83 21.66
CA ARG D 87 8.15 30.14 23.05
C ARG D 87 9.45 30.56 23.70
N LYS D 88 9.68 31.87 23.83
CA LYS D 88 10.99 32.41 24.20
C LYS D 88 11.20 32.50 25.73
N ASP D 94 -0.05 30.66 26.01
CA ASP D 94 -0.76 31.84 26.50
C ASP D 94 -0.77 32.91 25.42
N ASP D 95 0.34 33.65 25.30
CA ASP D 95 0.49 34.70 24.27
C ASP D 95 1.03 34.12 22.94
N LEU D 96 1.72 32.98 23.02
CA LEU D 96 2.17 32.21 21.84
C LEU D 96 0.94 31.94 20.94
N LEU D 97 -0.15 31.52 21.58
CA LEU D 97 -1.42 31.35 20.91
C LEU D 97 -1.78 32.56 20.06
N GLY D 98 -1.77 33.74 20.64
CA GLY D 98 -2.19 34.94 19.91
C GLY D 98 -1.32 35.34 18.74
N ILE D 99 -0.01 35.20 18.88
CA ILE D 99 0.88 35.56 17.81
C ILE D 99 0.78 34.52 16.68
N ASN D 100 0.86 33.23 17.02
CA ASN D 100 0.86 32.15 16.02
C ASN D 100 -0.48 32.01 15.27
N LEU D 101 -1.59 32.29 15.97
CA LEU D 101 -2.93 32.36 15.36
C LEU D 101 -3.03 33.41 14.23
N LYS D 102 -2.41 34.58 14.46
CA LYS D 102 -2.34 35.65 13.44
C LYS D 102 -1.48 35.18 12.27
N VAL D 103 -0.42 34.45 12.56
CA VAL D 103 0.36 33.81 11.51
C VAL D 103 -0.49 32.80 10.72
N MET D 104 -1.22 31.95 11.40
CA MET D 104 -2.06 30.97 10.69
C MET D 104 -3.06 31.63 9.77
N GLU D 105 -3.49 32.83 10.15
CA GLU D 105 -4.46 33.60 9.37
C GLU D 105 -3.83 34.06 8.08
N GLN D 106 -2.62 34.59 8.17
CA GLN D 106 -1.91 35.00 6.96
C GLN D 106 -1.65 33.80 6.06
N VAL D 107 -1.31 32.66 6.67
CA VAL D 107 -0.93 31.46 5.91
C VAL D 107 -2.18 30.87 5.25
N GLY D 108 -3.24 30.73 6.03
CA GLY D 108 -4.52 30.30 5.51
C GLY D 108 -4.98 31.10 4.31
N ALA D 109 -4.92 32.42 4.39
CA ALA D 109 -5.35 33.23 3.25
C ALA D 109 -4.44 32.99 2.05
N GLY D 110 -3.14 32.77 2.30
CA GLY D 110 -2.20 32.54 1.23
C GLY D 110 -2.45 31.19 0.53
N ILE D 111 -2.78 30.17 1.32
CA ILE D 111 -3.03 28.83 0.79
C ILE D 111 -4.38 28.87 0.03
N LYS D 112 -5.38 29.48 0.65
CA LYS D 112 -6.72 29.69 0.03
C LYS D 112 -6.59 30.25 -1.38
N LYS D 113 -5.79 31.30 -1.51
CA LYS D 113 -5.64 31.96 -2.80
C LYS D 113 -4.80 31.18 -3.78
N TYR D 114 -3.66 30.68 -3.34
CA TYR D 114 -2.69 30.14 -4.29
C TYR D 114 -2.58 28.60 -4.38
N ALA D 115 -2.97 27.87 -3.34
CA ALA D 115 -2.84 26.42 -3.32
C ALA D 115 -4.05 25.72 -2.72
N PRO D 116 -5.24 25.97 -3.28
CA PRO D 116 -6.44 25.42 -2.65
C PRO D 116 -6.54 23.91 -2.78
N GLU D 117 -5.82 23.33 -3.74
CA GLU D 117 -5.85 21.89 -3.92
C GLU D 117 -4.71 21.17 -3.19
N ALA D 118 -3.96 21.90 -2.36
CA ALA D 118 -2.78 21.32 -1.67
C ALA D 118 -3.20 20.38 -0.57
N PHE D 119 -2.32 19.42 -0.24
CA PHE D 119 -2.44 18.67 1.01
C PHE D 119 -1.56 19.46 1.96
N VAL D 120 -2.15 19.89 3.08
CA VAL D 120 -1.47 20.78 4.03
C VAL D 120 -1.11 20.04 5.31
N ILE D 121 0.18 20.11 5.67
CA ILE D 121 0.68 19.53 6.92
C ILE D 121 1.12 20.68 7.83
N CYS D 122 0.40 20.86 8.93
CA CYS D 122 0.74 21.89 9.91
C CYS D 122 1.72 21.39 10.94
N ILE D 123 2.77 22.17 11.21
CA ILE D 123 3.73 21.88 12.31
C ILE D 123 3.69 22.95 13.41
N THR D 124 3.25 24.16 13.11
CA THR D 124 3.23 25.27 14.09
C THR D 124 2.46 24.96 15.37
N ASN D 125 3.03 25.38 16.49
CA ASN D 125 2.47 25.17 17.85
C ASN D 125 1.62 26.34 18.35
N PRO D 126 0.69 26.06 19.28
CA PRO D 126 0.27 24.73 19.80
C PRO D 126 -0.56 23.94 18.76
N LEU D 127 -0.11 22.73 18.44
CA LEU D 127 -0.36 22.12 17.13
C LEU D 127 -1.84 21.93 16.86
N ASP D 128 -2.48 21.17 17.75
CA ASP D 128 -3.87 20.80 17.56
C ASP D 128 -4.78 22.04 17.38
N ALA D 129 -4.45 23.19 17.98
CA ALA D 129 -5.30 24.38 17.78
C ALA D 129 -4.95 25.14 16.53
N MET D 130 -3.65 25.22 16.27
CA MET D 130 -3.17 25.90 15.08
C MET D 130 -3.67 25.18 13.82
N VAL D 131 -3.73 23.84 13.84
CA VAL D 131 -4.14 23.15 12.62
C VAL D 131 -5.64 23.37 12.38
N TRP D 132 -6.36 23.44 13.50
CA TRP D 132 -7.82 23.62 13.51
C TRP D 132 -8.19 24.96 12.93
N ALA D 133 -7.42 25.96 13.33
CA ALA D 133 -7.58 27.34 12.87
C ALA D 133 -7.16 27.53 11.42
N LEU D 134 -5.98 27.02 11.07
CA LEU D 134 -5.52 26.99 9.66
C LEU D 134 -6.54 26.36 8.70
N GLN D 135 -7.17 25.27 9.12
CA GLN D 135 -8.17 24.66 8.28
C GLN D 135 -9.35 25.61 8.00
N LYS D 136 -9.87 26.23 9.04
CA LYS D 136 -10.98 27.21 8.93
C LYS D 136 -10.58 28.46 8.16
N PHE D 137 -9.43 29.05 8.47
CA PHE D 137 -8.98 30.22 7.72
C PHE D 137 -8.74 29.87 6.27
N SER D 138 -8.22 28.68 5.96
CA SER D 138 -7.91 28.40 4.58
C SER D 138 -9.14 27.98 3.78
N GLY D 139 -10.13 27.41 4.46
CA GLY D 139 -11.31 26.85 3.79
C GLY D 139 -11.12 25.52 3.05
N LEU D 140 -9.94 24.91 3.20
CA LEU D 140 -9.62 23.65 2.52
C LEU D 140 -10.46 22.57 3.12
N PRO D 141 -10.77 21.52 2.36
CA PRO D 141 -11.45 20.41 2.99
C PRO D 141 -10.57 19.81 4.10
N ALA D 142 -11.20 19.47 5.23
CA ALA D 142 -10.52 19.03 6.43
C ALA D 142 -9.65 17.79 6.16
N HIS D 143 -10.13 16.86 5.33
CA HIS D 143 -9.37 15.64 4.97
C HIS D 143 -8.06 15.95 4.21
N LYS D 144 -7.87 17.21 3.78
CA LYS D 144 -6.66 17.63 3.09
C LYS D 144 -5.79 18.52 3.98
N VAL D 145 -6.11 18.64 5.26
CA VAL D 145 -5.35 19.50 6.15
C VAL D 145 -5.13 18.71 7.45
N VAL D 146 -3.85 18.45 7.79
CA VAL D 146 -3.51 17.62 8.97
C VAL D 146 -2.36 18.21 9.75
N GLY D 147 -2.20 17.72 10.96
CA GLY D 147 -1.14 18.20 11.82
C GLY D 147 -0.11 17.11 12.08
N MET D 148 1.16 17.47 11.95
CA MET D 148 2.23 16.55 12.38
C MET D 148 2.43 16.63 13.89
N ALA D 149 2.16 15.53 14.58
CA ALA D 149 2.60 15.37 15.97
C ALA D 149 2.83 13.91 16.27
N GLY D 150 1.85 13.08 16.02
CA GLY D 150 1.93 11.71 16.42
C GLY D 150 3.11 10.92 15.87
N VAL D 151 3.47 11.17 14.61
CA VAL D 151 4.58 10.45 13.95
C VAL D 151 5.91 10.73 14.69
N LEU D 152 6.10 11.97 15.16
CA LEU D 152 7.26 12.33 15.96
C LEU D 152 7.28 11.57 17.31
N ASP D 153 6.19 11.60 18.06
CA ASP D 153 6.13 10.81 19.30
C ASP D 153 6.43 9.36 19.03
N SER D 154 5.82 8.81 17.97
CA SER D 154 6.02 7.45 17.61
C SER D 154 7.48 7.10 17.23
N ALA D 155 8.12 8.00 16.49
CA ALA D 155 9.54 7.85 16.15
C ALA D 155 10.41 7.82 17.44
N ARG D 156 10.23 8.79 18.34
CA ARG D 156 11.00 8.79 19.60
C ARG D 156 10.83 7.50 20.35
N PHE D 157 9.58 7.12 20.54
CA PHE D 157 9.20 5.93 21.28
C PHE D 157 9.87 4.70 20.65
N ARG D 158 9.75 4.57 19.33
CA ARG D 158 10.36 3.45 18.63
C ARG D 158 11.88 3.41 18.78
N TYR D 159 12.50 4.58 18.68
CA TYR D 159 13.94 4.64 18.83
C TYR D 159 14.28 4.15 20.27
N PHE D 160 13.60 4.68 21.31
CA PHE D 160 13.93 4.27 22.70
C PHE D 160 13.83 2.76 22.89
N LEU D 161 12.81 2.17 22.30
CA LEU D 161 12.57 0.76 22.45
C LEU D 161 13.59 -0.03 21.67
N SER D 162 14.03 0.51 20.51
CA SER D 162 14.99 -0.24 19.70
C SER D 162 16.30 -0.36 20.49
N GLU D 163 16.59 0.66 21.27
CA GLU D 163 17.74 0.68 22.15
C GLU D 163 17.52 -0.27 23.31
N GLU D 164 16.35 -0.22 23.91
CA GLU D 164 16.07 -1.13 25.04
C GLU D 164 16.27 -2.60 24.67
N PHE D 165 15.77 -3.02 23.52
CA PHE D 165 15.83 -4.40 23.12
C PHE D 165 17.00 -4.73 22.17
N ASN D 166 17.79 -3.74 21.80
CA ASN D 166 18.81 -3.91 20.76
C ASN D 166 18.28 -4.67 19.54
N VAL D 167 17.13 -4.21 19.02
CA VAL D 167 16.64 -4.64 17.70
C VAL D 167 16.61 -3.47 16.74
N SER D 168 16.39 -3.76 15.46
CA SER D 168 16.24 -2.71 14.44
C SER D 168 15.04 -1.81 14.69
N VAL D 169 15.20 -0.53 14.40
CA VAL D 169 14.11 0.38 14.47
C VAL D 169 12.96 -0.09 13.58
N GLU D 170 13.26 -0.89 12.55
CA GLU D 170 12.28 -1.27 11.55
C GLU D 170 11.35 -2.35 12.07
N ASP D 171 11.74 -2.99 13.16
CA ASP D 171 10.93 -4.02 13.76
C ASP D 171 10.13 -3.57 14.97
N VAL D 172 10.19 -2.28 15.29
CA VAL D 172 9.43 -1.70 16.41
C VAL D 172 8.23 -0.91 15.86
N THR D 173 7.03 -1.18 16.38
CA THR D 173 5.78 -0.47 16.02
C THR D 173 5.21 0.04 17.32
N VAL D 174 4.81 1.30 17.37
CA VAL D 174 4.10 1.82 18.55
C VAL D 174 2.74 2.42 18.14
N PHE D 175 1.80 2.41 19.08
CA PHE D 175 0.50 2.97 18.86
C PHE D 175 0.29 4.16 19.79
N VAL D 176 0.04 5.30 19.20
CA VAL D 176 -0.04 6.55 19.91
C VAL D 176 -1.27 7.36 19.43
N LEU D 177 -2.00 7.99 20.35
CA LEU D 177 -3.05 8.95 20.03
C LEU D 177 -2.84 10.16 20.87
N GLY D 178 -3.59 11.21 20.57
CA GLY D 178 -3.53 12.49 21.32
C GLY D 178 -2.44 13.45 20.83
N GLY D 179 -1.96 14.27 21.73
CA GLY D 179 -0.87 15.17 21.46
C GLY D 179 0.40 14.68 22.16
N HIS D 180 1.26 15.65 22.41
CA HIS D 180 2.54 15.46 23.07
C HIS D 180 2.37 15.59 24.57
N GLY D 181 3.37 15.10 25.30
CA GLY D 181 3.46 15.39 26.72
C GLY D 181 2.43 14.58 27.46
N ASP D 182 1.81 15.23 28.44
CA ASP D 182 0.72 14.64 29.21
C ASP D 182 -0.55 14.38 28.39
N SER D 183 -0.66 15.03 27.22
CA SER D 183 -1.78 14.80 26.34
C SER D 183 -1.57 13.57 25.42
N MET D 184 -0.43 12.89 25.51
CA MET D 184 -0.21 11.66 24.71
C MET D 184 -0.91 10.48 25.32
N VAL D 185 -1.49 9.62 24.49
CA VAL D 185 -2.14 8.38 24.90
C VAL D 185 -1.47 7.17 24.18
N PRO D 186 -0.45 6.59 24.80
CA PRO D 186 0.19 5.42 24.22
C PRO D 186 -0.57 4.13 24.52
N LEU D 187 -0.58 3.19 23.58
CA LEU D 187 -1.26 1.91 23.78
C LEU D 187 -0.23 0.78 23.67
N ALA D 188 0.26 0.37 24.83
CA ALA D 188 1.32 -0.61 24.92
C ALA D 188 0.91 -1.86 24.23
N ARG D 189 -0.37 -2.19 24.33
CA ARG D 189 -0.87 -3.44 23.79
C ARG D 189 -0.92 -3.47 22.26
N TYR D 190 -0.92 -2.29 21.64
CA TYR D 190 -0.84 -2.19 20.19
C TYR D 190 0.54 -1.71 19.73
N SER D 191 1.54 -1.92 20.58
CA SER D 191 2.94 -1.55 20.30
C SER D 191 3.74 -2.84 20.41
N THR D 192 4.57 -3.10 19.42
CA THR D 192 5.20 -4.40 19.31
C THR D 192 6.67 -4.39 18.90
N VAL D 193 7.32 -5.52 19.10
CA VAL D 193 8.55 -5.86 18.42
C VAL D 193 8.26 -7.10 17.61
N ALA D 194 8.36 -6.99 16.29
CA ALA D 194 8.08 -8.12 15.38
C ALA D 194 6.72 -8.78 15.64
N GLY D 195 5.75 -8.00 16.07
CA GLY D 195 4.40 -8.53 16.29
C GLY D 195 4.03 -8.92 17.72
N ILE D 196 5.05 -8.99 18.59
CA ILE D 196 4.92 -9.38 19.97
C ILE D 196 4.67 -8.11 20.77
N PRO D 197 3.52 -8.03 21.46
CA PRO D 197 3.22 -6.75 22.05
C PRO D 197 4.09 -6.49 23.29
N LEU D 198 4.28 -5.23 23.64
CA LEU D 198 5.14 -4.83 24.77
C LEU D 198 4.86 -5.56 26.10
N PRO D 199 3.58 -5.73 26.47
CA PRO D 199 3.29 -6.50 27.71
C PRO D 199 3.84 -7.90 27.68
N ASP D 200 3.78 -8.60 26.54
CA ASP D 200 4.39 -9.92 26.46
C ASP D 200 5.94 -9.88 26.48
N LEU D 201 6.54 -8.83 25.90
CA LEU D 201 7.97 -8.68 25.98
C LEU D 201 8.41 -8.55 27.44
N VAL D 202 7.66 -7.79 28.25
CA VAL D 202 7.86 -7.72 29.71
C VAL D 202 7.79 -9.15 30.26
N LYS D 203 6.75 -9.90 29.86
CA LYS D 203 6.59 -11.28 30.34
C LYS D 203 7.76 -12.13 30.03
N MET D 204 8.36 -11.91 28.87
CA MET D 204 9.45 -12.74 28.40
C MET D 204 10.78 -12.33 29.04
N GLY D 205 10.80 -11.22 29.77
CA GLY D 205 12.01 -10.74 30.43
C GLY D 205 12.89 -9.85 29.59
N TRP D 206 12.39 -9.42 28.43
CA TRP D 206 13.17 -8.58 27.51
C TRP D 206 13.38 -7.18 28.04
N THR D 207 12.51 -6.75 28.93
CA THR D 207 12.65 -5.52 29.70
C THR D 207 11.71 -5.67 30.90
N SER D 208 11.64 -4.63 31.73
CA SER D 208 10.76 -4.63 32.87
C SER D 208 9.69 -3.55 32.65
N GLN D 209 8.59 -3.65 33.40
CA GLN D 209 7.50 -2.68 33.32
C GLN D 209 7.99 -1.31 33.78
N ASP D 210 8.84 -1.27 34.80
CA ASP D 210 9.42 0.02 35.22
C ASP D 210 10.25 0.70 34.09
N LYS D 211 11.06 -0.08 33.38
CA LYS D 211 11.85 0.51 32.30
C LYS D 211 10.96 0.97 31.15
N LEU D 212 9.90 0.21 30.86
CA LEU D 212 8.89 0.63 29.88
C LEU D 212 8.10 1.90 30.29
N ASP D 213 7.74 2.00 31.57
CA ASP D 213 7.17 3.24 32.07
C ASP D 213 8.12 4.43 31.88
N LYS D 214 9.43 4.25 32.10
CA LYS D 214 10.37 5.35 31.98
C LYS D 214 10.51 5.75 30.47
N ILE D 215 10.49 4.75 29.58
CA ILE D 215 10.50 4.97 28.15
C ILE D 215 9.28 5.78 27.73
N ILE D 216 8.12 5.41 28.26
CA ILE D 216 6.90 6.13 27.97
C ILE D 216 6.99 7.57 28.44
N GLN D 217 7.52 7.78 29.65
CA GLN D 217 7.65 9.14 30.21
C GLN D 217 8.68 9.93 29.39
N ARG D 218 9.72 9.25 28.94
CA ARG D 218 10.72 9.93 28.11
C ARG D 218 10.16 10.40 26.73
N THR D 219 9.22 9.63 26.21
CA THR D 219 8.53 9.99 24.98
C THR D 219 7.65 11.22 25.24
N ARG D 220 6.92 11.25 26.34
CA ARG D 220 6.16 12.46 26.72
C ARG D 220 7.03 13.72 26.77
N ASP D 221 8.23 13.58 27.35
CA ASP D 221 9.11 14.71 27.60
C ASP D 221 10.13 14.91 26.46
N GLY D 222 9.93 14.16 25.37
CA GLY D 222 10.98 14.04 24.36
C GLY D 222 11.37 15.35 23.77
N GLY D 223 10.38 16.19 23.48
CA GLY D 223 10.60 17.55 22.97
C GLY D 223 11.39 18.42 23.94
N ALA D 224 11.01 18.35 25.19
CA ALA D 224 11.68 19.07 26.26
C ALA D 224 13.12 18.56 26.45
N GLU D 225 13.36 17.27 26.29
CA GLU D 225 14.72 16.76 26.41
C GLU D 225 15.65 17.39 25.35
N ILE D 226 15.17 17.52 24.12
CA ILE D 226 16.01 18.11 23.07
C ILE D 226 16.29 19.60 23.40
N VAL D 227 15.23 20.34 23.77
CA VAL D 227 15.38 21.75 24.21
C VAL D 227 16.42 21.92 25.32
N GLY D 228 16.37 21.04 26.32
CA GLY D 228 17.35 21.11 27.43
C GLY D 228 18.78 20.93 26.94
N LEU D 229 18.97 20.07 25.94
CA LEU D 229 20.30 19.80 25.40
C LEU D 229 20.78 20.94 24.49
N LEU D 230 19.95 21.40 23.56
CA LEU D 230 20.34 22.47 22.63
C LEU D 230 20.38 23.83 23.33
N LYS D 231 19.55 24.00 24.35
CA LYS D 231 19.41 25.27 25.09
C LYS D 231 18.88 26.44 24.24
N THR D 232 19.41 26.63 23.04
CA THR D 232 19.01 27.74 22.19
C THR D 232 17.92 27.46 21.16
N GLY D 233 17.45 26.22 21.03
CA GLY D 233 16.27 25.97 20.17
C GLY D 233 15.62 24.63 20.43
N SER D 234 14.77 24.16 19.54
CA SER D 234 14.15 22.84 19.71
C SER D 234 14.49 21.84 18.58
N ALA D 235 13.90 20.65 18.65
CA ALA D 235 14.22 19.56 17.75
C ALA D 235 13.87 19.99 16.33
N PHE D 236 14.62 19.53 15.33
CA PHE D 236 14.23 19.80 13.97
C PHE D 236 14.42 18.65 12.99
N TYR D 237 15.35 17.73 13.25
CA TYR D 237 15.57 16.57 12.35
C TYR D 237 14.38 15.61 12.36
N ALA D 238 14.00 15.12 13.55
CA ALA D 238 12.93 14.16 13.67
C ALA D 238 11.56 14.80 13.29
N PRO D 239 11.28 16.01 13.72
CA PRO D 239 10.06 16.65 13.22
C PRO D 239 10.00 16.70 11.69
N ALA D 240 11.10 17.11 11.06
CA ALA D 240 11.15 17.29 9.64
C ALA D 240 10.97 15.96 8.97
N ALA D 241 11.69 14.94 9.41
CA ALA D 241 11.53 13.59 8.88
C ALA D 241 10.13 13.09 8.98
N SER D 242 9.49 13.34 10.13
CA SER D 242 8.08 12.98 10.36
C SER D 242 7.11 13.60 9.35
N ALA D 243 7.27 14.87 9.07
CA ALA D 243 6.34 15.54 8.16
C ALA D 243 6.62 15.07 6.74
N ILE D 244 7.88 14.82 6.41
CA ILE D 244 8.20 14.36 5.06
C ILE D 244 7.53 13.01 4.84
N GLN D 245 7.50 12.14 5.87
CA GLN D 245 6.88 10.81 5.66
C GLN D 245 5.38 10.91 5.35
N MET D 246 4.66 11.75 6.08
CA MET D 246 3.29 12.12 5.78
C MET D 246 3.14 12.68 4.37
N ALA D 247 4.00 13.61 3.97
CA ALA D 247 3.94 14.17 2.60
C ALA D 247 4.10 13.06 1.59
N GLU D 248 5.06 12.20 1.89
CA GLU D 248 5.37 11.14 0.98
C GLU D 248 4.26 10.12 0.81
N SER D 249 3.58 9.77 1.89
CA SER D 249 2.44 8.87 1.80
C SER D 249 1.32 9.48 0.92
N TYR D 250 1.12 10.79 1.00
CA TYR D 250 0.22 11.48 0.09
C TYR D 250 0.72 11.39 -1.35
N LEU D 251 1.98 11.80 -1.62
CA LEU D 251 2.44 11.97 -3.01
C LEU D 251 2.51 10.63 -3.75
N LYS D 252 2.66 9.55 -2.99
CA LYS D 252 2.92 8.25 -3.57
C LYS D 252 1.73 7.29 -3.35
N ASP D 253 0.64 7.82 -2.79
CA ASP D 253 -0.61 7.10 -2.57
C ASP D 253 -0.32 5.78 -1.89
N LYS D 254 0.43 5.88 -0.80
CA LYS D 254 1.04 4.71 -0.16
C LYS D 254 0.07 4.01 0.80
N LYS D 255 -0.86 4.76 1.37
CA LYS D 255 -1.78 4.24 2.38
C LYS D 255 -1.04 3.84 3.68
N ARG D 256 -0.02 4.61 4.08
CA ARG D 256 0.59 4.34 5.37
C ARG D 256 -0.47 4.59 6.43
N VAL D 257 -0.38 3.86 7.54
CA VAL D 257 -1.13 4.17 8.72
C VAL D 257 -0.23 5.04 9.59
N LEU D 258 -0.64 6.29 9.83
CA LEU D 258 0.15 7.28 10.49
C LEU D 258 -0.74 8.02 11.49
N PRO D 259 -0.22 8.25 12.70
CA PRO D 259 -0.91 9.10 13.68
C PRO D 259 -0.69 10.55 13.32
N VAL D 260 -1.79 11.27 13.06
CA VAL D 260 -1.73 12.69 12.72
C VAL D 260 -2.90 13.41 13.40
N ALA D 261 -2.80 14.72 13.49
CA ALA D 261 -3.90 15.50 14.03
C ALA D 261 -4.87 15.68 12.86
N ALA D 262 -6.05 15.10 13.00
CA ALA D 262 -7.05 15.13 11.93
C ALA D 262 -8.40 15.60 12.51
N GLN D 263 -9.21 16.23 11.68
CA GLN D 263 -10.56 16.62 12.09
C GLN D 263 -11.38 15.41 12.38
N LEU D 264 -11.88 15.31 13.59
CA LEU D 264 -12.78 14.22 13.89
C LEU D 264 -14.24 14.66 13.59
N SER D 265 -15.04 13.71 13.12
CA SER D 265 -16.48 13.96 12.99
C SER D 265 -17.27 12.79 13.56
N GLY D 266 -17.11 12.55 14.86
CA GLY D 266 -17.85 11.53 15.59
C GLY D 266 -16.96 10.44 16.15
N GLN D 267 -15.77 10.26 15.57
CA GLN D 267 -14.90 9.15 15.95
C GLN D 267 -14.43 9.49 17.32
N TYR D 268 -14.34 8.52 18.22
CA TYR D 268 -13.92 8.81 19.62
C TYR D 268 -14.87 9.77 20.34
N GLY D 269 -16.07 9.95 19.82
CA GLY D 269 -17.03 10.88 20.41
C GLY D 269 -16.77 12.37 20.29
N VAL D 270 -15.95 12.78 19.30
CA VAL D 270 -15.51 14.19 19.16
C VAL D 270 -15.97 14.69 17.82
N LYS D 271 -16.40 15.94 17.71
CA LYS D 271 -16.77 16.55 16.42
C LYS D 271 -16.15 17.92 16.30
N ASP D 272 -15.83 18.32 15.07
CA ASP D 272 -15.35 19.67 14.73
C ASP D 272 -14.09 20.13 15.45
N MET D 273 -13.11 19.25 15.52
CA MET D 273 -11.88 19.52 16.27
C MET D 273 -10.83 18.56 15.77
N TYR D 274 -9.60 19.04 15.74
CA TYR D 274 -8.47 18.20 15.41
C TYR D 274 -7.97 17.46 16.64
N VAL D 275 -7.76 16.16 16.49
CA VAL D 275 -7.17 15.32 17.51
C VAL D 275 -6.21 14.33 16.88
N GLY D 276 -5.19 13.95 17.65
CA GLY D 276 -4.19 13.00 17.15
C GLY D 276 -4.80 11.61 17.15
N VAL D 277 -4.92 11.01 15.98
CA VAL D 277 -5.54 9.70 15.80
C VAL D 277 -4.81 8.95 14.72
N PRO D 278 -4.93 7.63 14.71
CA PRO D 278 -4.36 6.89 13.62
C PRO D 278 -5.20 7.07 12.37
N THR D 279 -4.54 7.32 11.24
CA THR D 279 -5.20 7.60 9.97
C THR D 279 -4.51 6.84 8.84
N VAL D 280 -5.21 6.65 7.73
CA VAL D 280 -4.61 6.12 6.54
C VAL D 280 -4.41 7.28 5.58
N ILE D 281 -3.15 7.55 5.21
CA ILE D 281 -2.84 8.68 4.35
C ILE D 281 -2.56 8.24 2.91
N GLY D 282 -3.28 8.84 1.96
CA GLY D 282 -3.06 8.50 0.54
C GLY D 282 -3.29 9.71 -0.31
N ALA D 283 -3.56 9.45 -1.58
CA ALA D 283 -3.63 10.49 -2.60
C ALA D 283 -4.83 11.39 -2.36
N ASN D 284 -5.75 10.94 -1.53
CA ASN D 284 -6.83 11.83 -1.12
C ASN D 284 -6.71 12.46 0.26
N GLY D 285 -5.51 12.49 0.83
CA GLY D 285 -5.34 13.05 2.17
C GLY D 285 -5.71 12.05 3.22
N VAL D 286 -6.40 12.48 4.26
CA VAL D 286 -6.90 11.55 5.28
C VAL D 286 -7.99 10.72 4.62
N GLU D 287 -7.68 9.49 4.24
CA GLU D 287 -8.64 8.66 3.56
C GLU D 287 -9.52 7.88 4.52
N ARG D 288 -9.05 7.76 5.76
CA ARG D 288 -9.74 6.97 6.76
C ARG D 288 -9.19 7.30 8.13
N ILE D 289 -10.08 7.45 9.12
CA ILE D 289 -9.66 7.59 10.51
C ILE D 289 -9.91 6.24 11.18
N ILE D 290 -8.89 5.68 11.80
CA ILE D 290 -8.97 4.38 12.43
C ILE D 290 -9.45 4.56 13.86
N GLU D 291 -10.41 3.73 14.28
CA GLU D 291 -11.09 3.88 15.57
C GLU D 291 -10.93 2.60 16.35
N ILE D 292 -10.27 2.69 17.50
CA ILE D 292 -10.10 1.54 18.38
C ILE D 292 -10.75 1.88 19.70
N ASP D 293 -11.03 0.85 20.49
CA ASP D 293 -11.58 1.01 21.82
C ASP D 293 -10.46 1.38 22.78
N LEU D 294 -10.77 2.30 23.69
CA LEU D 294 -9.89 2.79 24.74
C LEU D 294 -10.48 2.47 26.10
N ASP D 295 -9.66 1.98 27.03
CA ASP D 295 -10.16 1.69 28.37
C ASP D 295 -10.42 2.98 29.12
N LYS D 296 -10.88 2.86 30.36
CA LYS D 296 -11.29 4.02 31.12
C LYS D 296 -10.13 5.00 31.31
N ASP D 297 -8.95 4.46 31.62
CA ASP D 297 -7.81 5.34 31.89
C ASP D 297 -7.32 6.00 30.61
N GLU D 298 -7.17 5.21 29.56
CA GLU D 298 -6.91 5.75 28.22
C GLU D 298 -7.92 6.84 27.86
N LYS D 299 -9.20 6.56 28.07
CA LYS D 299 -10.28 7.51 27.67
C LYS D 299 -10.25 8.72 28.59
N ALA D 300 -9.84 8.47 29.82
CA ALA D 300 -9.54 9.54 30.75
C ALA D 300 -8.50 10.52 30.18
N GLN D 301 -7.34 10.02 29.79
CA GLN D 301 -6.27 10.91 29.25
C GLN D 301 -6.79 11.57 27.95
N PHE D 302 -7.39 10.75 27.09
CA PHE D 302 -7.92 11.23 25.79
C PHE D 302 -8.82 12.46 25.93
N ASP D 303 -9.86 12.31 26.74
CA ASP D 303 -10.81 13.41 27.06
C ASP D 303 -10.12 14.63 27.66
N LYS D 304 -9.13 14.36 28.51
CA LYS D 304 -8.33 15.44 29.12
C LYS D 304 -7.61 16.31 28.05
N SER D 305 -7.03 15.68 27.05
CA SER D 305 -6.39 16.42 25.96
C SER D 305 -7.40 17.22 25.12
N VAL D 306 -8.52 16.56 24.81
CA VAL D 306 -9.62 17.20 24.08
C VAL D 306 -10.18 18.37 24.85
N ALA D 307 -10.35 18.19 26.16
CA ALA D 307 -10.74 19.32 26.99
C ALA D 307 -9.71 20.47 26.88
N SER D 308 -8.43 20.14 27.00
CA SER D 308 -7.37 21.15 26.91
C SER D 308 -7.38 21.86 25.54
N VAL D 309 -7.52 21.09 24.46
CA VAL D 309 -7.54 21.68 23.12
C VAL D 309 -8.82 22.47 22.89
N ALA D 310 -9.94 21.98 23.40
CA ALA D 310 -11.21 22.75 23.37
C ALA D 310 -11.03 24.17 23.87
N GLY D 311 -10.30 24.31 24.97
CA GLY D 311 -10.08 25.60 25.61
C GLY D 311 -9.19 26.49 24.77
N LEU D 312 -8.14 25.91 24.20
CA LEU D 312 -7.28 26.67 23.28
C LEU D 312 -8.08 27.21 22.10
N CYS D 313 -8.88 26.34 21.50
CA CYS D 313 -9.75 26.73 20.38
C CYS D 313 -10.75 27.82 20.79
N GLU D 314 -11.42 27.65 21.93
CA GLU D 314 -12.24 28.74 22.49
C GLU D 314 -11.39 30.01 22.67
N ALA D 315 -10.22 29.89 23.33
CA ALA D 315 -9.35 31.07 23.44
C ALA D 315 -9.00 31.65 22.07
N CYS D 316 -8.82 30.80 21.05
CA CYS D 316 -8.62 31.32 19.68
C CYS D 316 -9.86 32.04 19.17
N ILE D 317 -11.05 31.50 19.49
CA ILE D 317 -12.31 32.13 19.04
C ILE D 317 -12.40 33.53 19.67
N GLY D 318 -12.06 33.64 20.95
CA GLY D 318 -11.81 34.92 21.60
C GLY D 318 -11.03 35.90 20.73
N ILE D 319 -9.86 35.47 20.23
CA ILE D 319 -8.98 36.37 19.48
C ILE D 319 -9.45 36.61 18.07
N ALA D 320 -10.04 35.58 17.48
CA ALA D 320 -10.47 35.63 16.08
C ALA D 320 -11.88 35.04 15.98
N PRO D 321 -12.91 35.86 16.31
CA PRO D 321 -14.34 35.47 16.20
C PRO D 321 -14.72 34.87 14.85
N SER D 322 -14.09 35.37 13.78
CA SER D 322 -14.23 34.78 12.42
C SER D 322 -14.25 33.23 12.41
N LEU D 323 -13.57 32.63 13.38
CA LEU D 323 -13.65 31.19 13.62
C LEU D 323 -15.00 30.83 14.24
N ALA E 6 -61.65 -19.69 -6.98
CA ALA E 6 -60.66 -20.08 -8.03
C ALA E 6 -59.24 -19.71 -7.54
N ARG E 7 -58.30 -20.58 -7.79
CA ARG E 7 -56.90 -20.28 -7.55
C ARG E 7 -56.41 -19.24 -8.58
N ASN E 8 -55.39 -18.48 -8.20
CA ASN E 8 -54.64 -17.66 -9.13
C ASN E 8 -54.14 -18.53 -10.26
N LYS E 9 -53.99 -17.93 -11.44
CA LYS E 9 -53.53 -18.63 -12.64
C LYS E 9 -52.31 -17.85 -13.15
N ILE E 10 -51.21 -18.54 -13.39
CA ILE E 10 -50.00 -17.93 -13.83
C ILE E 10 -49.66 -18.54 -15.21
N ALA E 11 -49.42 -17.71 -16.20
CA ALA E 11 -49.17 -18.17 -17.54
C ALA E 11 -47.73 -17.89 -17.79
N LEU E 12 -47.00 -18.86 -18.29
CA LEU E 12 -45.58 -18.66 -18.56
C LEU E 12 -45.36 -18.73 -20.07
N ILE E 13 -45.09 -17.58 -20.70
CA ILE E 13 -44.85 -17.55 -22.15
C ILE E 13 -43.37 -17.76 -22.46
N GLY E 14 -43.07 -19.00 -22.81
CA GLY E 14 -41.70 -19.48 -22.86
C GLY E 14 -41.49 -20.54 -21.77
N SER E 15 -41.13 -21.74 -22.18
CA SER E 15 -40.94 -22.89 -21.30
C SER E 15 -39.53 -23.45 -21.46
N GLY E 16 -38.57 -22.56 -21.66
CA GLY E 16 -37.19 -22.96 -21.73
C GLY E 16 -36.67 -23.05 -20.32
N MET E 17 -35.44 -22.58 -20.15
CA MET E 17 -34.72 -22.80 -18.92
C MET E 17 -35.25 -21.94 -17.79
N ILE E 18 -35.50 -20.67 -18.05
CA ILE E 18 -36.12 -19.82 -17.06
C ILE E 18 -37.60 -20.21 -16.86
N GLY E 19 -38.29 -20.47 -17.96
CA GLY E 19 -39.69 -20.92 -17.92
C GLY E 19 -39.96 -22.11 -17.00
N GLY E 20 -39.25 -23.20 -17.26
CA GLY E 20 -39.26 -24.37 -16.36
C GLY E 20 -39.02 -23.98 -14.91
N THR E 21 -37.99 -23.18 -14.65
CA THR E 21 -37.68 -22.77 -13.27
C THR E 21 -38.78 -21.90 -12.69
N LEU E 22 -39.37 -21.02 -13.50
CA LEU E 22 -40.51 -20.24 -13.02
C LEU E 22 -41.68 -21.13 -12.53
N ALA E 23 -41.99 -22.15 -13.31
CA ALA E 23 -43.04 -23.12 -12.99
C ALA E 23 -42.76 -23.90 -11.71
N HIS E 24 -41.50 -24.29 -11.52
CA HIS E 24 -41.17 -25.07 -10.36
C HIS E 24 -41.34 -24.18 -9.14
N LEU E 25 -40.76 -23.00 -9.18
CA LEU E 25 -40.97 -22.07 -8.09
C LEU E 25 -42.44 -21.78 -7.82
N ALA E 26 -43.24 -21.47 -8.84
CA ALA E 26 -44.65 -21.18 -8.60
C ALA E 26 -45.32 -22.35 -7.85
N GLY E 27 -44.98 -23.57 -8.19
CA GLY E 27 -45.49 -24.73 -7.49
C GLY E 27 -45.06 -24.74 -6.04
N LEU E 28 -43.76 -24.68 -5.81
CA LEU E 28 -43.25 -24.83 -4.45
C LEU E 28 -43.82 -23.74 -3.55
N LYS E 29 -44.04 -22.56 -4.11
CA LYS E 29 -44.55 -21.45 -3.28
C LYS E 29 -46.07 -21.35 -3.34
N GLU E 30 -46.73 -22.25 -4.08
CA GLU E 30 -48.18 -22.32 -4.10
C GLU E 30 -48.77 -21.01 -4.51
N LEU E 31 -48.27 -20.42 -5.60
CA LEU E 31 -48.79 -19.15 -6.08
C LEU E 31 -50.07 -19.40 -6.89
N GLY E 32 -50.29 -20.65 -7.29
CA GLY E 32 -51.47 -21.02 -8.05
C GLY E 32 -51.26 -22.04 -9.15
N ASP E 33 -52.24 -22.12 -10.04
CA ASP E 33 -52.20 -22.99 -11.19
C ASP E 33 -51.28 -22.38 -12.23
N VAL E 34 -50.66 -23.22 -13.03
CA VAL E 34 -49.61 -22.75 -13.91
C VAL E 34 -49.85 -23.27 -15.31
N VAL E 35 -49.74 -22.36 -16.29
CA VAL E 35 -49.73 -22.75 -17.67
C VAL E 35 -48.36 -22.43 -18.25
N LEU E 36 -47.71 -23.44 -18.81
CA LEU E 36 -46.49 -23.28 -19.54
C LEU E 36 -46.84 -23.21 -21.04
N PHE E 37 -46.45 -22.13 -21.70
CA PHE E 37 -46.75 -21.99 -23.09
C PHE E 37 -45.44 -21.92 -23.82
N ASP E 38 -45.44 -22.52 -25.00
CA ASP E 38 -44.29 -22.46 -25.88
C ASP E 38 -44.74 -22.78 -27.30
N ILE E 39 -43.88 -22.51 -28.28
CA ILE E 39 -44.20 -22.94 -29.65
C ILE E 39 -43.64 -24.31 -29.95
N ALA E 40 -42.64 -24.73 -29.18
CA ALA E 40 -42.13 -26.09 -29.27
C ALA E 40 -43.20 -27.04 -28.75
N GLU E 41 -43.62 -27.99 -29.57
CA GLU E 41 -44.50 -29.06 -29.11
C GLU E 41 -43.73 -29.98 -28.17
N GLY E 42 -44.40 -30.44 -27.11
CA GLY E 42 -43.81 -31.43 -26.22
C GLY E 42 -43.19 -30.80 -24.98
N THR E 43 -42.37 -29.79 -25.21
CA THR E 43 -41.60 -29.16 -24.15
C THR E 43 -42.41 -28.68 -22.96
N PRO E 44 -43.42 -27.80 -23.17
CA PRO E 44 -44.15 -27.35 -22.01
C PRO E 44 -45.06 -28.45 -21.40
N GLN E 45 -45.49 -29.42 -22.20
CA GLN E 45 -46.30 -30.55 -21.69
C GLN E 45 -45.43 -31.46 -20.78
N GLY E 46 -44.20 -31.71 -21.22
CA GLY E 46 -43.25 -32.52 -20.48
C GLY E 46 -42.81 -31.90 -19.15
N LYS E 47 -42.41 -30.64 -19.19
CA LYS E 47 -42.03 -29.93 -17.96
C LYS E 47 -43.22 -29.76 -16.99
N GLY E 48 -44.38 -29.40 -17.53
CA GLY E 48 -45.57 -29.23 -16.70
C GLY E 48 -45.90 -30.53 -15.99
N LEU E 49 -45.90 -31.64 -16.73
CA LEU E 49 -46.21 -32.94 -16.18
C LEU E 49 -45.15 -33.42 -15.18
N ASP E 50 -43.89 -33.16 -15.50
CA ASP E 50 -42.77 -33.46 -14.57
C ASP E 50 -42.93 -32.73 -13.21
N ILE E 51 -43.26 -31.46 -13.25
CA ILE E 51 -43.42 -30.69 -12.01
C ILE E 51 -44.69 -31.14 -11.28
N ALA E 52 -45.78 -31.36 -12.03
CA ALA E 52 -47.02 -31.85 -11.45
C ALA E 52 -46.75 -33.15 -10.67
N GLU E 53 -46.00 -34.04 -11.27
CA GLU E 53 -45.66 -35.33 -10.69
C GLU E 53 -44.78 -35.19 -9.44
N SER E 54 -44.08 -34.07 -9.33
CA SER E 54 -43.27 -33.79 -8.15
C SER E 54 -44.10 -33.27 -6.99
N SER E 55 -45.33 -32.82 -7.31
CA SER E 55 -46.18 -32.16 -6.34
C SER E 55 -46.57 -32.99 -5.11
N PRO E 56 -46.79 -34.29 -5.26
CA PRO E 56 -47.07 -35.07 -4.06
C PRO E 56 -45.94 -35.12 -3.03
N VAL E 57 -44.72 -34.82 -3.44
CA VAL E 57 -43.57 -34.90 -2.50
C VAL E 57 -43.67 -33.83 -1.40
N ASP E 58 -43.81 -32.56 -1.77
CA ASP E 58 -44.01 -31.48 -0.76
C ASP E 58 -45.46 -31.22 -0.37
N GLY E 59 -46.40 -31.72 -1.15
CA GLY E 59 -47.80 -31.58 -0.82
C GLY E 59 -48.46 -30.31 -1.35
N PHE E 60 -47.88 -29.62 -2.33
CA PHE E 60 -48.59 -28.52 -2.98
C PHE E 60 -49.64 -29.01 -4.00
N ASP E 61 -50.84 -28.42 -3.94
CA ASP E 61 -51.87 -28.71 -4.94
C ASP E 61 -51.99 -27.61 -6.03
N ALA E 62 -51.60 -27.91 -7.25
CA ALA E 62 -51.63 -26.93 -8.32
C ALA E 62 -51.80 -27.66 -9.62
N LYS E 63 -52.61 -27.12 -10.53
CA LYS E 63 -52.65 -27.68 -11.89
C LYS E 63 -51.47 -27.14 -12.73
N PHE E 64 -50.86 -28.04 -13.51
CA PHE E 64 -49.80 -27.68 -14.41
C PHE E 64 -50.20 -28.15 -15.80
N THR E 65 -50.22 -27.19 -16.74
CA THR E 65 -50.75 -27.36 -18.08
C THR E 65 -49.68 -26.85 -19.03
N GLY E 66 -49.31 -27.66 -20.01
CA GLY E 66 -48.48 -27.24 -21.13
C GLY E 66 -49.38 -26.95 -22.34
N ALA E 67 -49.07 -25.92 -23.11
CA ALA E 67 -49.95 -25.57 -24.22
C ALA E 67 -49.13 -24.98 -25.35
N ASN E 68 -49.61 -25.18 -26.57
CA ASN E 68 -49.04 -24.55 -27.78
C ASN E 68 -50.04 -23.55 -28.37
N ASP E 69 -51.14 -23.32 -27.66
CA ASP E 69 -52.22 -22.45 -28.08
C ASP E 69 -52.42 -21.36 -27.04
N TYR E 70 -52.50 -20.10 -27.46
CA TYR E 70 -52.62 -18.97 -26.55
C TYR E 70 -53.92 -18.99 -25.77
N ALA E 71 -54.92 -19.70 -26.25
CA ALA E 71 -56.18 -19.79 -25.51
C ALA E 71 -55.98 -20.45 -24.16
N ALA E 72 -54.90 -21.21 -24.02
CA ALA E 72 -54.62 -21.85 -22.72
C ALA E 72 -54.36 -20.81 -21.63
N ILE E 73 -53.95 -19.60 -22.01
CA ILE E 73 -53.60 -18.57 -21.00
C ILE E 73 -54.78 -17.76 -20.51
N GLU E 74 -55.98 -18.11 -20.97
CA GLU E 74 -57.17 -17.29 -20.71
C GLU E 74 -57.40 -16.98 -19.23
N GLY E 75 -57.59 -15.70 -18.95
CA GLY E 75 -57.86 -15.26 -17.59
C GLY E 75 -56.66 -15.28 -16.66
N ALA E 76 -55.45 -15.44 -17.21
CA ALA E 76 -54.28 -15.54 -16.31
C ALA E 76 -54.16 -14.29 -15.46
N ASP E 77 -53.94 -14.46 -14.16
CA ASP E 77 -53.66 -13.30 -13.29
C ASP E 77 -52.27 -12.68 -13.52
N VAL E 78 -51.29 -13.51 -13.79
CA VAL E 78 -49.93 -13.06 -13.98
C VAL E 78 -49.47 -13.77 -15.23
N VAL E 79 -48.76 -13.03 -16.09
CA VAL E 79 -48.15 -13.61 -17.29
C VAL E 79 -46.68 -13.28 -17.27
N ILE E 80 -45.81 -14.27 -17.40
CA ILE E 80 -44.35 -14.02 -17.36
C ILE E 80 -43.74 -14.55 -18.65
N VAL E 81 -43.03 -13.64 -19.35
CA VAL E 81 -42.63 -13.82 -20.72
C VAL E 81 -41.12 -13.94 -20.85
N THR E 82 -40.69 -15.14 -21.29
CA THR E 82 -39.30 -15.43 -21.61
C THR E 82 -39.15 -15.86 -23.07
N ALA E 83 -40.25 -15.94 -23.81
CA ALA E 83 -40.27 -16.30 -25.23
C ALA E 83 -39.26 -15.47 -26.03
N GLY E 84 -38.38 -16.17 -26.76
CA GLY E 84 -37.40 -15.52 -27.64
C GLY E 84 -36.29 -16.46 -28.08
N VAL E 85 -35.28 -15.89 -28.74
CA VAL E 85 -34.13 -16.66 -29.21
C VAL E 85 -32.84 -16.14 -28.54
N PRO E 86 -31.88 -17.05 -28.28
CA PRO E 86 -30.62 -16.55 -27.68
C PRO E 86 -29.77 -15.85 -28.74
N ARG E 87 -28.83 -15.01 -28.28
CA ARG E 87 -27.87 -14.35 -29.16
C ARG E 87 -26.81 -15.40 -29.47
N LYS E 88 -26.83 -15.90 -30.71
CA LYS E 88 -25.96 -16.99 -31.16
C LYS E 88 -24.65 -16.44 -31.79
N ASP E 94 -27.92 -6.16 -33.23
CA ASP E 94 -29.12 -5.55 -33.80
C ASP E 94 -29.90 -6.54 -34.69
N ASP E 95 -29.44 -7.80 -34.73
CA ASP E 95 -30.12 -8.87 -35.49
C ASP E 95 -31.15 -9.63 -34.61
N LEU E 96 -30.76 -9.87 -33.35
CA LEU E 96 -31.61 -10.41 -32.27
C LEU E 96 -32.84 -9.56 -32.08
N LEU E 97 -32.60 -8.27 -31.95
CA LEU E 97 -33.65 -7.28 -31.77
C LEU E 97 -34.80 -7.62 -32.69
N GLY E 98 -34.51 -7.76 -33.97
CA GLY E 98 -35.55 -8.04 -34.98
C GLY E 98 -36.31 -9.35 -34.79
N ILE E 99 -35.59 -10.41 -34.40
CA ILE E 99 -36.27 -11.70 -34.18
C ILE E 99 -37.14 -11.64 -32.93
N ASN E 100 -36.63 -11.07 -31.85
CA ASN E 100 -37.36 -11.08 -30.59
C ASN E 100 -38.51 -10.08 -30.53
N LEU E 101 -38.36 -8.98 -31.24
CA LEU E 101 -39.45 -8.02 -31.44
C LEU E 101 -40.64 -8.65 -32.11
N LYS E 102 -40.40 -9.52 -33.10
CA LYS E 102 -41.45 -10.25 -33.80
C LYS E 102 -42.14 -11.23 -32.85
N VAL E 103 -41.37 -11.78 -31.92
CA VAL E 103 -41.92 -12.61 -30.86
C VAL E 103 -42.81 -11.80 -29.89
N MET E 104 -42.33 -10.65 -29.44
CA MET E 104 -43.15 -9.78 -28.60
C MET E 104 -44.48 -9.40 -29.27
N GLU E 105 -44.45 -9.21 -30.58
CA GLU E 105 -45.66 -8.92 -31.36
C GLU E 105 -46.70 -10.01 -31.19
N GLN E 106 -46.24 -11.24 -31.33
CA GLN E 106 -47.06 -12.44 -31.16
C GLN E 106 -47.58 -12.63 -29.74
N VAL E 107 -46.66 -12.52 -28.78
CA VAL E 107 -46.99 -12.60 -27.37
C VAL E 107 -47.97 -11.49 -26.98
N GLY E 108 -47.66 -10.27 -27.40
CA GLY E 108 -48.52 -9.10 -27.16
C GLY E 108 -49.95 -9.35 -27.60
N ALA E 109 -50.12 -9.93 -28.79
CA ALA E 109 -51.47 -10.21 -29.34
C ALA E 109 -52.18 -11.32 -28.56
N GLY E 110 -51.42 -12.33 -28.12
CA GLY E 110 -52.04 -13.40 -27.32
C GLY E 110 -52.51 -12.86 -26.00
N ILE E 111 -51.69 -12.02 -25.39
CA ILE E 111 -52.07 -11.42 -24.09
C ILE E 111 -53.29 -10.49 -24.26
N LYS E 112 -53.25 -9.61 -25.26
CA LYS E 112 -54.40 -8.73 -25.59
C LYS E 112 -55.71 -9.49 -25.65
N LYS E 113 -55.74 -10.55 -26.48
CA LYS E 113 -56.92 -11.38 -26.64
C LYS E 113 -57.36 -12.22 -25.44
N TYR E 114 -56.43 -12.89 -24.77
CA TYR E 114 -56.84 -13.88 -23.74
C TYR E 114 -56.64 -13.47 -22.27
N ALA E 115 -55.67 -12.59 -21.99
CA ALA E 115 -55.31 -12.25 -20.59
C ALA E 115 -55.14 -10.77 -20.43
N PRO E 116 -56.14 -9.99 -20.87
CA PRO E 116 -56.01 -8.53 -20.90
C PRO E 116 -55.89 -7.87 -19.51
N GLU E 117 -56.39 -8.56 -18.48
CA GLU E 117 -56.31 -8.03 -17.12
C GLU E 117 -55.06 -8.53 -16.37
N ALA E 118 -54.18 -9.24 -17.05
CA ALA E 118 -53.02 -9.83 -16.41
C ALA E 118 -51.97 -8.79 -16.04
N PHE E 119 -51.18 -9.12 -15.02
CA PHE E 119 -49.94 -8.41 -14.72
C PHE E 119 -48.85 -9.14 -15.46
N VAL E 120 -48.10 -8.41 -16.28
CA VAL E 120 -47.19 -8.99 -17.23
C VAL E 120 -45.78 -8.63 -16.88
N ILE E 121 -44.90 -9.62 -16.79
CA ILE E 121 -43.51 -9.43 -16.36
C ILE E 121 -42.69 -9.94 -17.55
N CYS E 122 -41.94 -9.06 -18.23
CA CYS E 122 -41.17 -9.44 -19.40
C CYS E 122 -39.75 -9.76 -18.96
N ILE E 123 -39.17 -10.83 -19.49
CA ILE E 123 -37.75 -11.18 -19.20
C ILE E 123 -36.92 -11.25 -20.49
N THR E 124 -37.56 -11.58 -21.61
CA THR E 124 -36.93 -11.60 -22.93
C THR E 124 -36.01 -10.42 -23.21
N ASN E 125 -34.83 -10.74 -23.74
CA ASN E 125 -33.81 -9.76 -24.12
C ASN E 125 -33.94 -9.28 -25.56
N PRO E 126 -33.43 -8.07 -25.86
CA PRO E 126 -32.91 -7.09 -24.89
C PRO E 126 -34.03 -6.41 -24.09
N LEU E 127 -33.99 -6.62 -22.80
CA LEU E 127 -35.13 -6.41 -21.91
C LEU E 127 -35.72 -5.02 -22.06
N ASP E 128 -34.81 -4.08 -21.96
CA ASP E 128 -35.06 -2.66 -21.94
C ASP E 128 -36.05 -2.24 -23.02
N ALA E 129 -35.85 -2.78 -24.22
CA ALA E 129 -36.65 -2.42 -25.37
C ALA E 129 -37.84 -3.38 -25.54
N MET E 130 -37.62 -4.67 -25.36
CA MET E 130 -38.72 -5.65 -25.45
C MET E 130 -39.87 -5.36 -24.51
N VAL E 131 -39.61 -4.83 -23.31
CA VAL E 131 -40.74 -4.64 -22.39
C VAL E 131 -41.54 -3.51 -22.95
N TRP E 132 -40.83 -2.51 -23.41
CA TRP E 132 -41.45 -1.33 -24.00
C TRP E 132 -42.34 -1.71 -25.18
N ALA E 133 -41.81 -2.60 -26.02
CA ALA E 133 -42.50 -3.04 -27.22
C ALA E 133 -43.71 -3.87 -26.87
N LEU E 134 -43.55 -4.77 -25.91
CA LEU E 134 -44.65 -5.66 -25.45
C LEU E 134 -45.82 -4.85 -24.90
N GLN E 135 -45.53 -3.84 -24.10
CA GLN E 135 -46.60 -3.01 -23.62
C GLN E 135 -47.43 -2.41 -24.77
N LYS E 136 -46.75 -1.90 -25.80
CA LYS E 136 -47.44 -1.27 -26.93
C LYS E 136 -48.22 -2.30 -27.76
N PHE E 137 -47.55 -3.38 -28.13
CA PHE E 137 -48.20 -4.43 -28.91
C PHE E 137 -49.40 -4.99 -28.18
N SER E 138 -49.29 -5.16 -26.86
CA SER E 138 -50.41 -5.77 -26.12
C SER E 138 -51.49 -4.76 -25.81
N GLY E 139 -51.12 -3.48 -25.77
CA GLY E 139 -52.10 -2.44 -25.40
C GLY E 139 -52.49 -2.40 -23.93
N LEU E 140 -51.91 -3.28 -23.11
CA LEU E 140 -52.30 -3.35 -21.69
C LEU E 140 -51.89 -2.06 -20.96
N PRO E 141 -52.58 -1.71 -19.88
CA PRO E 141 -52.15 -0.51 -19.19
C PRO E 141 -50.68 -0.62 -18.73
N ALA E 142 -49.87 0.43 -18.96
CA ALA E 142 -48.44 0.39 -18.69
C ALA E 142 -48.12 -0.04 -17.23
N HIS E 143 -48.97 0.34 -16.30
CA HIS E 143 -48.73 0.01 -14.90
C HIS E 143 -48.93 -1.50 -14.58
N LYS E 144 -49.39 -2.26 -15.56
CA LYS E 144 -49.55 -3.70 -15.48
C LYS E 144 -48.56 -4.47 -16.34
N VAL E 145 -47.58 -3.76 -16.91
CA VAL E 145 -46.54 -4.40 -17.73
C VAL E 145 -45.15 -3.88 -17.28
N VAL E 146 -44.31 -4.77 -16.77
CA VAL E 146 -43.02 -4.43 -16.25
C VAL E 146 -42.00 -5.42 -16.77
N GLY E 147 -40.73 -5.04 -16.67
CA GLY E 147 -39.63 -5.92 -17.00
C GLY E 147 -38.78 -6.28 -15.81
N MET E 148 -38.34 -7.52 -15.77
CA MET E 148 -37.44 -7.99 -14.73
C MET E 148 -36.04 -7.63 -15.16
N ALA E 149 -35.38 -6.78 -14.38
CA ALA E 149 -33.95 -6.57 -14.59
C ALA E 149 -33.26 -6.23 -13.28
N GLY E 150 -33.69 -5.14 -12.67
CA GLY E 150 -33.08 -4.67 -11.46
C GLY E 150 -33.06 -5.68 -10.30
N VAL E 151 -34.07 -6.52 -10.14
CA VAL E 151 -34.05 -7.44 -9.00
C VAL E 151 -32.89 -8.43 -9.16
N LEU E 152 -32.58 -8.82 -10.40
CA LEU E 152 -31.48 -9.73 -10.71
C LEU E 152 -30.13 -9.06 -10.39
N ASP E 153 -29.91 -7.87 -10.93
CA ASP E 153 -28.70 -7.13 -10.63
C ASP E 153 -28.55 -6.91 -9.15
N SER E 154 -29.69 -6.63 -8.50
CA SER E 154 -29.69 -6.37 -7.09
C SER E 154 -29.37 -7.64 -6.29
N ALA E 155 -29.84 -8.78 -6.77
CA ALA E 155 -29.57 -10.03 -6.09
C ALA E 155 -28.07 -10.35 -6.21
N ARG E 156 -27.49 -10.27 -7.40
CA ARG E 156 -26.05 -10.41 -7.55
C ARG E 156 -25.23 -9.51 -6.65
N PHE E 157 -25.54 -8.22 -6.73
CA PHE E 157 -24.85 -7.18 -5.97
C PHE E 157 -24.92 -7.51 -4.46
N ARG E 158 -26.13 -7.81 -3.97
CA ARG E 158 -26.27 -8.15 -2.55
C ARG E 158 -25.46 -9.42 -2.15
N TYR E 159 -25.48 -10.43 -3.01
CA TYR E 159 -24.74 -11.63 -2.71
C TYR E 159 -23.23 -11.35 -2.59
N PHE E 160 -22.68 -10.56 -3.53
CA PHE E 160 -21.24 -10.26 -3.48
C PHE E 160 -20.91 -9.50 -2.23
N LEU E 161 -21.79 -8.58 -1.88
CA LEU E 161 -21.57 -7.83 -0.66
C LEU E 161 -21.64 -8.70 0.59
N SER E 162 -22.57 -9.66 0.64
CA SER E 162 -22.72 -10.49 1.84
C SER E 162 -21.46 -11.32 2.11
N GLU E 163 -20.77 -11.68 1.05
CA GLU E 163 -19.52 -12.40 1.11
C GLU E 163 -18.39 -11.53 1.61
N GLU E 164 -18.31 -10.32 1.06
CA GLU E 164 -17.30 -9.37 1.47
C GLU E 164 -17.37 -9.01 2.95
N PHE E 165 -18.59 -8.78 3.42
CA PHE E 165 -18.86 -8.37 4.81
C PHE E 165 -19.16 -9.54 5.74
N ASN E 166 -19.38 -10.73 5.19
CA ASN E 166 -19.64 -11.91 6.01
C ASN E 166 -20.87 -11.68 6.92
N VAL E 167 -21.95 -11.22 6.30
CA VAL E 167 -23.25 -11.10 6.94
C VAL E 167 -24.29 -11.78 6.07
N SER E 168 -25.42 -12.14 6.66
CA SER E 168 -26.56 -12.67 5.91
C SER E 168 -26.95 -11.80 4.74
N VAL E 169 -27.32 -12.47 3.66
CA VAL E 169 -27.85 -11.81 2.51
C VAL E 169 -29.06 -10.96 2.92
N GLU E 170 -29.78 -11.36 3.97
CA GLU E 170 -30.99 -10.62 4.39
C GLU E 170 -30.70 -9.24 5.00
N ASP E 171 -29.43 -9.00 5.33
CA ASP E 171 -29.03 -7.72 5.94
C ASP E 171 -28.40 -6.72 4.98
N VAL E 172 -28.27 -7.09 3.70
CA VAL E 172 -27.74 -6.22 2.66
C VAL E 172 -28.88 -5.65 1.79
N THR E 173 -28.91 -4.33 1.61
CA THR E 173 -29.82 -3.66 0.67
C THR E 173 -28.99 -2.92 -0.42
N VAL E 174 -29.44 -3.00 -1.67
CA VAL E 174 -28.81 -2.24 -2.76
C VAL E 174 -29.86 -1.43 -3.52
N PHE E 175 -29.43 -0.33 -4.14
CA PHE E 175 -30.31 0.60 -4.84
C PHE E 175 -29.79 0.73 -6.26
N VAL E 176 -30.61 0.26 -7.20
CA VAL E 176 -30.21 0.08 -8.57
C VAL E 176 -31.19 0.77 -9.53
N LEU E 177 -30.73 1.72 -10.34
CA LEU E 177 -31.52 2.33 -11.40
C LEU E 177 -31.03 1.79 -12.71
N GLY E 178 -31.85 1.84 -13.76
CA GLY E 178 -31.39 1.46 -15.09
C GLY E 178 -31.35 -0.03 -15.34
N GLY E 179 -30.63 -0.42 -16.39
CA GLY E 179 -30.61 -1.81 -16.83
C GLY E 179 -29.34 -2.54 -16.45
N HIS E 180 -29.05 -3.61 -17.19
CA HIS E 180 -27.87 -4.42 -16.94
C HIS E 180 -26.63 -3.80 -17.57
N GLY E 181 -25.49 -4.26 -17.11
CA GLY E 181 -24.22 -3.87 -17.68
C GLY E 181 -23.91 -2.42 -17.55
N ASP E 182 -23.49 -1.82 -18.66
CA ASP E 182 -23.06 -0.43 -18.67
C ASP E 182 -24.29 0.47 -18.47
N SER E 183 -25.49 -0.04 -18.64
CA SER E 183 -26.65 0.79 -18.40
C SER E 183 -27.10 0.82 -16.91
N MET E 184 -26.43 0.07 -16.05
CA MET E 184 -26.75 0.09 -14.61
C MET E 184 -26.29 1.38 -13.92
N VAL E 185 -27.14 1.90 -13.06
CA VAL E 185 -26.83 3.09 -12.26
C VAL E 185 -27.06 2.72 -10.80
N PRO E 186 -26.02 2.16 -10.15
CA PRO E 186 -26.14 1.75 -8.77
C PRO E 186 -25.82 2.92 -7.91
N LEU E 187 -26.51 3.01 -6.78
CA LEU E 187 -26.32 4.08 -5.84
C LEU E 187 -25.76 3.51 -4.52
N ALA E 188 -24.43 3.58 -4.38
CA ALA E 188 -23.75 3.04 -3.21
C ALA E 188 -24.27 3.67 -1.93
N ARG E 189 -24.59 4.95 -2.03
CA ARG E 189 -25.01 5.71 -0.86
C ARG E 189 -26.40 5.33 -0.36
N TYR E 190 -27.20 4.60 -1.17
CA TYR E 190 -28.50 4.11 -0.75
C TYR E 190 -28.52 2.59 -0.72
N SER E 191 -27.32 2.02 -0.62
CA SER E 191 -27.11 0.61 -0.39
C SER E 191 -26.45 0.47 0.99
N THR E 192 -26.82 -0.59 1.72
CA THR E 192 -26.53 -0.64 3.11
C THR E 192 -26.26 -2.06 3.62
N VAL E 193 -25.56 -2.14 4.76
CA VAL E 193 -25.50 -3.35 5.54
C VAL E 193 -26.16 -3.00 6.88
N ALA E 194 -27.28 -3.62 7.20
CA ALA E 194 -27.91 -3.34 8.48
C ALA E 194 -28.27 -1.88 8.60
N GLY E 195 -28.53 -1.21 7.50
CA GLY E 195 -28.90 0.19 7.55
C GLY E 195 -27.76 1.16 7.37
N ILE E 196 -26.51 0.68 7.51
CA ILE E 196 -25.36 1.56 7.42
C ILE E 196 -24.95 1.64 5.97
N PRO E 197 -24.90 2.85 5.40
CA PRO E 197 -24.61 2.95 3.98
C PRO E 197 -23.16 2.53 3.56
N LEU E 198 -23.01 2.03 2.32
CA LEU E 198 -21.70 1.55 1.86
C LEU E 198 -20.55 2.55 2.03
N PRO E 199 -20.75 3.81 1.66
CA PRO E 199 -19.59 4.69 1.77
C PRO E 199 -19.12 4.85 3.22
N ASP E 200 -20.02 4.74 4.19
CA ASP E 200 -19.66 4.80 5.59
C ASP E 200 -18.92 3.53 5.99
N LEU E 201 -19.34 2.39 5.44
CA LEU E 201 -18.63 1.17 5.71
C LEU E 201 -17.19 1.24 5.16
N VAL E 202 -16.97 1.98 4.09
CA VAL E 202 -15.61 2.23 3.60
C VAL E 202 -14.85 3.03 4.68
N LYS E 203 -15.44 4.14 5.13
CA LYS E 203 -14.80 4.98 6.15
C LYS E 203 -14.49 4.21 7.44
N MET E 204 -15.31 3.21 7.77
CA MET E 204 -15.20 2.44 9.01
C MET E 204 -14.20 1.29 8.86
N GLY E 205 -13.74 1.04 7.64
CA GLY E 205 -12.71 0.02 7.44
C GLY E 205 -13.22 -1.38 7.11
N TRP E 206 -14.55 -1.51 6.93
CA TRP E 206 -15.10 -2.86 6.77
C TRP E 206 -14.86 -3.32 5.38
N THR E 207 -14.55 -2.41 4.47
CA THR E 207 -14.17 -2.75 3.12
C THR E 207 -13.42 -1.54 2.55
N SER E 208 -12.94 -1.67 1.31
CA SER E 208 -12.27 -0.58 0.60
C SER E 208 -13.05 -0.15 -0.61
N GLN E 209 -12.82 1.09 -1.03
CA GLN E 209 -13.46 1.58 -2.22
C GLN E 209 -13.15 0.66 -3.41
N ASP E 210 -11.90 0.19 -3.53
CA ASP E 210 -11.48 -0.65 -4.65
C ASP E 210 -12.28 -1.95 -4.69
N LYS E 211 -12.52 -2.53 -3.53
CA LYS E 211 -13.23 -3.78 -3.46
C LYS E 211 -14.70 -3.52 -3.83
N LEU E 212 -15.25 -2.44 -3.33
CA LEU E 212 -16.59 -2.00 -3.69
C LEU E 212 -16.68 -1.80 -5.21
N ASP E 213 -15.75 -1.03 -5.77
CA ASP E 213 -15.78 -0.78 -7.21
C ASP E 213 -15.71 -2.09 -7.97
N LYS E 214 -14.96 -3.06 -7.47
CA LYS E 214 -14.81 -4.31 -8.20
C LYS E 214 -16.10 -5.11 -8.13
N ILE E 215 -16.83 -4.97 -6.99
CA ILE E 215 -18.10 -5.65 -6.78
C ILE E 215 -19.18 -5.06 -7.67
N ILE E 216 -19.16 -3.74 -7.88
CA ILE E 216 -20.05 -3.07 -8.83
C ILE E 216 -19.79 -3.52 -10.27
N GLN E 217 -18.51 -3.62 -10.64
CA GLN E 217 -18.17 -4.05 -12.01
C GLN E 217 -18.58 -5.52 -12.22
N ARG E 218 -18.41 -6.34 -11.20
CA ARG E 218 -18.77 -7.75 -11.30
C ARG E 218 -20.30 -7.92 -11.48
N THR E 219 -21.06 -7.01 -10.87
CA THR E 219 -22.53 -6.98 -11.01
C THR E 219 -22.89 -6.57 -12.42
N ARG E 220 -22.16 -5.60 -12.98
CA ARG E 220 -22.40 -5.21 -14.38
C ARG E 220 -22.12 -6.35 -15.35
N ASP E 221 -21.09 -7.14 -15.05
CA ASP E 221 -20.68 -8.26 -15.90
C ASP E 221 -21.29 -9.60 -15.49
N GLY E 222 -22.22 -9.59 -14.53
CA GLY E 222 -22.63 -10.78 -13.85
C GLY E 222 -23.27 -11.80 -14.76
N GLY E 223 -24.02 -11.30 -15.73
CA GLY E 223 -24.63 -12.15 -16.73
C GLY E 223 -23.56 -12.85 -17.59
N ALA E 224 -22.55 -12.11 -18.02
CA ALA E 224 -21.50 -12.71 -18.87
C ALA E 224 -20.65 -13.68 -18.03
N GLU E 225 -20.54 -13.43 -16.73
CA GLU E 225 -19.79 -14.32 -15.87
C GLU E 225 -20.47 -15.70 -15.85
N ILE E 226 -21.81 -15.73 -15.81
CA ILE E 226 -22.47 -17.02 -15.75
C ILE E 226 -22.34 -17.70 -17.13
N VAL E 227 -22.55 -16.95 -18.21
CA VAL E 227 -22.39 -17.47 -19.59
C VAL E 227 -21.00 -18.07 -19.82
N GLY E 228 -19.97 -17.44 -19.29
CA GLY E 228 -18.57 -17.91 -19.46
C GLY E 228 -18.29 -19.18 -18.67
N LEU E 229 -19.03 -19.36 -17.58
CA LEU E 229 -18.97 -20.59 -16.84
C LEU E 229 -19.78 -21.68 -17.52
N LEU E 230 -21.04 -21.43 -17.82
CA LEU E 230 -21.89 -22.52 -18.43
C LEU E 230 -21.50 -22.84 -19.89
N LYS E 231 -20.97 -21.83 -20.57
CA LYS E 231 -20.47 -21.92 -21.95
C LYS E 231 -21.56 -22.13 -23.01
N THR E 232 -22.56 -22.98 -22.70
CA THR E 232 -23.64 -23.25 -23.64
C THR E 232 -24.98 -22.58 -23.29
N GLY E 233 -25.02 -21.72 -22.29
CA GLY E 233 -26.30 -21.08 -21.92
C GLY E 233 -26.12 -19.94 -20.92
N SER E 234 -27.21 -19.27 -20.55
CA SER E 234 -27.11 -18.16 -19.62
C SER E 234 -27.81 -18.47 -18.28
N ALA E 235 -27.67 -17.59 -17.30
CA ALA E 235 -28.26 -17.80 -15.99
C ALA E 235 -29.74 -18.12 -16.11
N PHE E 236 -30.24 -19.00 -15.24
CA PHE E 236 -31.70 -19.17 -15.15
C PHE E 236 -32.30 -19.18 -13.74
N TYR E 237 -31.52 -19.55 -12.73
CA TYR E 237 -32.07 -19.68 -11.38
C TYR E 237 -32.35 -18.34 -10.72
N ALA E 238 -31.39 -17.41 -10.77
CA ALA E 238 -31.58 -16.09 -10.16
C ALA E 238 -32.55 -15.20 -10.97
N PRO E 239 -32.51 -15.27 -12.30
CA PRO E 239 -33.52 -14.58 -13.10
C PRO E 239 -34.94 -15.05 -12.79
N ALA E 240 -35.13 -16.37 -12.70
CA ALA E 240 -36.44 -16.93 -12.36
C ALA E 240 -36.89 -16.53 -10.97
N ALA E 241 -36.02 -16.69 -9.98
CA ALA E 241 -36.31 -16.28 -8.60
C ALA E 241 -36.75 -14.82 -8.51
N SER E 242 -36.02 -13.95 -9.19
CA SER E 242 -36.32 -12.54 -9.26
C SER E 242 -37.70 -12.22 -9.85
N ALA E 243 -38.03 -12.82 -10.98
CA ALA E 243 -39.30 -12.62 -11.67
C ALA E 243 -40.46 -13.15 -10.80
N ILE E 244 -40.23 -14.27 -10.11
CA ILE E 244 -41.23 -14.81 -9.20
C ILE E 244 -41.48 -13.90 -7.96
N GLN E 245 -40.43 -13.29 -7.42
CA GLN E 245 -40.61 -12.37 -6.31
C GLN E 245 -41.56 -11.21 -6.71
N MET E 246 -41.40 -10.72 -7.94
CA MET E 246 -42.22 -9.66 -8.52
C MET E 246 -43.66 -10.15 -8.67
N ALA E 247 -43.82 -11.36 -9.16
CA ALA E 247 -45.15 -11.95 -9.33
C ALA E 247 -45.88 -12.10 -7.99
N GLU E 248 -45.11 -12.46 -7.00
CA GLU E 248 -45.64 -12.73 -5.67
C GLU E 248 -46.03 -11.41 -4.96
N SER E 249 -45.26 -10.36 -5.17
CA SER E 249 -45.64 -9.08 -4.60
C SER E 249 -47.04 -8.65 -5.12
N TYR E 250 -47.30 -8.87 -6.41
CA TYR E 250 -48.61 -8.60 -7.05
C TYR E 250 -49.68 -9.51 -6.47
N LEU E 251 -49.46 -10.81 -6.50
CA LEU E 251 -50.47 -11.78 -6.10
C LEU E 251 -50.87 -11.62 -4.63
N LYS E 252 -49.91 -11.26 -3.78
CA LYS E 252 -50.16 -11.13 -2.32
C LYS E 252 -50.34 -9.68 -1.84
N ASP E 253 -50.32 -8.72 -2.77
CA ASP E 253 -50.51 -7.27 -2.44
C ASP E 253 -49.54 -6.84 -1.32
N LYS E 254 -48.31 -7.27 -1.51
CA LYS E 254 -47.27 -7.15 -0.51
C LYS E 254 -46.67 -5.75 -0.43
N LYS E 255 -46.74 -4.99 -1.51
CA LYS E 255 -46.12 -3.65 -1.58
C LYS E 255 -44.57 -3.69 -1.41
N ARG E 256 -43.92 -4.74 -1.90
CA ARG E 256 -42.45 -4.82 -1.92
C ARG E 256 -41.93 -3.67 -2.78
N VAL E 257 -40.81 -3.08 -2.39
CA VAL E 257 -40.12 -2.09 -3.22
C VAL E 257 -39.14 -2.84 -4.08
N LEU E 258 -39.37 -2.91 -5.38
CA LEU E 258 -38.57 -3.73 -6.26
C LEU E 258 -38.09 -2.88 -7.43
N PRO E 259 -36.78 -2.95 -7.73
CA PRO E 259 -36.33 -2.27 -8.94
C PRO E 259 -36.79 -3.05 -10.19
N VAL E 260 -37.64 -2.42 -11.00
CA VAL E 260 -38.13 -3.02 -12.20
C VAL E 260 -38.15 -2.02 -13.34
N ALA E 261 -38.11 -2.52 -14.56
CA ALA E 261 -38.28 -1.64 -15.72
C ALA E 261 -39.77 -1.23 -15.81
N ALA E 262 -40.04 0.04 -15.53
CA ALA E 262 -41.42 0.58 -15.48
C ALA E 262 -41.52 1.81 -16.35
N GLN E 263 -42.71 2.04 -16.93
CA GLN E 263 -42.94 3.23 -17.75
C GLN E 263 -42.95 4.48 -16.90
N LEU E 264 -42.02 5.39 -17.17
CA LEU E 264 -42.02 6.65 -16.46
C LEU E 264 -42.98 7.64 -17.11
N SER E 265 -43.65 8.46 -16.29
CA SER E 265 -44.49 9.53 -16.79
C SER E 265 -44.14 10.85 -16.09
N GLY E 266 -42.91 11.29 -16.25
CA GLY E 266 -42.46 12.52 -15.61
C GLY E 266 -41.29 12.35 -14.63
N GLN E 267 -41.18 11.20 -13.99
CA GLN E 267 -40.17 11.02 -12.92
C GLN E 267 -38.82 11.05 -13.56
N TYR E 268 -37.87 11.73 -12.92
CA TYR E 268 -36.48 11.84 -13.42
C TYR E 268 -36.44 12.66 -14.74
N GLY E 269 -37.52 13.39 -15.01
CA GLY E 269 -37.60 14.17 -16.25
C GLY E 269 -37.86 13.36 -17.51
N VAL E 270 -38.32 12.10 -17.34
CA VAL E 270 -38.49 11.12 -18.44
C VAL E 270 -39.96 10.72 -18.61
N LYS E 271 -40.45 10.73 -19.84
CA LYS E 271 -41.82 10.34 -20.14
C LYS E 271 -41.80 9.37 -21.28
N ASP E 272 -42.84 8.55 -21.37
CA ASP E 272 -43.09 7.66 -22.52
C ASP E 272 -41.98 6.65 -22.73
N MET E 273 -41.34 6.21 -21.65
CA MET E 273 -40.32 5.17 -21.77
C MET E 273 -40.17 4.30 -20.55
N TYR E 274 -39.77 3.06 -20.76
CA TYR E 274 -39.47 2.15 -19.69
C TYR E 274 -38.05 2.36 -19.22
N VAL E 275 -37.88 2.59 -17.93
CA VAL E 275 -36.58 2.69 -17.29
C VAL E 275 -36.60 1.85 -16.00
N GLY E 276 -35.47 1.22 -15.69
CA GLY E 276 -35.28 0.52 -14.42
C GLY E 276 -35.38 1.48 -13.23
N VAL E 277 -36.39 1.28 -12.38
CA VAL E 277 -36.64 2.15 -11.24
C VAL E 277 -37.23 1.32 -10.09
N PRO E 278 -36.87 1.67 -8.84
CA PRO E 278 -37.45 1.03 -7.67
C PRO E 278 -38.90 1.41 -7.60
N THR E 279 -39.79 0.44 -7.49
CA THR E 279 -41.21 0.71 -7.57
C THR E 279 -41.89 -0.05 -6.47
N VAL E 280 -43.05 0.40 -5.99
CA VAL E 280 -43.88 -0.38 -5.09
C VAL E 280 -44.76 -1.24 -5.96
N ILE E 281 -44.70 -2.55 -5.76
CA ILE E 281 -45.47 -3.49 -6.50
C ILE E 281 -46.55 -4.09 -5.60
N GLY E 282 -47.80 -3.93 -6.01
CA GLY E 282 -48.94 -4.47 -5.28
C GLY E 282 -50.00 -5.01 -6.23
N ALA E 283 -51.21 -5.21 -5.72
CA ALA E 283 -52.30 -5.85 -6.49
C ALA E 283 -52.76 -5.02 -7.67
N ASN E 284 -52.32 -3.78 -7.75
CA ASN E 284 -52.54 -2.93 -8.93
C ASN E 284 -51.29 -2.72 -9.75
N GLY E 285 -50.31 -3.61 -9.61
CA GLY E 285 -49.14 -3.55 -10.45
C GLY E 285 -48.21 -2.51 -9.90
N VAL E 286 -47.65 -1.68 -10.79
CA VAL E 286 -46.79 -0.59 -10.43
C VAL E 286 -47.66 0.45 -9.75
N GLU E 287 -47.57 0.55 -8.42
CA GLU E 287 -48.42 1.45 -7.63
C GLU E 287 -47.70 2.76 -7.29
N ARG E 288 -46.37 2.71 -7.25
CA ARG E 288 -45.55 3.87 -6.99
C ARG E 288 -44.15 3.70 -7.58
N ILE E 289 -43.74 4.63 -8.42
CA ILE E 289 -42.36 4.70 -8.89
C ILE E 289 -41.62 5.63 -7.92
N ILE E 290 -40.52 5.16 -7.35
CA ILE E 290 -39.82 5.95 -6.34
C ILE E 290 -38.85 6.91 -7.03
N GLU E 291 -39.00 8.21 -6.77
CA GLU E 291 -38.09 9.20 -7.33
C GLU E 291 -37.29 9.86 -6.23
N ILE E 292 -35.98 9.85 -6.46
CA ILE E 292 -35.05 10.45 -5.52
C ILE E 292 -34.33 11.53 -6.28
N ASP E 293 -33.65 12.40 -5.54
CA ASP E 293 -32.75 13.37 -6.12
C ASP E 293 -31.42 12.70 -6.41
N LEU E 294 -30.80 13.16 -7.49
CA LEU E 294 -29.58 12.60 -8.03
C LEU E 294 -28.62 13.77 -8.12
N ASP E 295 -27.35 13.58 -7.79
CA ASP E 295 -26.42 14.67 -7.97
C ASP E 295 -25.99 14.72 -9.45
N LYS E 296 -25.19 15.72 -9.80
CA LYS E 296 -24.84 15.94 -11.19
C LYS E 296 -24.24 14.68 -11.89
N ASP E 297 -23.36 13.96 -11.21
CA ASP E 297 -22.75 12.77 -11.83
C ASP E 297 -23.74 11.62 -11.95
N GLU E 298 -24.56 11.43 -10.91
CA GLU E 298 -25.58 10.39 -10.97
C GLU E 298 -26.59 10.62 -12.11
N LYS E 299 -27.08 11.85 -12.24
CA LYS E 299 -28.01 12.22 -13.30
C LYS E 299 -27.41 12.04 -14.70
N ALA E 300 -26.12 12.32 -14.83
CA ALA E 300 -25.44 12.15 -16.12
C ALA E 300 -25.37 10.67 -16.46
N GLN E 301 -25.13 9.81 -15.48
CA GLN E 301 -25.13 8.35 -15.74
C GLN E 301 -26.53 7.85 -16.13
N PHE E 302 -27.52 8.26 -15.36
CA PHE E 302 -28.92 7.96 -15.66
C PHE E 302 -29.33 8.41 -17.07
N ASP E 303 -28.98 9.64 -17.45
CA ASP E 303 -29.37 10.19 -18.77
C ASP E 303 -28.70 9.40 -19.88
N LYS E 304 -27.46 8.97 -19.65
CA LYS E 304 -26.73 8.19 -20.64
C LYS E 304 -27.46 6.86 -20.78
N SER E 305 -27.95 6.31 -19.68
CA SER E 305 -28.62 5.02 -19.72
C SER E 305 -29.98 5.14 -20.39
N VAL E 306 -30.72 6.21 -20.08
CA VAL E 306 -32.01 6.43 -20.72
C VAL E 306 -31.86 6.62 -22.26
N ALA E 307 -30.85 7.37 -22.67
CA ALA E 307 -30.60 7.72 -24.09
C ALA E 307 -30.32 6.47 -24.87
N SER E 308 -29.51 5.61 -24.26
CA SER E 308 -29.16 4.33 -24.83
C SER E 308 -30.40 3.42 -24.96
N VAL E 309 -31.29 3.43 -23.96
CA VAL E 309 -32.60 2.76 -24.09
C VAL E 309 -33.49 3.41 -25.19
N ALA E 310 -33.55 4.73 -25.24
CA ALA E 310 -34.27 5.42 -26.33
C ALA E 310 -33.75 5.01 -27.70
N GLY E 311 -32.44 4.93 -27.85
CA GLY E 311 -31.84 4.48 -29.11
C GLY E 311 -32.37 3.14 -29.58
N LEU E 312 -32.44 2.18 -28.65
CA LEU E 312 -32.87 0.77 -28.92
C LEU E 312 -34.34 0.74 -29.36
N CYS E 313 -35.18 1.45 -28.61
CA CYS E 313 -36.58 1.61 -28.97
C CYS E 313 -36.74 2.28 -30.32
N GLU E 314 -35.88 3.24 -30.63
CA GLU E 314 -35.92 3.91 -31.93
C GLU E 314 -35.61 2.93 -33.06
N ALA E 315 -34.61 2.07 -32.86
CA ALA E 315 -34.29 1.03 -33.83
C ALA E 315 -35.44 0.05 -34.02
N CYS E 316 -36.26 -0.19 -32.99
CA CYS E 316 -37.43 -1.08 -33.08
C CYS E 316 -38.56 -0.45 -33.88
N ILE E 317 -38.73 0.86 -33.77
CA ILE E 317 -39.71 1.59 -34.57
C ILE E 317 -39.40 1.41 -36.06
N GLY E 318 -38.12 1.52 -36.41
CA GLY E 318 -37.68 1.27 -37.78
C GLY E 318 -37.95 -0.13 -38.32
N ILE E 319 -38.06 -1.12 -37.43
CA ILE E 319 -38.37 -2.50 -37.80
C ILE E 319 -39.88 -2.77 -37.78
N ALA E 320 -40.58 -2.18 -36.80
CA ALA E 320 -42.03 -2.30 -36.69
C ALA E 320 -42.62 -0.91 -36.50
N PRO E 321 -42.98 -0.23 -37.61
CA PRO E 321 -43.41 1.17 -37.49
C PRO E 321 -44.73 1.36 -36.74
N SER E 322 -45.48 0.29 -36.51
CA SER E 322 -46.68 0.38 -35.66
C SER E 322 -46.40 0.87 -34.23
N LEU E 323 -45.15 0.74 -33.77
CA LEU E 323 -44.73 1.24 -32.46
C LEU E 323 -44.57 2.77 -32.34
N LYS E 324 -44.60 3.50 -33.46
CA LYS E 324 -44.18 4.95 -33.51
C LYS E 324 -45.08 5.93 -32.74
N ALA F 6 -28.40 -36.63 15.22
CA ALA F 6 -29.22 -36.12 16.38
C ALA F 6 -29.91 -34.78 16.04
N ARG F 7 -31.23 -34.69 16.20
CA ARG F 7 -31.89 -33.39 16.02
C ARG F 7 -31.37 -32.38 17.04
N ASN F 8 -31.46 -31.10 16.71
CA ASN F 8 -31.17 -30.07 17.68
C ASN F 8 -32.21 -30.17 18.77
N LYS F 9 -31.86 -29.65 19.94
CA LYS F 9 -32.70 -29.73 21.12
C LYS F 9 -32.87 -28.32 21.65
N ILE F 10 -34.11 -27.90 21.85
CA ILE F 10 -34.37 -26.55 22.32
C ILE F 10 -34.98 -26.67 23.70
N ALA F 11 -34.40 -25.98 24.67
CA ALA F 11 -34.92 -25.96 26.03
C ALA F 11 -35.55 -24.60 26.35
N LEU F 12 -36.77 -24.64 26.83
CA LEU F 12 -37.53 -23.44 27.10
C LEU F 12 -37.74 -23.37 28.60
N ILE F 13 -36.99 -22.50 29.26
CA ILE F 13 -37.05 -22.41 30.72
C ILE F 13 -38.10 -21.39 31.03
N GLY F 14 -39.29 -21.87 31.37
CA GLY F 14 -40.45 -21.04 31.52
C GLY F 14 -41.41 -21.44 30.42
N SER F 15 -42.62 -21.87 30.82
CA SER F 15 -43.68 -22.37 29.94
C SER F 15 -45.01 -21.56 30.02
N GLY F 16 -44.86 -20.27 30.24
CA GLY F 16 -45.99 -19.34 30.32
C GLY F 16 -46.36 -18.89 28.91
N MET F 17 -46.75 -17.62 28.77
CA MET F 17 -47.24 -17.11 27.46
C MET F 17 -46.17 -17.06 26.37
N ILE F 18 -45.01 -16.51 26.69
CA ILE F 18 -43.90 -16.43 25.69
C ILE F 18 -43.37 -17.84 25.47
N GLY F 19 -43.20 -18.59 26.56
CA GLY F 19 -42.75 -19.99 26.48
C GLY F 19 -43.57 -20.92 25.59
N GLY F 20 -44.86 -20.90 25.72
CA GLY F 20 -45.71 -21.73 24.84
C GLY F 20 -45.57 -21.36 23.38
N THR F 21 -45.54 -20.06 23.14
CA THR F 21 -45.40 -19.51 21.80
C THR F 21 -44.06 -19.89 21.22
N LEU F 22 -43.01 -19.76 22.03
CA LEU F 22 -41.69 -20.16 21.59
C LEU F 22 -41.70 -21.60 21.12
N ALA F 23 -42.35 -22.46 21.89
CA ALA F 23 -42.49 -23.89 21.60
C ALA F 23 -43.21 -24.14 20.28
N HIS F 24 -44.28 -23.39 20.08
CA HIS F 24 -45.15 -23.56 18.91
C HIS F 24 -44.35 -23.18 17.71
N LEU F 25 -43.61 -22.09 17.82
CA LEU F 25 -42.84 -21.59 16.71
C LEU F 25 -41.66 -22.52 16.37
N ALA F 26 -41.08 -23.12 17.40
CA ALA F 26 -39.96 -24.06 17.22
C ALA F 26 -40.47 -25.31 16.52
N GLY F 27 -41.68 -25.73 16.84
CA GLY F 27 -42.26 -26.86 16.15
C GLY F 27 -42.55 -26.52 14.70
N LEU F 28 -43.34 -25.48 14.50
CA LEU F 28 -43.71 -25.06 13.16
C LEU F 28 -42.52 -24.86 12.26
N LYS F 29 -41.40 -24.40 12.81
CA LYS F 29 -40.23 -24.08 11.98
C LYS F 29 -39.22 -25.21 11.94
N GLU F 30 -39.55 -26.33 12.56
CA GLU F 30 -38.74 -27.56 12.51
C GLU F 30 -37.35 -27.34 13.09
N LEU F 31 -37.28 -26.63 14.21
CA LEU F 31 -36.00 -26.27 14.78
C LEU F 31 -35.40 -27.44 15.56
N GLY F 32 -36.22 -28.43 15.91
CA GLY F 32 -35.75 -29.65 16.53
C GLY F 32 -36.66 -30.05 17.67
N ASP F 33 -36.17 -30.92 18.55
CA ASP F 33 -36.97 -31.36 19.67
C ASP F 33 -37.04 -30.20 20.68
N VAL F 34 -38.06 -30.20 21.52
CA VAL F 34 -38.33 -29.06 22.37
C VAL F 34 -38.58 -29.56 23.77
N VAL F 35 -37.90 -28.99 24.74
CA VAL F 35 -38.24 -29.26 26.17
C VAL F 35 -38.82 -27.99 26.70
N LEU F 36 -39.97 -28.13 27.32
CA LEU F 36 -40.64 -27.06 28.04
C LEU F 36 -40.38 -27.36 29.53
N PHE F 37 -39.76 -26.43 30.23
CA PHE F 37 -39.49 -26.56 31.67
C PHE F 37 -40.20 -25.45 32.41
N ASP F 38 -40.74 -25.79 33.58
CA ASP F 38 -41.32 -24.80 34.50
C ASP F 38 -41.28 -25.39 35.91
N ILE F 39 -41.53 -24.55 36.92
CA ILE F 39 -41.76 -25.05 38.28
C ILE F 39 -43.18 -25.44 38.48
N ALA F 40 -44.10 -24.85 37.73
CA ALA F 40 -45.50 -25.22 37.83
C ALA F 40 -45.69 -26.62 37.23
N GLU F 41 -46.22 -27.53 38.03
CA GLU F 41 -46.55 -28.86 37.57
C GLU F 41 -47.69 -28.77 36.55
N GLY F 42 -47.64 -29.60 35.50
CA GLY F 42 -48.74 -29.70 34.56
C GLY F 42 -48.66 -28.75 33.40
N THR F 43 -48.40 -27.47 33.66
CA THR F 43 -48.36 -26.49 32.59
C THR F 43 -47.43 -26.91 31.44
N PRO F 44 -46.14 -27.21 31.72
CA PRO F 44 -45.34 -27.51 30.55
C PRO F 44 -45.67 -28.85 29.90
N GLN F 45 -46.16 -29.81 30.68
CA GLN F 45 -46.47 -31.14 30.13
C GLN F 45 -47.71 -30.96 29.20
N GLY F 46 -48.64 -30.11 29.64
CA GLY F 46 -49.90 -29.87 28.94
C GLY F 46 -49.69 -29.16 27.63
N LYS F 47 -48.97 -28.06 27.68
CA LYS F 47 -48.67 -27.31 26.46
C LYS F 47 -47.85 -28.12 25.50
N GLY F 48 -46.84 -28.86 26.02
CA GLY F 48 -46.02 -29.69 25.21
C GLY F 48 -46.81 -30.74 24.45
N LEU F 49 -47.65 -31.48 25.15
CA LEU F 49 -48.51 -32.48 24.51
C LEU F 49 -49.47 -31.84 23.48
N ASP F 50 -50.01 -30.69 23.82
CA ASP F 50 -50.92 -29.96 22.94
C ASP F 50 -50.21 -29.59 21.61
N ILE F 51 -49.01 -29.03 21.69
CA ILE F 51 -48.24 -28.78 20.50
C ILE F 51 -47.86 -30.10 19.77
N ALA F 52 -47.47 -31.14 20.52
CA ALA F 52 -47.15 -32.43 19.91
C ALA F 52 -48.33 -32.96 19.08
N GLU F 53 -49.53 -32.91 19.68
CA GLU F 53 -50.75 -33.40 19.03
C GLU F 53 -51.16 -32.56 17.80
N SER F 54 -50.62 -31.36 17.68
CA SER F 54 -50.84 -30.49 16.54
C SER F 54 -49.96 -30.86 15.40
N SER F 55 -48.90 -31.62 15.69
CA SER F 55 -47.81 -31.80 14.74
C SER F 55 -48.20 -32.58 13.47
N PRO F 56 -49.10 -33.55 13.60
CA PRO F 56 -49.55 -34.20 12.36
C PRO F 56 -50.29 -33.25 11.38
N VAL F 57 -50.90 -32.19 11.89
CA VAL F 57 -51.63 -31.29 11.00
C VAL F 57 -50.68 -30.65 9.97
N ASP F 58 -49.58 -30.07 10.42
CA ASP F 58 -48.58 -29.51 9.47
C ASP F 58 -47.51 -30.50 8.97
N GLY F 59 -47.38 -31.63 9.62
CA GLY F 59 -46.40 -32.64 9.22
C GLY F 59 -45.00 -32.47 9.78
N PHE F 60 -44.82 -31.69 10.85
CA PHE F 60 -43.49 -31.59 11.44
C PHE F 60 -43.18 -32.72 12.43
N ASP F 61 -41.96 -33.23 12.44
CA ASP F 61 -41.60 -34.35 13.34
C ASP F 61 -40.63 -33.80 14.40
N ALA F 62 -41.13 -33.73 15.63
CA ALA F 62 -40.36 -33.21 16.75
C ALA F 62 -40.92 -33.79 18.02
N LYS F 63 -40.04 -34.17 18.93
CA LYS F 63 -40.46 -34.56 20.26
C LYS F 63 -40.67 -33.32 21.12
N PHE F 64 -41.82 -33.26 21.79
CA PHE F 64 -42.13 -32.21 22.72
C PHE F 64 -42.24 -32.84 24.10
N THR F 65 -41.58 -32.20 25.06
CA THR F 65 -41.43 -32.78 26.38
C THR F 65 -41.66 -31.66 27.37
N GLY F 66 -42.47 -31.93 28.38
CA GLY F 66 -42.71 -31.05 29.49
C GLY F 66 -41.95 -31.59 30.68
N ALA F 67 -41.33 -30.70 31.45
CA ALA F 67 -40.45 -31.10 32.56
C ALA F 67 -40.54 -30.14 33.76
N ASN F 68 -40.48 -30.71 34.95
CA ASN F 68 -40.21 -29.94 36.17
C ASN F 68 -38.79 -30.18 36.76
N ASP F 69 -38.03 -31.06 36.11
CA ASP F 69 -36.67 -31.40 36.54
C ASP F 69 -35.69 -30.87 35.50
N TYR F 70 -34.63 -30.19 35.95
CA TYR F 70 -33.63 -29.63 35.05
C TYR F 70 -32.90 -30.70 34.26
N ALA F 71 -32.86 -31.94 34.74
CA ALA F 71 -32.21 -33.03 33.97
C ALA F 71 -32.74 -33.08 32.56
N ALA F 72 -34.04 -32.82 32.40
CA ALA F 72 -34.71 -32.86 31.08
C ALA F 72 -34.06 -31.97 30.01
N ILE F 73 -33.27 -30.95 30.39
CA ILE F 73 -32.70 -30.01 29.39
C ILE F 73 -31.29 -30.41 28.93
N GLU F 74 -30.79 -31.52 29.44
CA GLU F 74 -29.42 -31.95 29.19
C GLU F 74 -29.11 -31.98 27.72
N GLY F 75 -27.98 -31.38 27.36
CA GLY F 75 -27.52 -31.35 25.98
C GLY F 75 -28.24 -30.34 25.08
N ALA F 76 -29.03 -29.43 25.64
CA ALA F 76 -29.74 -28.42 24.83
C ALA F 76 -28.73 -27.64 24.03
N ASP F 77 -28.97 -27.51 22.72
CA ASP F 77 -28.24 -26.58 21.84
C ASP F 77 -28.64 -25.11 22.06
N VAL F 78 -29.90 -24.86 22.37
CA VAL F 78 -30.40 -23.49 22.64
C VAL F 78 -31.28 -23.58 23.86
N VAL F 79 -31.15 -22.62 24.76
CA VAL F 79 -31.99 -22.51 25.93
C VAL F 79 -32.57 -21.09 25.94
N ILE F 80 -33.88 -20.94 26.02
CA ILE F 80 -34.49 -19.59 26.00
C ILE F 80 -35.24 -19.44 27.28
N VAL F 81 -34.95 -18.38 28.02
CA VAL F 81 -35.34 -18.29 29.43
C VAL F 81 -36.37 -17.20 29.61
N THR F 82 -37.56 -17.58 30.04
CA THR F 82 -38.61 -16.62 30.35
C THR F 82 -39.05 -16.77 31.80
N ALA F 83 -38.41 -17.68 32.55
CA ALA F 83 -38.76 -17.91 33.94
C ALA F 83 -38.61 -16.61 34.72
N GLY F 84 -39.62 -16.34 35.53
CA GLY F 84 -39.72 -15.09 36.28
C GLY F 84 -41.13 -14.94 36.77
N VAL F 85 -41.35 -13.95 37.62
CA VAL F 85 -42.69 -13.47 38.01
C VAL F 85 -42.98 -12.07 37.45
N PRO F 86 -44.28 -11.72 37.35
CA PRO F 86 -44.67 -10.40 36.89
C PRO F 86 -44.73 -9.35 38.00
N ARG F 87 -44.61 -8.08 37.60
CA ARG F 87 -44.87 -6.92 38.49
C ARG F 87 -46.35 -6.88 38.89
N LYS F 88 -46.68 -7.42 40.08
CA LYS F 88 -48.08 -7.53 40.52
C LYS F 88 -48.69 -6.13 40.86
N ASP F 94 -38.54 -2.59 42.56
CA ASP F 94 -37.30 -3.30 42.86
C ASP F 94 -37.46 -4.51 43.78
N ASP F 95 -38.69 -4.81 44.24
CA ASP F 95 -38.95 -6.09 44.96
C ASP F 95 -38.95 -7.27 43.96
N LEU F 96 -39.39 -6.96 42.73
CA LEU F 96 -39.29 -7.82 41.55
C LEU F 96 -37.85 -8.31 41.44
N LEU F 97 -36.96 -7.39 41.08
CA LEU F 97 -35.54 -7.66 40.99
C LEU F 97 -35.04 -8.75 41.96
N GLY F 98 -35.48 -8.72 43.20
CA GLY F 98 -35.04 -9.72 44.18
C GLY F 98 -35.51 -11.15 43.95
N ILE F 99 -36.75 -11.27 43.46
CA ILE F 99 -37.35 -12.56 43.18
C ILE F 99 -36.73 -13.06 41.85
N ASN F 100 -36.73 -12.21 40.84
CA ASN F 100 -36.33 -12.68 39.53
C ASN F 100 -34.86 -13.04 39.53
N LEU F 101 -34.07 -12.34 40.35
CA LEU F 101 -32.65 -12.64 40.46
C LEU F 101 -32.40 -14.02 41.12
N LYS F 102 -33.19 -14.39 42.13
CA LYS F 102 -33.15 -15.77 42.65
C LYS F 102 -33.58 -16.80 41.61
N VAL F 103 -34.53 -16.42 40.75
CA VAL F 103 -34.92 -17.27 39.62
C VAL F 103 -33.75 -17.52 38.69
N MET F 104 -33.06 -16.45 38.27
CA MET F 104 -31.87 -16.60 37.42
C MET F 104 -30.83 -17.48 38.07
N GLU F 105 -30.74 -17.41 39.40
CA GLU F 105 -29.76 -18.23 40.14
C GLU F 105 -30.08 -19.69 39.96
N GLN F 106 -31.33 -20.05 40.18
CA GLN F 106 -31.77 -21.42 39.90
C GLN F 106 -31.56 -21.81 38.44
N VAL F 107 -31.89 -20.91 37.53
CA VAL F 107 -31.76 -21.22 36.09
C VAL F 107 -30.31 -21.38 35.70
N GLY F 108 -29.47 -20.43 36.13
CA GLY F 108 -28.02 -20.52 35.91
C GLY F 108 -27.46 -21.86 36.34
N ALA F 109 -27.91 -22.34 37.50
CA ALA F 109 -27.40 -23.61 38.07
C ALA F 109 -27.78 -24.77 37.19
N GLY F 110 -29.03 -24.78 36.75
CA GLY F 110 -29.52 -25.83 35.87
C GLY F 110 -28.75 -25.88 34.55
N ILE F 111 -28.51 -24.71 33.95
CA ILE F 111 -27.83 -24.64 32.65
C ILE F 111 -26.35 -25.10 32.86
N LYS F 112 -25.74 -24.68 33.96
CA LYS F 112 -24.35 -24.99 34.28
C LYS F 112 -24.13 -26.49 34.31
N LYS F 113 -25.01 -27.17 35.02
CA LYS F 113 -24.91 -28.60 35.18
C LYS F 113 -25.31 -29.37 33.93
N TYR F 114 -26.42 -28.98 33.31
CA TYR F 114 -27.00 -29.83 32.27
C TYR F 114 -26.78 -29.33 30.83
N ALA F 115 -26.59 -28.02 30.60
CA ALA F 115 -26.45 -27.56 29.21
C ALA F 115 -25.38 -26.51 29.01
N PRO F 116 -24.15 -26.87 29.42
CA PRO F 116 -23.04 -25.89 29.46
C PRO F 116 -22.66 -25.36 28.10
N GLU F 117 -22.94 -26.14 27.06
CA GLU F 117 -22.62 -25.75 25.70
C GLU F 117 -23.76 -24.99 24.98
N ALA F 118 -24.87 -24.71 25.66
CA ALA F 118 -26.03 -24.11 24.97
C ALA F 118 -25.73 -22.67 24.54
N PHE F 119 -26.37 -22.22 23.46
CA PHE F 119 -26.55 -20.76 23.21
C PHE F 119 -27.75 -20.39 24.05
N VAL F 120 -27.61 -19.43 24.96
CA VAL F 120 -28.68 -19.04 25.90
C VAL F 120 -29.26 -17.65 25.58
N ILE F 121 -30.59 -17.57 25.45
CA ILE F 121 -31.26 -16.34 25.11
C ILE F 121 -32.19 -16.04 26.27
N CYS F 122 -31.92 -14.96 26.99
CA CYS F 122 -32.69 -14.58 28.15
C CYS F 122 -33.75 -13.54 27.75
N ILE F 123 -34.98 -13.73 28.20
CA ILE F 123 -36.05 -12.72 28.00
C ILE F 123 -36.50 -12.09 29.33
N THR F 124 -36.34 -12.79 30.45
CA THR F 124 -36.81 -12.37 31.78
C THR F 124 -36.40 -10.94 32.15
N ASN F 125 -37.27 -10.22 32.85
CA ASN F 125 -37.05 -8.79 33.13
C ASN F 125 -36.67 -8.55 34.60
N PRO F 126 -35.96 -7.45 34.92
CA PRO F 126 -35.40 -6.44 34.00
C PRO F 126 -34.20 -7.02 33.23
N LEU F 127 -34.29 -6.95 31.90
CA LEU F 127 -33.52 -7.81 31.01
C LEU F 127 -32.02 -7.68 31.19
N ASP F 128 -31.56 -6.43 31.05
CA ASP F 128 -30.14 -6.12 30.96
C ASP F 128 -29.43 -6.49 32.26
N ALA F 129 -30.15 -6.52 33.37
CA ALA F 129 -29.60 -6.96 34.64
C ALA F 129 -29.73 -8.48 34.80
N MET F 130 -30.84 -9.03 34.34
CA MET F 130 -31.06 -10.46 34.50
C MET F 130 -30.16 -11.29 33.58
N VAL F 131 -29.85 -10.80 32.38
CA VAL F 131 -28.96 -11.59 31.51
C VAL F 131 -27.52 -11.52 32.04
N TRP F 132 -27.18 -10.41 32.69
CA TRP F 132 -25.84 -10.19 33.25
C TRP F 132 -25.63 -11.19 34.39
N ALA F 133 -26.66 -11.35 35.20
CA ALA F 133 -26.64 -12.23 36.33
C ALA F 133 -26.68 -13.72 35.90
N LEU F 134 -27.56 -14.04 34.97
CA LEU F 134 -27.63 -15.44 34.48
C LEU F 134 -26.30 -15.88 33.92
N GLN F 135 -25.62 -14.99 33.19
CA GLN F 135 -24.33 -15.35 32.64
C GLN F 135 -23.32 -15.71 33.75
N LYS F 136 -23.30 -14.90 34.80
CA LYS F 136 -22.40 -15.16 35.94
C LYS F 136 -22.76 -16.38 36.76
N PHE F 137 -24.03 -16.59 37.09
CA PHE F 137 -24.42 -17.79 37.81
C PHE F 137 -24.11 -19.02 36.97
N SER F 138 -24.30 -18.94 35.64
CA SER F 138 -24.17 -20.13 34.81
C SER F 138 -22.72 -20.46 34.55
N GLY F 139 -21.87 -19.45 34.47
CA GLY F 139 -20.49 -19.69 34.05
C GLY F 139 -20.22 -19.83 32.55
N LEU F 140 -21.28 -19.79 31.74
CA LEU F 140 -21.13 -19.98 30.29
C LEU F 140 -20.34 -18.81 29.74
N PRO F 141 -19.62 -19.04 28.64
CA PRO F 141 -18.96 -17.94 28.00
C PRO F 141 -19.97 -16.85 27.60
N ALA F 142 -19.58 -15.59 27.77
CA ALA F 142 -20.50 -14.50 27.57
C ALA F 142 -20.94 -14.42 26.12
N HIS F 143 -20.11 -14.90 25.19
CA HIS F 143 -20.48 -14.83 23.77
C HIS F 143 -21.58 -15.86 23.46
N LYS F 144 -21.94 -16.68 24.45
CA LYS F 144 -22.99 -17.71 24.29
C LYS F 144 -24.25 -17.39 25.10
N VAL F 145 -24.30 -16.19 25.70
CA VAL F 145 -25.42 -15.76 26.51
C VAL F 145 -25.76 -14.33 26.08
N VAL F 146 -26.98 -14.17 25.57
CA VAL F 146 -27.45 -12.87 25.11
C VAL F 146 -28.89 -12.60 25.61
N GLY F 147 -29.32 -11.38 25.47
CA GLY F 147 -30.67 -11.01 25.90
C GLY F 147 -31.51 -10.62 24.71
N MET F 148 -32.78 -11.04 24.71
CA MET F 148 -33.75 -10.56 23.68
C MET F 148 -34.33 -9.25 24.13
N ALA F 149 -33.97 -8.17 23.45
CA ALA F 149 -34.71 -6.92 23.56
C ALA F 149 -34.79 -6.13 22.25
N GLY F 150 -33.64 -5.83 21.69
CA GLY F 150 -33.57 -4.95 20.53
C GLY F 150 -34.41 -5.41 19.35
N VAL F 151 -34.48 -6.73 19.12
CA VAL F 151 -35.15 -7.26 17.94
C VAL F 151 -36.63 -6.91 18.01
N LEU F 152 -37.17 -6.89 19.23
CA LEU F 152 -38.57 -6.57 19.52
C LEU F 152 -38.81 -5.11 19.22
N ASP F 153 -37.95 -4.24 19.76
CA ASP F 153 -38.12 -2.84 19.47
C ASP F 153 -37.99 -2.63 17.96
N SER F 154 -37.05 -3.34 17.34
CA SER F 154 -36.84 -3.18 15.90
C SER F 154 -38.08 -3.63 15.09
N ALA F 155 -38.72 -4.68 15.53
CA ALA F 155 -39.90 -5.24 14.89
C ALA F 155 -41.13 -4.29 14.99
N ARG F 156 -41.35 -3.70 16.14
CA ARG F 156 -42.42 -2.70 16.32
C ARG F 156 -42.19 -1.49 15.45
N PHE F 157 -40.98 -0.98 15.50
CA PHE F 157 -40.60 0.18 14.74
C PHE F 157 -40.79 -0.07 13.22
N ARG F 158 -40.41 -1.25 12.75
CA ARG F 158 -40.51 -1.49 11.34
C ARG F 158 -41.98 -1.64 10.92
N TYR F 159 -42.77 -2.30 11.76
CA TYR F 159 -44.19 -2.44 11.54
C TYR F 159 -44.84 -1.07 11.46
N PHE F 160 -44.62 -0.22 12.46
CA PHE F 160 -45.14 1.15 12.42
C PHE F 160 -44.73 1.90 11.13
N LEU F 161 -43.49 1.78 10.71
CA LEU F 161 -43.09 2.54 9.53
C LEU F 161 -43.68 1.91 8.29
N SER F 162 -43.84 0.58 8.29
CA SER F 162 -44.44 -0.09 7.13
C SER F 162 -45.85 0.46 6.92
N GLU F 163 -46.58 0.73 7.99
CA GLU F 163 -47.93 1.29 7.87
C GLU F 163 -47.90 2.68 7.34
N GLU F 164 -46.98 3.45 7.88
CA GLU F 164 -46.87 4.84 7.59
C GLU F 164 -46.63 5.10 6.11
N PHE F 165 -45.75 4.30 5.52
CA PHE F 165 -45.39 4.41 4.11
C PHE F 165 -46.14 3.48 3.13
N ASN F 166 -46.95 2.57 3.66
CA ASN F 166 -47.60 1.48 2.90
C ASN F 166 -46.65 0.72 2.00
N VAL F 167 -45.56 0.21 2.60
CA VAL F 167 -44.64 -0.69 1.89
C VAL F 167 -44.50 -1.98 2.69
N SER F 168 -43.95 -3.01 2.07
CA SER F 168 -43.71 -4.28 2.81
C SER F 168 -42.86 -4.09 4.07
N VAL F 169 -43.25 -4.75 5.15
CA VAL F 169 -42.39 -4.85 6.32
C VAL F 169 -40.96 -5.26 5.90
N GLU F 170 -40.82 -6.04 4.85
CA GLU F 170 -39.50 -6.58 4.48
C GLU F 170 -38.58 -5.52 3.86
N ASP F 171 -39.11 -4.34 3.51
CA ASP F 171 -38.25 -3.33 2.90
C ASP F 171 -37.91 -2.24 3.89
N VAL F 172 -38.42 -2.37 5.11
CA VAL F 172 -38.07 -1.47 6.19
C VAL F 172 -36.92 -2.03 7.06
N THR F 173 -35.86 -1.23 7.24
CA THR F 173 -34.74 -1.56 8.13
C THR F 173 -34.69 -0.48 9.26
N VAL F 174 -34.52 -0.87 10.51
CA VAL F 174 -34.25 0.13 11.54
C VAL F 174 -32.97 -0.22 12.33
N PHE F 175 -32.46 0.76 13.08
CA PHE F 175 -31.21 0.60 13.76
C PHE F 175 -31.43 1.11 15.16
N VAL F 176 -31.27 0.22 16.12
CA VAL F 176 -31.59 0.53 17.47
C VAL F 176 -30.54 -0.02 18.43
N LEU F 177 -30.19 0.75 19.47
CA LEU F 177 -29.26 0.30 20.51
C LEU F 177 -29.96 0.47 21.83
N GLY F 178 -29.33 -0.03 22.88
CA GLY F 178 -29.81 0.19 24.24
C GLY F 178 -30.90 -0.77 24.65
N GLY F 179 -31.82 -0.29 25.48
CA GLY F 179 -32.91 -1.11 25.97
C GLY F 179 -34.23 -0.62 25.40
N HIS F 180 -35.31 -0.88 26.13
CA HIS F 180 -36.66 -0.41 25.78
C HIS F 180 -36.91 0.94 26.41
N GLY F 181 -38.06 1.53 26.05
CA GLY F 181 -38.52 2.73 26.72
C GLY F 181 -37.60 3.93 26.49
N ASP F 182 -37.35 4.67 27.57
CA ASP F 182 -36.44 5.80 27.53
C ASP F 182 -34.99 5.32 27.38
N SER F 183 -34.74 4.04 27.58
CA SER F 183 -33.39 3.58 27.41
C SER F 183 -33.07 3.21 25.94
N MET F 184 -34.06 3.29 25.05
CA MET F 184 -33.85 2.94 23.63
C MET F 184 -33.11 4.06 22.94
N VAL F 185 -32.22 3.73 22.01
CA VAL F 185 -31.47 4.72 21.25
C VAL F 185 -31.65 4.47 19.74
N PRO F 186 -32.67 5.11 19.13
CA PRO F 186 -32.86 4.86 17.70
C PRO F 186 -31.98 5.75 16.88
N LEU F 187 -31.47 5.20 15.78
CA LEU F 187 -30.64 5.97 14.82
C LEU F 187 -31.39 6.04 13.51
N ALA F 188 -31.99 7.19 13.28
CA ALA F 188 -32.93 7.32 12.16
C ALA F 188 -32.14 7.35 10.87
N ARG F 189 -30.88 7.76 10.97
CA ARG F 189 -30.01 7.82 9.84
C ARG F 189 -29.53 6.46 9.33
N TYR F 190 -29.68 5.43 10.16
CA TYR F 190 -29.37 4.06 9.72
C TYR F 190 -30.61 3.22 9.62
N SER F 191 -31.76 3.89 9.55
CA SER F 191 -33.02 3.24 9.38
C SER F 191 -33.51 3.65 8.01
N THR F 192 -34.04 2.71 7.24
CA THR F 192 -34.35 2.98 5.86
C THR F 192 -35.62 2.29 5.34
N VAL F 193 -36.10 2.76 4.19
CA VAL F 193 -36.98 1.99 3.35
C VAL F 193 -36.23 1.76 2.08
N ALA F 194 -35.89 0.50 1.80
CA ALA F 194 -35.25 0.17 0.52
C ALA F 194 -33.93 0.94 0.31
N GLY F 195 -33.23 1.25 1.40
CA GLY F 195 -31.92 1.91 1.29
C GLY F 195 -31.93 3.43 1.45
N ILE F 196 -33.13 4.02 1.33
CA ILE F 196 -33.34 5.46 1.56
C ILE F 196 -33.57 5.70 3.05
N PRO F 197 -32.72 6.53 3.67
CA PRO F 197 -32.84 6.71 5.09
C PRO F 197 -34.04 7.57 5.49
N LEU F 198 -34.55 7.34 6.69
CA LEU F 198 -35.70 8.06 7.19
C LEU F 198 -35.65 9.57 6.96
N PRO F 199 -34.49 10.23 7.17
CA PRO F 199 -34.54 11.68 7.00
C PRO F 199 -34.71 12.12 5.57
N ASP F 200 -34.24 11.32 4.64
CA ASP F 200 -34.48 11.60 3.23
C ASP F 200 -35.92 11.31 2.85
N LEU F 201 -36.56 10.34 3.52
CA LEU F 201 -37.97 10.05 3.27
C LEU F 201 -38.81 11.23 3.80
N VAL F 202 -38.43 11.81 4.95
CA VAL F 202 -39.06 13.05 5.42
C VAL F 202 -38.89 14.15 4.37
N LYS F 203 -37.70 14.34 3.82
CA LYS F 203 -37.49 15.39 2.81
C LYS F 203 -38.29 15.14 1.55
N MET F 204 -38.49 13.88 1.20
CA MET F 204 -39.19 13.51 -0.02
C MET F 204 -40.71 13.69 0.11
N GLY F 205 -41.20 13.89 1.32
CA GLY F 205 -42.60 14.10 1.59
C GLY F 205 -43.37 12.84 1.95
N TRP F 206 -42.66 11.75 2.23
CA TRP F 206 -43.35 10.48 2.52
C TRP F 206 -43.94 10.43 3.91
N THR F 207 -43.41 11.21 4.83
CA THR F 207 -44.00 11.39 6.11
C THR F 207 -43.45 12.72 6.59
N SER F 208 -43.77 13.14 7.80
CA SER F 208 -43.25 14.40 8.34
C SER F 208 -42.35 14.08 9.53
N GLN F 209 -41.51 15.01 9.94
CA GLN F 209 -40.67 14.74 11.12
C GLN F 209 -41.56 14.44 12.32
N ASP F 210 -42.70 15.14 12.42
CA ASP F 210 -43.60 14.97 13.56
C ASP F 210 -44.19 13.58 13.58
N LYS F 211 -44.53 13.03 12.43
CA LYS F 211 -45.14 11.69 12.44
C LYS F 211 -44.07 10.66 12.79
N LEU F 212 -42.83 10.94 12.39
CA LEU F 212 -41.69 10.06 12.72
C LEU F 212 -41.37 10.10 14.22
N ASP F 213 -41.37 11.30 14.78
CA ASP F 213 -41.18 11.45 16.22
C ASP F 213 -42.22 10.65 16.97
N LYS F 214 -43.48 10.67 16.51
CA LYS F 214 -44.56 9.84 17.12
C LYS F 214 -44.31 8.33 17.01
N ILE F 215 -43.82 7.87 15.86
CA ILE F 215 -43.51 6.45 15.69
C ILE F 215 -42.36 6.04 16.64
N ILE F 216 -41.31 6.86 16.69
CA ILE F 216 -40.24 6.58 17.64
C ILE F 216 -40.81 6.49 19.05
N GLN F 217 -41.65 7.44 19.45
CA GLN F 217 -42.23 7.42 20.82
C GLN F 217 -43.08 6.17 21.03
N ARG F 218 -43.87 5.82 20.03
CA ARG F 218 -44.71 4.63 20.09
C ARG F 218 -43.88 3.33 20.27
N THR F 219 -42.70 3.32 19.67
CA THR F 219 -41.79 2.18 19.81
C THR F 219 -41.30 2.13 21.24
N ARG F 220 -40.98 3.28 21.83
CA ARG F 220 -40.50 3.29 23.25
C ARG F 220 -41.55 2.75 24.19
N ASP F 221 -42.81 3.11 23.93
CA ASP F 221 -43.94 2.72 24.76
C ASP F 221 -44.65 1.45 24.28
N GLY F 222 -44.15 0.81 23.24
CA GLY F 222 -44.83 -0.31 22.61
C GLY F 222 -45.20 -1.41 23.57
N GLY F 223 -44.32 -1.74 24.52
CA GLY F 223 -44.64 -2.73 25.56
C GLY F 223 -45.83 -2.32 26.40
N ALA F 224 -45.82 -1.09 26.83
CA ALA F 224 -46.88 -0.57 27.68
C ALA F 224 -48.18 -0.43 26.88
N GLU F 225 -48.10 -0.10 25.61
CA GLU F 225 -49.31 -0.11 24.77
C GLU F 225 -50.05 -1.45 24.80
N ILE F 226 -49.32 -2.55 24.53
CA ILE F 226 -49.92 -3.88 24.53
C ILE F 226 -50.51 -4.17 25.92
N VAL F 227 -49.72 -3.97 26.98
CA VAL F 227 -50.22 -4.18 28.36
C VAL F 227 -51.54 -3.36 28.56
N GLY F 228 -51.62 -2.13 28.05
CA GLY F 228 -52.82 -1.31 28.25
C GLY F 228 -54.06 -1.92 27.62
N LEU F 229 -53.84 -2.64 26.51
CA LEU F 229 -54.91 -3.25 25.72
C LEU F 229 -55.33 -4.59 26.28
N LEU F 230 -54.38 -5.45 26.62
CA LEU F 230 -54.70 -6.76 27.14
C LEU F 230 -55.19 -6.67 28.57
N LYS F 231 -54.63 -5.73 29.34
CA LYS F 231 -55.03 -5.47 30.72
C LYS F 231 -54.51 -6.53 31.68
N THR F 232 -54.54 -7.80 31.28
CA THR F 232 -54.18 -8.86 32.19
C THR F 232 -52.83 -9.52 31.95
N GLY F 233 -52.02 -8.97 31.07
CA GLY F 233 -50.69 -9.52 30.82
C GLY F 233 -49.97 -8.64 29.83
N SER F 234 -48.87 -9.13 29.29
CA SER F 234 -48.09 -8.35 28.35
C SER F 234 -47.85 -9.11 27.03
N ALA F 235 -47.19 -8.45 26.08
CA ALA F 235 -46.96 -8.99 24.74
C ALA F 235 -46.33 -10.37 24.79
N PHE F 236 -46.74 -11.26 23.87
CA PHE F 236 -46.03 -12.55 23.78
C PHE F 236 -45.70 -13.05 22.39
N TYR F 237 -46.46 -12.63 21.36
CA TYR F 237 -46.22 -13.08 19.99
C TYR F 237 -44.95 -12.50 19.39
N ALA F 238 -44.82 -11.19 19.46
CA ALA F 238 -43.68 -10.50 18.96
C ALA F 238 -42.41 -10.76 19.81
N PRO F 239 -42.54 -10.81 21.13
CA PRO F 239 -41.34 -11.21 21.90
C PRO F 239 -40.87 -12.61 21.54
N ALA F 240 -41.79 -13.57 21.45
CA ALA F 240 -41.44 -14.94 21.07
C ALA F 240 -40.80 -15.02 19.68
N ALA F 241 -41.43 -14.38 18.70
CA ALA F 241 -40.92 -14.39 17.34
C ALA F 241 -39.53 -13.79 17.26
N SER F 242 -39.31 -12.75 18.04
CA SER F 242 -38.02 -12.09 18.12
C SER F 242 -36.93 -13.04 18.68
N ALA F 243 -37.21 -13.78 19.75
CA ALA F 243 -36.22 -14.73 20.28
C ALA F 243 -35.93 -15.91 19.33
N ILE F 244 -36.97 -16.36 18.61
CA ILE F 244 -36.80 -17.50 17.72
C ILE F 244 -35.88 -17.09 16.58
N GLN F 245 -35.99 -15.86 16.11
CA GLN F 245 -35.12 -15.40 15.03
C GLN F 245 -33.63 -15.46 15.41
N MET F 246 -33.34 -15.02 16.62
CA MET F 246 -31.97 -15.10 17.20
C MET F 246 -31.53 -16.53 17.31
N ALA F 247 -32.44 -17.41 17.74
CA ALA F 247 -32.10 -18.80 17.92
C ALA F 247 -31.77 -19.43 16.56
N GLU F 248 -32.49 -18.99 15.53
CA GLU F 248 -32.32 -19.55 14.17
C GLU F 248 -31.04 -19.10 13.56
N SER F 249 -30.70 -17.81 13.70
CA SER F 249 -29.40 -17.31 13.23
C SER F 249 -28.25 -18.14 13.83
N TYR F 250 -28.39 -18.51 15.10
CA TYR F 250 -27.43 -19.40 15.77
C TYR F 250 -27.45 -20.76 15.13
N LEU F 251 -28.63 -21.39 15.10
CA LEU F 251 -28.80 -22.77 14.65
C LEU F 251 -28.45 -23.00 13.18
N LYS F 252 -28.58 -21.97 12.35
CA LYS F 252 -28.33 -22.08 10.91
C LYS F 252 -27.05 -21.38 10.51
N ASP F 253 -26.40 -20.76 11.48
CA ASP F 253 -25.16 -20.02 11.24
C ASP F 253 -25.37 -18.97 10.16
N LYS F 254 -26.44 -18.18 10.33
CA LYS F 254 -26.83 -17.17 9.33
C LYS F 254 -25.96 -15.95 9.26
N LYS F 255 -25.39 -15.53 10.38
CA LYS F 255 -24.68 -14.25 10.47
C LYS F 255 -25.68 -13.08 10.24
N ARG F 256 -26.86 -13.19 10.82
CA ARG F 256 -27.79 -12.08 10.78
C ARG F 256 -27.19 -11.03 11.65
N VAL F 257 -27.38 -9.75 11.26
CA VAL F 257 -27.12 -8.61 12.14
C VAL F 257 -28.34 -8.38 13.01
N LEU F 258 -28.22 -8.63 14.32
CA LEU F 258 -29.35 -8.46 15.25
C LEU F 258 -28.96 -7.60 16.45
N PRO F 259 -29.86 -6.69 16.88
CA PRO F 259 -29.63 -5.96 18.14
C PRO F 259 -30.01 -6.84 19.28
N VAL F 260 -29.04 -7.11 20.17
CA VAL F 260 -29.28 -7.96 21.32
C VAL F 260 -28.49 -7.44 22.52
N ALA F 261 -28.86 -7.89 23.70
CA ALA F 261 -28.19 -7.49 24.89
C ALA F 261 -26.98 -8.41 24.96
N ALA F 262 -25.79 -7.80 24.83
CA ALA F 262 -24.54 -8.59 24.81
C ALA F 262 -23.51 -8.02 25.80
N GLN F 263 -22.69 -8.89 26.37
CA GLN F 263 -21.56 -8.42 27.19
C GLN F 263 -20.63 -7.54 26.39
N LEU F 264 -20.45 -6.31 26.82
CA LEU F 264 -19.41 -5.48 26.18
C LEU F 264 -18.09 -5.65 26.93
N SER F 265 -17.00 -5.41 26.23
CA SER F 265 -15.73 -5.36 26.89
C SER F 265 -14.91 -4.36 26.12
N GLY F 266 -15.37 -3.13 26.11
CA GLY F 266 -14.60 -2.04 25.56
C GLY F 266 -15.40 -1.20 24.62
N GLN F 267 -16.26 -1.86 23.85
CA GLN F 267 -17.06 -1.23 22.82
C GLN F 267 -17.95 -0.20 23.48
N TYR F 268 -18.16 0.93 22.81
CA TYR F 268 -18.99 1.98 23.37
C TYR F 268 -18.51 2.50 24.73
N GLY F 269 -17.30 2.08 25.12
CA GLY F 269 -16.67 2.55 26.33
C GLY F 269 -17.24 1.89 27.54
N VAL F 270 -17.76 0.66 27.39
CA VAL F 270 -18.35 -0.08 28.50
C VAL F 270 -17.68 -1.44 28.65
N LYS F 271 -17.48 -1.90 29.90
CA LYS F 271 -16.94 -3.22 30.19
C LYS F 271 -17.78 -3.98 31.18
N ASP F 272 -17.74 -5.30 31.06
CA ASP F 272 -18.31 -6.22 32.07
C ASP F 272 -19.77 -5.96 32.36
N MET F 273 -20.54 -5.68 31.30
CA MET F 273 -21.95 -5.32 31.43
C MET F 273 -22.66 -5.65 30.12
N TYR F 274 -23.90 -6.12 30.22
CA TYR F 274 -24.78 -6.34 29.08
C TYR F 274 -25.47 -5.04 28.64
N VAL F 275 -25.39 -4.75 27.35
CA VAL F 275 -26.02 -3.57 26.77
C VAL F 275 -26.53 -4.02 25.42
N GLY F 276 -27.67 -3.48 24.99
CA GLY F 276 -28.21 -3.77 23.67
C GLY F 276 -27.44 -3.11 22.59
N VAL F 277 -26.87 -3.90 21.68
CA VAL F 277 -26.02 -3.38 20.62
C VAL F 277 -26.25 -4.23 19.40
N PRO F 278 -25.88 -3.74 18.21
CA PRO F 278 -25.85 -4.58 17.01
C PRO F 278 -24.78 -5.66 17.07
N THR F 279 -25.17 -6.89 16.74
CA THR F 279 -24.24 -8.01 16.77
C THR F 279 -24.43 -8.87 15.53
N VAL F 280 -23.43 -9.70 15.23
CA VAL F 280 -23.59 -10.74 14.20
C VAL F 280 -23.72 -12.02 14.95
N ILE F 281 -24.82 -12.74 14.74
CA ILE F 281 -25.11 -13.98 15.44
C ILE F 281 -24.89 -15.13 14.47
N GLY F 282 -24.06 -16.08 14.86
CA GLY F 282 -23.76 -17.23 14.03
C GLY F 282 -23.62 -18.45 14.92
N ALA F 283 -23.04 -19.52 14.41
CA ALA F 283 -22.95 -20.78 15.14
C ALA F 283 -22.06 -20.68 16.37
N ASN F 284 -21.28 -19.60 16.47
CA ASN F 284 -20.55 -19.31 17.69
C ASN F 284 -21.12 -18.26 18.60
N GLY F 285 -22.38 -17.89 18.38
CA GLY F 285 -23.07 -16.99 19.27
C GLY F 285 -22.83 -15.58 18.84
N VAL F 286 -22.50 -14.71 19.78
CA VAL F 286 -22.10 -13.39 19.42
C VAL F 286 -20.69 -13.46 18.79
N GLU F 287 -20.63 -13.38 17.47
CA GLU F 287 -19.41 -13.54 16.74
C GLU F 287 -18.73 -12.22 16.58
N ARG F 288 -19.53 -11.17 16.67
CA ARG F 288 -19.02 -9.82 16.51
C ARG F 288 -20.01 -8.81 17.09
N ILE F 289 -19.47 -7.76 17.71
CA ILE F 289 -20.26 -6.64 18.20
C ILE F 289 -19.94 -5.47 17.32
N ILE F 290 -20.94 -4.89 16.66
CA ILE F 290 -20.68 -3.83 15.66
C ILE F 290 -20.60 -2.53 16.38
N GLU F 291 -19.76 -1.61 15.89
CA GLU F 291 -19.57 -0.36 16.59
C GLU F 291 -19.66 0.80 15.60
N ILE F 292 -20.56 1.73 15.89
CA ILE F 292 -20.82 2.87 15.02
C ILE F 292 -20.67 4.07 15.93
N ASP F 293 -20.41 5.24 15.36
CA ASP F 293 -20.26 6.44 16.19
C ASP F 293 -21.64 7.00 16.55
N LEU F 294 -21.78 7.49 17.78
CA LEU F 294 -22.97 8.18 18.30
C LEU F 294 -22.73 9.63 18.58
N ASP F 295 -23.61 10.52 18.10
CA ASP F 295 -23.54 11.93 18.47
C ASP F 295 -23.83 12.16 19.96
N LYS F 296 -23.63 13.41 20.39
CA LYS F 296 -23.73 13.82 21.81
C LYS F 296 -25.01 13.37 22.47
N ASP F 297 -26.12 13.59 21.78
CA ASP F 297 -27.46 13.29 22.29
C ASP F 297 -27.67 11.78 22.35
N GLU F 298 -27.43 11.10 21.20
CA GLU F 298 -27.44 9.61 21.15
C GLU F 298 -26.58 9.04 22.31
N LYS F 299 -25.36 9.55 22.48
CA LYS F 299 -24.44 8.98 23.52
C LYS F 299 -24.93 9.31 24.94
N ALA F 300 -25.54 10.48 25.06
CA ALA F 300 -26.18 10.92 26.30
C ALA F 300 -27.27 9.92 26.70
N GLN F 301 -28.11 9.53 25.73
CA GLN F 301 -29.13 8.48 25.96
C GLN F 301 -28.48 7.13 26.33
N PHE F 302 -27.46 6.75 25.56
CA PHE F 302 -26.74 5.49 25.78
C PHE F 302 -26.20 5.44 27.22
N ASP F 303 -25.50 6.50 27.59
CA ASP F 303 -24.89 6.60 28.92
C ASP F 303 -25.90 6.48 30.06
N LYS F 304 -27.03 7.17 29.92
CA LYS F 304 -28.11 7.15 30.92
C LYS F 304 -28.62 5.72 31.20
N SER F 305 -28.92 5.00 30.10
CA SER F 305 -29.33 3.61 30.18
C SER F 305 -28.24 2.77 30.87
N VAL F 306 -27.02 2.84 30.33
CA VAL F 306 -25.88 2.16 30.94
C VAL F 306 -25.79 2.41 32.44
N ALA F 307 -25.97 3.66 32.86
CA ALA F 307 -25.94 3.98 34.31
C ALA F 307 -27.09 3.33 35.11
N SER F 308 -28.29 3.44 34.57
CA SER F 308 -29.50 2.81 35.15
C SER F 308 -29.29 1.30 35.34
N VAL F 309 -28.65 0.64 34.35
CA VAL F 309 -28.36 -0.80 34.47
C VAL F 309 -27.19 -1.09 35.41
N ALA F 310 -26.17 -0.23 35.38
CA ALA F 310 -25.14 -0.21 36.46
C ALA F 310 -25.79 -0.27 37.86
N GLY F 311 -26.75 0.61 38.08
CA GLY F 311 -27.50 0.65 39.34
C GLY F 311 -28.24 -0.64 39.64
N LEU F 312 -28.94 -1.17 38.62
CA LEU F 312 -29.65 -2.46 38.80
C LEU F 312 -28.65 -3.54 39.19
N CYS F 313 -27.49 -3.51 38.54
CA CYS F 313 -26.46 -4.54 38.77
C CYS F 313 -25.88 -4.46 40.19
N GLU F 314 -25.62 -3.23 40.64
CA GLU F 314 -25.20 -3.02 42.03
C GLU F 314 -26.23 -3.62 43.00
N ALA F 315 -27.52 -3.34 42.79
CA ALA F 315 -28.51 -3.88 43.70
C ALA F 315 -28.39 -5.40 43.75
N CYS F 316 -28.34 -6.06 42.58
CA CYS F 316 -28.24 -7.53 42.51
C CYS F 316 -27.03 -8.05 43.31
N ILE F 317 -25.91 -7.33 43.24
CA ILE F 317 -24.73 -7.69 44.07
C ILE F 317 -25.04 -7.62 45.58
N GLY F 318 -25.84 -6.63 45.99
CA GLY F 318 -26.40 -6.60 47.36
C GLY F 318 -27.17 -7.88 47.72
N ILE F 319 -28.09 -8.28 46.83
CA ILE F 319 -28.96 -9.45 47.09
C ILE F 319 -28.21 -10.78 47.03
N ALA F 320 -27.30 -10.89 46.06
CA ALA F 320 -26.51 -12.10 45.84
C ALA F 320 -25.04 -11.72 45.65
N PRO F 321 -24.29 -11.61 46.76
CA PRO F 321 -22.90 -11.11 46.73
C PRO F 321 -21.94 -11.93 45.85
N SER F 322 -22.27 -13.18 45.57
CA SER F 322 -21.45 -14.04 44.69
C SER F 322 -21.23 -13.47 43.28
N LEU F 323 -21.95 -12.39 42.97
CA LEU F 323 -21.87 -11.71 41.67
C LEU F 323 -20.81 -10.60 41.61
N LYS F 324 -20.24 -10.18 42.75
CA LYS F 324 -19.28 -9.05 42.78
C LYS F 324 -18.26 -9.15 41.64
#